data_7D2A
# 
_entry.id   7D2A 
# 
_audit_conform.dict_name       mmcif_pdbx.dic 
_audit_conform.dict_version    5.380 
_audit_conform.dict_location   http://mmcif.pdb.org/dictionaries/ascii/mmcif_pdbx.dic 
# 
loop_
_database_2.database_id 
_database_2.database_code 
_database_2.pdbx_database_accession 
_database_2.pdbx_DOI 
PDB   7D2A         pdb_00007d2a 10.2210/pdb7d2a/pdb 
WWPDB D_1300018632 ?            ?                   
# 
_pdbx_database_status.status_code                     REL 
_pdbx_database_status.status_code_sf                  REL 
_pdbx_database_status.status_code_mr                  ? 
_pdbx_database_status.entry_id                        7D2A 
_pdbx_database_status.recvd_initial_deposition_date   2020-09-16 
_pdbx_database_status.SG_entry                        N 
_pdbx_database_status.deposit_site                    PDBJ 
_pdbx_database_status.process_site                    PDBJ 
_pdbx_database_status.status_code_cs                  ? 
_pdbx_database_status.status_code_nmr_data            ? 
_pdbx_database_status.methods_development_category    ? 
_pdbx_database_status.pdb_format_compatible           Y 
# 
loop_
_audit_author.name 
_audit_author.pdbx_ordinal 
_audit_author.identifier_ORCID 
'Teh, A.H.' 1 ? 
'Sim, P.F.' 2 ? 
# 
_citation.abstract                  ? 
_citation.abstract_id_CAS           ? 
_citation.book_id_ISBN              ? 
_citation.book_publisher            ? 
_citation.book_publisher_city       ? 
_citation.book_title                ? 
_citation.coordinate_linkage        ? 
_citation.country                   US 
_citation.database_id_Medline       ? 
_citation.details                   ? 
_citation.id                        primary 
_citation.journal_abbrev            Biochem.Biophys.Res.Commun. 
_citation.journal_id_ASTM           BBRCA9 
_citation.journal_id_CSD            0146 
_citation.journal_id_ISSN           1090-2104 
_citation.journal_full              ? 
_citation.journal_issue             ? 
_citation.journal_volume            533 
_citation.language                  ? 
_citation.page_first                257 
_citation.page_last                 261 
_citation.title                     'Structural basis for binding uronic acids by family 32 carbohydrate-binding modules.' 
_citation.year                      2020 
_citation.database_id_CSD           ? 
_citation.pdbx_database_id_DOI      10.1016/j.bbrc.2020.09.064 
_citation.pdbx_database_id_PubMed   33010888 
_citation.unpublished_flag          ? 
# 
loop_
_citation_author.citation_id 
_citation_author.name 
_citation_author.ordinal 
_citation_author.identifier_ORCID 
primary 'Teh, A.H.'  1 ? 
primary 'Sim, P.F.'  2 ? 
primary 'Hisano, T.' 3 ? 
# 
_cell.angle_alpha                  90.000 
_cell.angle_alpha_esd              ? 
_cell.angle_beta                   90.000 
_cell.angle_beta_esd               ? 
_cell.angle_gamma                  90.000 
_cell.angle_gamma_esd              ? 
_cell.entry_id                     7D2A 
_cell.details                      ? 
_cell.formula_units_Z              ? 
_cell.length_a                     43.608 
_cell.length_a_esd                 ? 
_cell.length_b                     55.773 
_cell.length_b_esd                 ? 
_cell.length_c                     58.427 
_cell.length_c_esd                 ? 
_cell.volume                       ? 
_cell.volume_esd                   ? 
_cell.Z_PDB                        4 
_cell.reciprocal_angle_alpha       ? 
_cell.reciprocal_angle_beta        ? 
_cell.reciprocal_angle_gamma       ? 
_cell.reciprocal_angle_alpha_esd   ? 
_cell.reciprocal_angle_beta_esd    ? 
_cell.reciprocal_angle_gamma_esd   ? 
_cell.reciprocal_length_a          ? 
_cell.reciprocal_length_b          ? 
_cell.reciprocal_length_c          ? 
_cell.reciprocal_length_a_esd      ? 
_cell.reciprocal_length_b_esd      ? 
_cell.reciprocal_length_c_esd      ? 
_cell.pdbx_unique_axis             ? 
# 
_symmetry.entry_id                         7D2A 
_symmetry.cell_setting                     ? 
_symmetry.Int_Tables_number                19 
_symmetry.space_group_name_Hall            ? 
_symmetry.space_group_name_H-M             'P 21 21 21' 
_symmetry.pdbx_full_space_group_name_H-M   ? 
# 
loop_
_entity.id 
_entity.type 
_entity.src_method 
_entity.pdbx_description 
_entity.formula_weight 
_entity.pdbx_number_of_molecules 
_entity.pdbx_ec 
_entity.pdbx_mutation 
_entity.pdbx_fragment 
_entity.details 
1 polymer     man AlyQ                                                                                   16095.180 1   ? ? CBM32 ? 
2 branched    man '4-deoxy-alpha-L-erythro-hex-4-enopyranuronic acid-(1-4)-alpha-L-gulopyranuronic acid' 352.248   1   ? ? ?     ? 
3 non-polymer syn 'CALCIUM ION'                                                                          40.078    1   ? ? ?     ? 
4 non-polymer syn 'TETRAETHYLENE GLYCOL'                                                                 194.226   1   ? ? ?     ? 
5 non-polymer syn 'SODIUM ION'                                                                           22.990    1   ? ? ?     ? 
6 water       nat water                                                                                  18.015    160 ? ? ?     ? 
# 
_entity_poly.entity_id                      1 
_entity_poly.type                           'polypeptide(L)' 
_entity_poly.nstd_linkage                   no 
_entity_poly.nstd_monomer                   no 
_entity_poly.pdbx_seq_one_letter_code       
;MNHKVHMQYDIVAVTASAHDGNLPENTIDGNLSTRWSANGSGQYITFDLGSAKTVNQVKAAWYNGDSRTSGFSISLGSDP
ASLTEVYSGTSSGQTNALESYSFTATTARYIRITGFGNSSNTWNSITEVAIFHAGEEGDGNEEHHHHHH
;
_entity_poly.pdbx_seq_one_letter_code_can   
;MNHKVHMQYDIVAVTASAHDGNLPENTIDGNLSTRWSANGSGQYITFDLGSAKTVNQVKAAWYNGDSRTSGFSISLGSDP
ASLTEVYSGTSSGQTNALESYSFTATTARYIRITGFGNSSNTWNSITEVAIFHAGEEGDGNEEHHHHHH
;
_entity_poly.pdbx_strand_id                 A 
_entity_poly.pdbx_target_identifier         ? 
# 
loop_
_entity_poly_seq.entity_id 
_entity_poly_seq.num 
_entity_poly_seq.mon_id 
_entity_poly_seq.hetero 
1 1   MET n 
1 2   ASN n 
1 3   HIS n 
1 4   LYS n 
1 5   VAL n 
1 6   HIS n 
1 7   MET n 
1 8   GLN n 
1 9   TYR n 
1 10  ASP n 
1 11  ILE n 
1 12  VAL n 
1 13  ALA n 
1 14  VAL n 
1 15  THR n 
1 16  ALA n 
1 17  SER n 
1 18  ALA n 
1 19  HIS n 
1 20  ASP n 
1 21  GLY n 
1 22  ASN n 
1 23  LEU n 
1 24  PRO n 
1 25  GLU n 
1 26  ASN n 
1 27  THR n 
1 28  ILE n 
1 29  ASP n 
1 30  GLY n 
1 31  ASN n 
1 32  LEU n 
1 33  SER n 
1 34  THR n 
1 35  ARG n 
1 36  TRP n 
1 37  SER n 
1 38  ALA n 
1 39  ASN n 
1 40  GLY n 
1 41  SER n 
1 42  GLY n 
1 43  GLN n 
1 44  TYR n 
1 45  ILE n 
1 46  THR n 
1 47  PHE n 
1 48  ASP n 
1 49  LEU n 
1 50  GLY n 
1 51  SER n 
1 52  ALA n 
1 53  LYS n 
1 54  THR n 
1 55  VAL n 
1 56  ASN n 
1 57  GLN n 
1 58  VAL n 
1 59  LYS n 
1 60  ALA n 
1 61  ALA n 
1 62  TRP n 
1 63  TYR n 
1 64  ASN n 
1 65  GLY n 
1 66  ASP n 
1 67  SER n 
1 68  ARG n 
1 69  THR n 
1 70  SER n 
1 71  GLY n 
1 72  PHE n 
1 73  SER n 
1 74  ILE n 
1 75  SER n 
1 76  LEU n 
1 77  GLY n 
1 78  SER n 
1 79  ASP n 
1 80  PRO n 
1 81  ALA n 
1 82  SER n 
1 83  LEU n 
1 84  THR n 
1 85  GLU n 
1 86  VAL n 
1 87  TYR n 
1 88  SER n 
1 89  GLY n 
1 90  THR n 
1 91  SER n 
1 92  SER n 
1 93  GLY n 
1 94  GLN n 
1 95  THR n 
1 96  ASN n 
1 97  ALA n 
1 98  LEU n 
1 99  GLU n 
1 100 SER n 
1 101 TYR n 
1 102 SER n 
1 103 PHE n 
1 104 THR n 
1 105 ALA n 
1 106 THR n 
1 107 THR n 
1 108 ALA n 
1 109 ARG n 
1 110 TYR n 
1 111 ILE n 
1 112 ARG n 
1 113 ILE n 
1 114 THR n 
1 115 GLY n 
1 116 PHE n 
1 117 GLY n 
1 118 ASN n 
1 119 SER n 
1 120 SER n 
1 121 ASN n 
1 122 THR n 
1 123 TRP n 
1 124 ASN n 
1 125 SER n 
1 126 ILE n 
1 127 THR n 
1 128 GLU n 
1 129 VAL n 
1 130 ALA n 
1 131 ILE n 
1 132 PHE n 
1 133 HIS n 
1 134 ALA n 
1 135 GLY n 
1 136 GLU n 
1 137 GLU n 
1 138 GLY n 
1 139 ASP n 
1 140 GLY n 
1 141 ASN n 
1 142 GLU n 
1 143 GLU n 
1 144 HIS n 
1 145 HIS n 
1 146 HIS n 
1 147 HIS n 
1 148 HIS n 
1 149 HIS n 
# 
_entity_src_gen.entity_id                          1 
_entity_src_gen.pdbx_src_id                        1 
_entity_src_gen.pdbx_alt_source_flag               sample 
_entity_src_gen.pdbx_seq_type                      'Biological sequence' 
_entity_src_gen.pdbx_beg_seq_num                   1 
_entity_src_gen.pdbx_end_seq_num                   149 
_entity_src_gen.gene_src_common_name               ? 
_entity_src_gen.gene_src_genus                     ? 
_entity_src_gen.pdbx_gene_src_gene                 ? 
_entity_src_gen.gene_src_species                   ? 
_entity_src_gen.gene_src_strain                    ? 
_entity_src_gen.gene_src_tissue                    ? 
_entity_src_gen.gene_src_tissue_fraction           ? 
_entity_src_gen.gene_src_details                   ? 
_entity_src_gen.pdbx_gene_src_fragment             ? 
_entity_src_gen.pdbx_gene_src_scientific_name      'Persicobacter sp. CCB-QB2' 
_entity_src_gen.pdbx_gene_src_ncbi_taxonomy_id     1561025 
_entity_src_gen.pdbx_gene_src_variant              ? 
_entity_src_gen.pdbx_gene_src_cell_line            ? 
_entity_src_gen.pdbx_gene_src_atcc                 ? 
_entity_src_gen.pdbx_gene_src_organ                ? 
_entity_src_gen.pdbx_gene_src_organelle            ? 
_entity_src_gen.pdbx_gene_src_cell                 ? 
_entity_src_gen.pdbx_gene_src_cellular_location    ? 
_entity_src_gen.host_org_common_name               ? 
_entity_src_gen.pdbx_host_org_scientific_name      'Escherichia coli BL21(DE3)' 
_entity_src_gen.pdbx_host_org_ncbi_taxonomy_id     469008 
_entity_src_gen.host_org_genus                     ? 
_entity_src_gen.pdbx_host_org_gene                 ? 
_entity_src_gen.pdbx_host_org_organ                ? 
_entity_src_gen.host_org_species                   ? 
_entity_src_gen.pdbx_host_org_tissue               ? 
_entity_src_gen.pdbx_host_org_tissue_fraction      ? 
_entity_src_gen.pdbx_host_org_strain               ? 
_entity_src_gen.pdbx_host_org_variant              ? 
_entity_src_gen.pdbx_host_org_cell_line            ? 
_entity_src_gen.pdbx_host_org_atcc                 ? 
_entity_src_gen.pdbx_host_org_culture_collection   ? 
_entity_src_gen.pdbx_host_org_cell                 ? 
_entity_src_gen.pdbx_host_org_organelle            ? 
_entity_src_gen.pdbx_host_org_cellular_location    ? 
_entity_src_gen.pdbx_host_org_vector_type          ? 
_entity_src_gen.pdbx_host_org_vector               ? 
_entity_src_gen.host_org_details                   ? 
_entity_src_gen.expression_system_id               ? 
_entity_src_gen.plasmid_name                       ? 
_entity_src_gen.plasmid_details                    ? 
_entity_src_gen.pdbx_description                   ? 
# 
_struct_ref.id                         1 
_struct_ref.db_name                    UNP 
_struct_ref.db_code                    A0A3B6UEP6_9BACT 
_struct_ref.pdbx_db_accession          A0A3B6UEP6 
_struct_ref.pdbx_db_isoform            ? 
_struct_ref.entity_id                  1 
_struct_ref.pdbx_seq_one_letter_code   
;MNHKVHMQYDIVAVTASAHDGNLPENTIDGNLSTRWSANGSGQYITFDLGSAKTVNQVKAAWYNGDSRTSGFSISLGSDP
ASLTEVYSGTSSGQTNALESYSFTATTARYIRITGFGNSSNTWNSITEVAIFHAGEEGDGNEE
;
_struct_ref.pdbx_align_begin           1 
# 
_struct_ref_seq.align_id                      1 
_struct_ref_seq.ref_id                        1 
_struct_ref_seq.pdbx_PDB_id_code              7D2A 
_struct_ref_seq.pdbx_strand_id                A 
_struct_ref_seq.seq_align_beg                 1 
_struct_ref_seq.pdbx_seq_align_beg_ins_code   ? 
_struct_ref_seq.seq_align_end                 143 
_struct_ref_seq.pdbx_seq_align_end_ins_code   ? 
_struct_ref_seq.pdbx_db_accession             A0A3B6UEP6 
_struct_ref_seq.db_align_beg                  1 
_struct_ref_seq.pdbx_db_align_beg_ins_code    ? 
_struct_ref_seq.db_align_end                  143 
_struct_ref_seq.pdbx_db_align_end_ins_code    ? 
_struct_ref_seq.pdbx_auth_seq_align_beg       -7 
_struct_ref_seq.pdbx_auth_seq_align_end       323 
# 
loop_
_struct_ref_seq_dif.align_id 
_struct_ref_seq_dif.pdbx_pdb_id_code 
_struct_ref_seq_dif.mon_id 
_struct_ref_seq_dif.pdbx_pdb_strand_id 
_struct_ref_seq_dif.seq_num 
_struct_ref_seq_dif.pdbx_pdb_ins_code 
_struct_ref_seq_dif.pdbx_seq_db_name 
_struct_ref_seq_dif.pdbx_seq_db_accession_code 
_struct_ref_seq_dif.db_mon_id 
_struct_ref_seq_dif.pdbx_seq_db_seq_num 
_struct_ref_seq_dif.details 
_struct_ref_seq_dif.pdbx_auth_seq_num 
_struct_ref_seq_dif.pdbx_ordinal 
1 7D2A HIS A 144 ? UNP A0A3B6UEP6 ? ? 'expression tag' 324 1 
1 7D2A HIS A 145 ? UNP A0A3B6UEP6 ? ? 'expression tag' 325 2 
1 7D2A HIS A 146 ? UNP A0A3B6UEP6 ? ? 'expression tag' 326 3 
1 7D2A HIS A 147 ? UNP A0A3B6UEP6 ? ? 'expression tag' 327 4 
1 7D2A HIS A 148 ? UNP A0A3B6UEP6 ? ? 'expression tag' 328 5 
1 7D2A HIS A 149 ? UNP A0A3B6UEP6 ? ? 'expression tag' 329 6 
# 
loop_
_chem_comp.id 
_chem_comp.type 
_chem_comp.mon_nstd_flag 
_chem_comp.name 
_chem_comp.pdbx_synonyms 
_chem_comp.formula 
_chem_comp.formula_weight 
ALA 'L-peptide linking'           y ALANINE                                             ? 'C3 H7 N O2'     89.093  
ARG 'L-peptide linking'           y ARGININE                                            ? 'C6 H15 N4 O2 1' 175.209 
ASN 'L-peptide linking'           y ASPARAGINE                                          ? 'C4 H8 N2 O3'    132.118 
ASP 'L-peptide linking'           y 'ASPARTIC ACID'                                     ? 'C4 H7 N O4'     133.103 
CA  non-polymer                   . 'CALCIUM ION'                                       ? 'Ca 2'           40.078  
GLN 'L-peptide linking'           y GLUTAMINE                                           ? 'C5 H10 N2 O3'   146.144 
GLU 'L-peptide linking'           y 'GLUTAMIC ACID'                                     ? 'C5 H9 N O4'     147.129 
GLY 'peptide linking'             y GLYCINE                                             ? 'C2 H5 N O2'     75.067  
HIS 'L-peptide linking'           y HISTIDINE                                           ? 'C6 H10 N3 O2 1' 156.162 
HOH non-polymer                   . WATER                                               ? 'H2 O'           18.015  
ILE 'L-peptide linking'           y ISOLEUCINE                                          ? 'C6 H13 N O2'    131.173 
LEU 'L-peptide linking'           y LEUCINE                                             ? 'C6 H13 N O2'    131.173 
LGU 'L-saccharide, alpha linking' . 'alpha-L-gulopyranuronic acid'                      
'alpha-L-guluronic acid; L-guluronic acid; guluronic acid; ALPHA-L-GULURONATE'                                            
'C6 H10 O7'      194.139 
LYS 'L-peptide linking'           y LYSINE                                              ? 'C6 H15 N2 O2 1' 147.195 
MAW 'L-saccharide, alpha linking' . '4-deoxy-alpha-L-erythro-hex-4-enopyranuronic acid' 
'4-deoxy-alpha-L-erythro-hex-4-enuronic acid; 4-deoxy-L-erythro-hex-4-enuronic acid; 4-deoxy-erythro-hex-4-enuronic acid' 
'C6 H8 O6'       176.124 
MET 'L-peptide linking'           y METHIONINE                                          ? 'C5 H11 N O2 S'  149.211 
NA  non-polymer                   . 'SODIUM ION'                                        ? 'Na 1'           22.990  
PG4 non-polymer                   . 'TETRAETHYLENE GLYCOL'                              ? 'C8 H18 O5'      194.226 
PHE 'L-peptide linking'           y PHENYLALANINE                                       ? 'C9 H11 N O2'    165.189 
PRO 'L-peptide linking'           y PROLINE                                             ? 'C5 H9 N O2'     115.130 
SER 'L-peptide linking'           y SERINE                                              ? 'C3 H7 N O3'     105.093 
THR 'L-peptide linking'           y THREONINE                                           ? 'C4 H9 N O3'     119.119 
TRP 'L-peptide linking'           y TRYPTOPHAN                                          ? 'C11 H12 N2 O2'  204.225 
TYR 'L-peptide linking'           y TYROSINE                                            ? 'C9 H11 N O3'    181.189 
VAL 'L-peptide linking'           y VALINE                                              ? 'C5 H11 N O2'    117.146 
# 
_exptl.absorpt_coefficient_mu     ? 
_exptl.absorpt_correction_T_max   ? 
_exptl.absorpt_correction_T_min   ? 
_exptl.absorpt_correction_type    ? 
_exptl.absorpt_process_details    ? 
_exptl.entry_id                   7D2A 
_exptl.crystals_number            1 
_exptl.details                    ? 
_exptl.method                     'X-RAY DIFFRACTION' 
_exptl.method_details             ? 
# 
_exptl_crystal.colour                      ? 
_exptl_crystal.density_diffrn              ? 
_exptl_crystal.density_Matthews            2.21 
_exptl_crystal.density_method              ? 
_exptl_crystal.density_percent_sol         44.27 
_exptl_crystal.description                 ? 
_exptl_crystal.F_000                       ? 
_exptl_crystal.id                          1 
_exptl_crystal.preparation                 ? 
_exptl_crystal.size_max                    ? 
_exptl_crystal.size_mid                    ? 
_exptl_crystal.size_min                    ? 
_exptl_crystal.size_rad                    ? 
_exptl_crystal.colour_lustre               ? 
_exptl_crystal.colour_modifier             ? 
_exptl_crystal.colour_primary              ? 
_exptl_crystal.density_meas                ? 
_exptl_crystal.density_meas_esd            ? 
_exptl_crystal.density_meas_gt             ? 
_exptl_crystal.density_meas_lt             ? 
_exptl_crystal.density_meas_temp           ? 
_exptl_crystal.density_meas_temp_esd       ? 
_exptl_crystal.density_meas_temp_gt        ? 
_exptl_crystal.density_meas_temp_lt        ? 
_exptl_crystal.pdbx_crystal_image_url      ? 
_exptl_crystal.pdbx_crystal_image_format   ? 
_exptl_crystal.pdbx_mosaicity              ? 
_exptl_crystal.pdbx_mosaicity_esd          ? 
# 
_exptl_crystal_grow.apparatus       ? 
_exptl_crystal_grow.atmosphere      ? 
_exptl_crystal_grow.crystal_id      1 
_exptl_crystal_grow.details         ? 
_exptl_crystal_grow.method          'VAPOR DIFFUSION, SITTING DROP' 
_exptl_crystal_grow.method_ref      ? 
_exptl_crystal_grow.pH              7.5 
_exptl_crystal_grow.pressure        ? 
_exptl_crystal_grow.pressure_esd    ? 
_exptl_crystal_grow.seeding         ? 
_exptl_crystal_grow.seeding_ref     ? 
_exptl_crystal_grow.temp            293 
_exptl_crystal_grow.temp_details    ? 
_exptl_crystal_grow.temp_esd        ? 
_exptl_crystal_grow.time            ? 
_exptl_crystal_grow.pdbx_details    
'0.1M sodium HEPES, 2% PEG 400, 2.0M ammonium sulphate, 10mg/ml enzymatically degraded sodium alginate' 
_exptl_crystal_grow.pdbx_pH_range   ? 
# 
_diffrn.ambient_environment              ? 
_diffrn.ambient_temp                     100 
_diffrn.ambient_temp_details             ? 
_diffrn.ambient_temp_esd                 ? 
_diffrn.crystal_id                       1 
_diffrn.crystal_support                  ? 
_diffrn.crystal_treatment                ? 
_diffrn.details                          ? 
_diffrn.id                               1 
_diffrn.ambient_pressure                 ? 
_diffrn.ambient_pressure_esd             ? 
_diffrn.ambient_pressure_gt              ? 
_diffrn.ambient_pressure_lt              ? 
_diffrn.ambient_temp_gt                  ? 
_diffrn.ambient_temp_lt                  ? 
_diffrn.pdbx_serial_crystal_experiment   N 
# 
_diffrn_detector.details                      ? 
_diffrn_detector.detector                     'IMAGE PLATE' 
_diffrn_detector.diffrn_id                    1 
_diffrn_detector.type                         'RIGAKU RAXIS IV++' 
_diffrn_detector.area_resol_mean              ? 
_diffrn_detector.dtime                        ? 
_diffrn_detector.pdbx_frames_total            ? 
_diffrn_detector.pdbx_collection_time_total   ? 
_diffrn_detector.pdbx_collection_date         2017-05-30 
_diffrn_detector.pdbx_frequency               ? 
# 
_diffrn_radiation.collimation                      ? 
_diffrn_radiation.diffrn_id                        1 
_diffrn_radiation.filter_edge                      ? 
_diffrn_radiation.inhomogeneity                    ? 
_diffrn_radiation.monochromator                    ? 
_diffrn_radiation.polarisn_norm                    ? 
_diffrn_radiation.polarisn_ratio                   ? 
_diffrn_radiation.probe                            ? 
_diffrn_radiation.type                             ? 
_diffrn_radiation.xray_symbol                      ? 
_diffrn_radiation.wavelength_id                    1 
_diffrn_radiation.pdbx_monochromatic_or_laue_m_l   M 
_diffrn_radiation.pdbx_wavelength_list             ? 
_diffrn_radiation.pdbx_wavelength                  ? 
_diffrn_radiation.pdbx_diffrn_protocol             'SINGLE WAVELENGTH' 
_diffrn_radiation.pdbx_analyzer                    ? 
_diffrn_radiation.pdbx_scattering_type             x-ray 
# 
_diffrn_radiation_wavelength.id           1 
_diffrn_radiation_wavelength.wavelength   1.54 
_diffrn_radiation_wavelength.wt           1.0 
# 
_diffrn_source.current                     ? 
_diffrn_source.details                     ? 
_diffrn_source.diffrn_id                   1 
_diffrn_source.power                       ? 
_diffrn_source.size                        ? 
_diffrn_source.source                      'ROTATING ANODE' 
_diffrn_source.target                      ? 
_diffrn_source.type                        'RIGAKU MICROMAX-007 HF' 
_diffrn_source.voltage                     ? 
_diffrn_source.take-off_angle              ? 
_diffrn_source.pdbx_wavelength_list        1.54 
_diffrn_source.pdbx_wavelength             ? 
_diffrn_source.pdbx_synchrotron_beamline   ? 
_diffrn_source.pdbx_synchrotron_site       ? 
# 
_reflns.B_iso_Wilson_estimate            ? 
_reflns.entry_id                         7D2A 
_reflns.data_reduction_details           ? 
_reflns.data_reduction_method            ? 
_reflns.d_resolution_high                1.57 
_reflns.d_resolution_low                 40.34 
_reflns.details                          ? 
_reflns.limit_h_max                      ? 
_reflns.limit_h_min                      ? 
_reflns.limit_k_max                      ? 
_reflns.limit_k_min                      ? 
_reflns.limit_l_max                      ? 
_reflns.limit_l_min                      ? 
_reflns.number_all                       ? 
_reflns.number_obs                       18779 
_reflns.observed_criterion               ? 
_reflns.observed_criterion_F_max         ? 
_reflns.observed_criterion_F_min         ? 
_reflns.observed_criterion_I_max         ? 
_reflns.observed_criterion_I_min         ? 
_reflns.observed_criterion_sigma_F       ? 
_reflns.observed_criterion_sigma_I       ? 
_reflns.percent_possible_obs             91.5 
_reflns.R_free_details                   ? 
_reflns.Rmerge_F_all                     ? 
_reflns.Rmerge_F_obs                     ? 
_reflns.Friedel_coverage                 ? 
_reflns.number_gt                        ? 
_reflns.threshold_expression             ? 
_reflns.pdbx_redundancy                  6.73 
_reflns.pdbx_Rmerge_I_obs                0.043 
_reflns.pdbx_Rmerge_I_all                ? 
_reflns.pdbx_Rsym_value                  ? 
_reflns.pdbx_netI_over_av_sigmaI         ? 
_reflns.pdbx_netI_over_sigmaI            22.2 
_reflns.pdbx_res_netI_over_av_sigmaI_2   ? 
_reflns.pdbx_res_netI_over_sigmaI_2      ? 
_reflns.pdbx_chi_squared                 0.95 
_reflns.pdbx_scaling_rejects             ? 
_reflns.pdbx_d_res_high_opt              ? 
_reflns.pdbx_d_res_low_opt               ? 
_reflns.pdbx_d_res_opt_method            ? 
_reflns.phase_calculation_details        ? 
_reflns.pdbx_Rrim_I_all                  0.046 
_reflns.pdbx_Rpim_I_all                  ? 
_reflns.pdbx_d_opt                       ? 
_reflns.pdbx_number_measured_all         ? 
_reflns.pdbx_diffrn_id                   1 
_reflns.pdbx_ordinal                     1 
_reflns.pdbx_CC_half                     ? 
_reflns.pdbx_CC_star                     ? 
_reflns.pdbx_R_split                     ? 
# 
_reflns_shell.d_res_high                  1.57 
_reflns_shell.d_res_low                   1.63 
_reflns_shell.meanI_over_sigI_all         ? 
_reflns_shell.meanI_over_sigI_obs         6.9 
_reflns_shell.number_measured_all         ? 
_reflns_shell.number_measured_obs         ? 
_reflns_shell.number_possible             ? 
_reflns_shell.number_unique_all           ? 
_reflns_shell.number_unique_obs           1284 
_reflns_shell.percent_possible_all        63.6 
_reflns_shell.percent_possible_obs        ? 
_reflns_shell.Rmerge_F_all                ? 
_reflns_shell.Rmerge_F_obs                ? 
_reflns_shell.Rmerge_I_all                ? 
_reflns_shell.Rmerge_I_obs                0.203 
_reflns_shell.meanI_over_sigI_gt          ? 
_reflns_shell.meanI_over_uI_all           ? 
_reflns_shell.meanI_over_uI_gt            ? 
_reflns_shell.number_measured_gt          ? 
_reflns_shell.number_unique_gt            ? 
_reflns_shell.percent_possible_gt         ? 
_reflns_shell.Rmerge_F_gt                 ? 
_reflns_shell.Rmerge_I_gt                 ? 
_reflns_shell.pdbx_redundancy             5.97 
_reflns_shell.pdbx_Rsym_value             ? 
_reflns_shell.pdbx_chi_squared            1.19 
_reflns_shell.pdbx_netI_over_sigmaI_all   ? 
_reflns_shell.pdbx_netI_over_sigmaI_obs   ? 
_reflns_shell.pdbx_Rrim_I_all             0.223 
_reflns_shell.pdbx_Rpim_I_all             ? 
_reflns_shell.pdbx_rejects                ? 
_reflns_shell.pdbx_ordinal                1 
_reflns_shell.pdbx_diffrn_id              1 
_reflns_shell.pdbx_CC_half                ? 
_reflns_shell.pdbx_CC_star                ? 
_reflns_shell.pdbx_R_split                ? 
# 
_refine.aniso_B[1][1]                            -0.421 
_refine.aniso_B[1][2]                            -0.000 
_refine.aniso_B[1][3]                            -0.000 
_refine.aniso_B[2][2]                            0.106 
_refine.aniso_B[2][3]                            0.000 
_refine.aniso_B[3][3]                            0.315 
_refine.B_iso_max                                ? 
_refine.B_iso_mean                               14.486 
_refine.B_iso_min                                ? 
_refine.correlation_coeff_Fo_to_Fc               0.961 
_refine.correlation_coeff_Fo_to_Fc_free          0.949 
_refine.details                                  ? 
_refine.diff_density_max                         ? 
_refine.diff_density_max_esd                     ? 
_refine.diff_density_min                         ? 
_refine.diff_density_min_esd                     ? 
_refine.diff_density_rms                         ? 
_refine.diff_density_rms_esd                     ? 
_refine.entry_id                                 7D2A 
_refine.pdbx_refine_id                           'X-RAY DIFFRACTION' 
_refine.ls_abs_structure_details                 ? 
_refine.ls_abs_structure_Flack                   ? 
_refine.ls_abs_structure_Flack_esd               ? 
_refine.ls_abs_structure_Rogers                  ? 
_refine.ls_abs_structure_Rogers_esd              ? 
_refine.ls_d_res_high                            1.57 
_refine.ls_d_res_low                             40.34 
_refine.ls_extinction_coef                       ? 
_refine.ls_extinction_coef_esd                   ? 
_refine.ls_extinction_expression                 ? 
_refine.ls_extinction_method                     ? 
_refine.ls_goodness_of_fit_all                   ? 
_refine.ls_goodness_of_fit_all_esd               ? 
_refine.ls_goodness_of_fit_obs                   ? 
_refine.ls_goodness_of_fit_obs_esd               ? 
_refine.ls_hydrogen_treatment                    ? 
_refine.ls_matrix_type                           ? 
_refine.ls_number_constraints                    ? 
_refine.ls_number_parameters                     ? 
_refine.ls_number_reflns_all                     ? 
_refine.ls_number_reflns_obs                     18763 
_refine.ls_number_reflns_R_free                  901 
_refine.ls_number_reflns_R_work                  17862 
_refine.ls_number_restraints                     ? 
_refine.ls_percent_reflns_obs                    91.433 
_refine.ls_percent_reflns_R_free                 4.802 
_refine.ls_R_factor_all                          0.169 
_refine.ls_R_factor_obs                          ? 
_refine.ls_R_factor_R_free                       0.1945 
_refine.ls_R_factor_R_free_error                 ? 
_refine.ls_R_factor_R_free_error_details         ? 
_refine.ls_R_factor_R_work                       0.1682 
_refine.ls_R_Fsqd_factor_obs                     ? 
_refine.ls_R_I_factor_obs                        ? 
_refine.ls_redundancy_reflns_all                 ? 
_refine.ls_redundancy_reflns_obs                 ? 
_refine.ls_restrained_S_all                      ? 
_refine.ls_restrained_S_obs                      ? 
_refine.ls_shift_over_esd_max                    ? 
_refine.ls_shift_over_esd_mean                   ? 
_refine.ls_structure_factor_coef                 ? 
_refine.ls_weighting_details                     ? 
_refine.ls_weighting_scheme                      ? 
_refine.ls_wR_factor_all                         ? 
_refine.ls_wR_factor_obs                         ? 
_refine.ls_wR_factor_R_free                      ? 
_refine.ls_wR_factor_R_work                      ? 
_refine.occupancy_max                            ? 
_refine.occupancy_min                            ? 
_refine.solvent_model_details                    'MASK BULK SOLVENT' 
_refine.solvent_model_param_bsol                 ? 
_refine.solvent_model_param_ksol                 ? 
_refine.pdbx_R_complete                          ? 
_refine.ls_R_factor_gt                           ? 
_refine.ls_goodness_of_fit_gt                    ? 
_refine.ls_goodness_of_fit_ref                   ? 
_refine.ls_shift_over_su_max                     ? 
_refine.ls_shift_over_su_max_lt                  ? 
_refine.ls_shift_over_su_mean                    ? 
_refine.ls_shift_over_su_mean_lt                 ? 
_refine.pdbx_ls_sigma_I                          ? 
_refine.pdbx_ls_sigma_F                          ? 
_refine.pdbx_ls_sigma_Fsqd                       ? 
_refine.pdbx_data_cutoff_high_absF               ? 
_refine.pdbx_data_cutoff_high_rms_absF           ? 
_refine.pdbx_data_cutoff_low_absF                ? 
_refine.pdbx_isotropic_thermal_model             ? 
_refine.pdbx_ls_cross_valid_method               'FREE R-VALUE' 
_refine.pdbx_method_to_determine_struct          'MOLECULAR REPLACEMENT' 
_refine.pdbx_starting_model                      5XNR 
_refine.pdbx_stereochemistry_target_values       ? 
_refine.pdbx_R_Free_selection_details            ? 
_refine.pdbx_stereochem_target_val_spec_case     ? 
_refine.pdbx_overall_ESU_R                       0.084 
_refine.pdbx_overall_ESU_R_Free                  0.083 
_refine.pdbx_solvent_vdw_probe_radii             1.200 
_refine.pdbx_solvent_ion_probe_radii             0.800 
_refine.pdbx_solvent_shrinkage_radii             0.800 
_refine.pdbx_real_space_R                        ? 
_refine.pdbx_density_correlation                 ? 
_refine.pdbx_pd_number_of_powder_patterns        ? 
_refine.pdbx_pd_number_of_points                 ? 
_refine.pdbx_pd_meas_number_of_points            ? 
_refine.pdbx_pd_proc_ls_prof_R_factor            ? 
_refine.pdbx_pd_proc_ls_prof_wR_factor           ? 
_refine.pdbx_pd_Marquardt_correlation_coeff      ? 
_refine.pdbx_pd_Fsqrd_R_factor                   ? 
_refine.pdbx_pd_ls_matrix_band_width             ? 
_refine.pdbx_overall_phase_error                 ? 
_refine.pdbx_overall_SU_R_free_Cruickshank_DPI   ? 
_refine.pdbx_overall_SU_R_free_Blow_DPI          ? 
_refine.pdbx_overall_SU_R_Blow_DPI               ? 
_refine.pdbx_TLS_residual_ADP_flag               ? 
_refine.pdbx_diffrn_id                           1 
_refine.overall_SU_B                             1.107 
_refine.overall_SU_ML                            0.041 
_refine.overall_SU_R_Cruickshank_DPI             ? 
_refine.overall_SU_R_free                        ? 
_refine.overall_FOM_free_R_set                   ? 
_refine.overall_FOM_work_R_set                   ? 
_refine.pdbx_average_fsc_overall                 ? 
_refine.pdbx_average_fsc_work                    ? 
_refine.pdbx_average_fsc_free                    ? 
# 
_refine_hist.pdbx_refine_id                   'X-RAY DIFFRACTION' 
_refine_hist.cycle_id                         LAST 
_refine_hist.pdbx_number_atoms_protein        969 
_refine_hist.pdbx_number_atoms_nucleic_acid   0 
_refine_hist.pdbx_number_atoms_ligand         39 
_refine_hist.number_atoms_solvent             160 
_refine_hist.number_atoms_total               1168 
_refine_hist.d_res_high                       1.57 
_refine_hist.d_res_low                        40.34 
# 
_refine_ls_shell.pdbx_refine_id                   'X-RAY DIFFRACTION' 
_refine_ls_shell.d_res_high                       1.570 
_refine_ls_shell.d_res_low                        1.611 
_refine_ls_shell.number_reflns_all                ? 
_refine_ls_shell.number_reflns_obs                ? 
_refine_ls_shell.number_reflns_R_free             43 
_refine_ls_shell.number_reflns_R_work             863 
_refine_ls_shell.percent_reflns_obs               60.4806 
_refine_ls_shell.percent_reflns_R_free            ? 
_refine_ls_shell.R_factor_all                     ? 
_refine_ls_shell.R_factor_obs                     ? 
_refine_ls_shell.R_factor_R_free                  0.345 
_refine_ls_shell.R_factor_R_free_error            ? 
_refine_ls_shell.R_factor_R_work                  0.257 
_refine_ls_shell.redundancy_reflns_all            ? 
_refine_ls_shell.redundancy_reflns_obs            ? 
_refine_ls_shell.wR_factor_all                    ? 
_refine_ls_shell.wR_factor_obs                    ? 
_refine_ls_shell.wR_factor_R_free                 ? 
_refine_ls_shell.wR_factor_R_work                 ? 
_refine_ls_shell.pdbx_R_complete                  ? 
_refine_ls_shell.pdbx_total_number_of_bins_used   ? 
_refine_ls_shell.pdbx_phase_error                 ? 
_refine_ls_shell.pdbx_fsc_work                    ? 
_refine_ls_shell.pdbx_fsc_free                    ? 
# 
_struct.entry_id                     7D2A 
_struct.title                        'CBM32 of AlyQ in complex with 4,5-unsaturated mannuronic acid' 
_struct.pdbx_model_details           ? 
_struct.pdbx_formula_weight          ? 
_struct.pdbx_formula_weight_method   ? 
_struct.pdbx_model_type_details      ? 
_struct.pdbx_CASP_flag               N 
# 
_struct_keywords.entry_id        7D2A 
_struct_keywords.text            'CBM32, alginate, SUGAR BINDING PROTEIN' 
_struct_keywords.pdbx_keywords   'SUGAR BINDING PROTEIN' 
# 
loop_
_struct_asym.id 
_struct_asym.pdbx_blank_PDB_chainid_flag 
_struct_asym.pdbx_modified 
_struct_asym.entity_id 
_struct_asym.details 
A N N 1 ? 
B N N 2 ? 
C N N 3 ? 
D N N 4 ? 
E N N 5 ? 
F N N 6 ? 
# 
loop_
_struct_conf.conf_type_id 
_struct_conf.id 
_struct_conf.pdbx_PDB_helix_id 
_struct_conf.beg_label_comp_id 
_struct_conf.beg_label_asym_id 
_struct_conf.beg_label_seq_id 
_struct_conf.pdbx_beg_PDB_ins_code 
_struct_conf.end_label_comp_id 
_struct_conf.end_label_asym_id 
_struct_conf.end_label_seq_id 
_struct_conf.pdbx_end_PDB_ins_code 
_struct_conf.beg_auth_comp_id 
_struct_conf.beg_auth_asym_id 
_struct_conf.beg_auth_seq_id 
_struct_conf.end_auth_comp_id 
_struct_conf.end_auth_asym_id 
_struct_conf.end_auth_seq_id 
_struct_conf.pdbx_PDB_helix_class 
_struct_conf.details 
_struct_conf.pdbx_PDB_helix_length 
HELX_P HELX_P1 AA1 LEU A 23 ? ASP A 29 ? LEU A 203 ASP A 209 5 ? 7 
HELX_P HELX_P2 AA2 ASP A 79 ? LEU A 83 ? ASP A 259 LEU A 263 5 ? 5 
# 
_struct_conf_type.id          HELX_P 
_struct_conf_type.criteria    ? 
_struct_conf_type.reference   ? 
# 
loop_
_struct_conn.id 
_struct_conn.conn_type_id 
_struct_conn.pdbx_leaving_atom_flag 
_struct_conn.pdbx_PDB_id 
_struct_conn.ptnr1_label_asym_id 
_struct_conn.ptnr1_label_comp_id 
_struct_conn.ptnr1_label_seq_id 
_struct_conn.ptnr1_label_atom_id 
_struct_conn.pdbx_ptnr1_label_alt_id 
_struct_conn.pdbx_ptnr1_PDB_ins_code 
_struct_conn.pdbx_ptnr1_standard_comp_id 
_struct_conn.ptnr1_symmetry 
_struct_conn.ptnr2_label_asym_id 
_struct_conn.ptnr2_label_comp_id 
_struct_conn.ptnr2_label_seq_id 
_struct_conn.ptnr2_label_atom_id 
_struct_conn.pdbx_ptnr2_label_alt_id 
_struct_conn.pdbx_ptnr2_PDB_ins_code 
_struct_conn.ptnr1_auth_asym_id 
_struct_conn.ptnr1_auth_comp_id 
_struct_conn.ptnr1_auth_seq_id 
_struct_conn.ptnr2_auth_asym_id 
_struct_conn.ptnr2_auth_comp_id 
_struct_conn.ptnr2_auth_seq_id 
_struct_conn.ptnr2_symmetry 
_struct_conn.pdbx_ptnr3_label_atom_id 
_struct_conn.pdbx_ptnr3_label_seq_id 
_struct_conn.pdbx_ptnr3_label_comp_id 
_struct_conn.pdbx_ptnr3_label_asym_id 
_struct_conn.pdbx_ptnr3_label_alt_id 
_struct_conn.pdbx_ptnr3_PDB_ins_code 
_struct_conn.details 
_struct_conn.pdbx_dist_value 
_struct_conn.pdbx_value_order 
_struct_conn.pdbx_role 
covale1 covale both ? B LGU .   O4  ? ? ? 1_555 B MAW . C1 ? ? C LGU 1   C MAW 2   1_555 ? ? ? ? ? ? ? 1.453 ? ? 
metalc1 metalc ?    ? A ASN 26  O   ? ? ? 1_555 C CA  . CA ? ? A ASN 206 A CA  401 1_555 ? ? ? ? ? ? ? 2.212 ? ? 
metalc2 metalc ?    ? A ASP 29  OD1 ? ? ? 1_555 C CA  . CA ? ? A ASP 209 A CA  401 1_555 ? ? ? ? ? ? ? 2.479 ? ? 
metalc3 metalc ?    ? A ASN 31  O   ? ? ? 1_555 C CA  . CA ? ? A ASN 211 A CA  401 1_555 ? ? ? ? ? ? ? 2.253 ? ? 
metalc4 metalc ?    ? A THR 34  O   ? ? ? 1_555 C CA  . CA ? ? A THR 214 A CA  401 1_555 ? ? ? ? ? ? ? 2.523 ? ? 
metalc5 metalc ?    ? A THR 34  OG1 ? ? ? 1_555 C CA  . CA ? ? A THR 214 A CA  401 1_555 ? ? ? ? ? ? ? 2.426 ? ? 
metalc6 metalc ?    ? A THR 127 O   ? ? ? 1_555 C CA  . CA ? ? A THR 307 A CA  401 1_555 ? ? ? ? ? ? ? 2.361 ? ? 
metalc7 metalc ?    ? A GLU 128 OE2 ? ? ? 1_555 C CA  . CA ? ? A GLU 308 A CA  401 1_555 ? ? ? ? ? ? ? 2.366 ? ? 
metalc8 metalc ?    ? E NA  .   NA  ? ? ? 1_555 F HOH . O  ? ? A NA  403 A HOH 604 1_555 ? ? ? ? ? ? ? 3.010 ? ? 
metalc9 metalc ?    ? E NA  .   NA  ? ? ? 1_555 F HOH . O  ? ? A NA  403 A HOH 660 1_555 ? ? ? ? ? ? ? 3.130 ? ? 
# 
loop_
_struct_conn_type.id 
_struct_conn_type.criteria 
_struct_conn_type.reference 
covale ? ? 
metalc ? ? 
# 
loop_
_struct_sheet.id 
_struct_sheet.type 
_struct_sheet.number_strands 
_struct_sheet.details 
AA1 ? 4 ? 
AA2 ? 6 ? 
# 
loop_
_struct_sheet_order.sheet_id 
_struct_sheet_order.range_id_1 
_struct_sheet_order.range_id_2 
_struct_sheet_order.offset 
_struct_sheet_order.sense 
AA1 1 2 ? anti-parallel 
AA1 2 3 ? anti-parallel 
AA2 1 2 ? anti-parallel 
AA2 2 3 ? anti-parallel 
AA2 4 5 ? anti-parallel 
AA2 5 6 ? anti-parallel 
# 
loop_
_struct_sheet_range.sheet_id 
_struct_sheet_range.id 
_struct_sheet_range.beg_label_comp_id 
_struct_sheet_range.beg_label_asym_id 
_struct_sheet_range.beg_label_seq_id 
_struct_sheet_range.pdbx_beg_PDB_ins_code 
_struct_sheet_range.end_label_comp_id 
_struct_sheet_range.end_label_asym_id 
_struct_sheet_range.end_label_seq_id 
_struct_sheet_range.pdbx_end_PDB_ins_code 
_struct_sheet_range.beg_auth_comp_id 
_struct_sheet_range.beg_auth_asym_id 
_struct_sheet_range.beg_auth_seq_id 
_struct_sheet_range.end_auth_comp_id 
_struct_sheet_range.end_auth_asym_id 
_struct_sheet_range.end_auth_seq_id 
AA1 1 MET A 7   ? GLN A 8   ? MET A -1  GLN A 188 
AA1 2 TRP A 123 ? HIS A 133 ? TRP A 303 HIS A 313 
AA1 3 GLN A 43  ? TRP A 62  ? GLN A 223 TRP A 242 
AA1 4 TRP A 36  ? ASN A 39  ? TRP A 216 ASN A 219 
AA2 1 ALA A 13  ? ALA A 16  ? ALA A 193 ALA A 196 
AA2 2 GLN A 43  ? TRP A 62  ? GLN A 223 TRP A 242 
AA2 3 TRP A 123 ? HIS A 133 ? TRP A 303 HIS A 313 
AA2 4 GLU A 99  ? ASN A 118 ? GLU A 279 ASN A 298 
AA2 5 SER A 70  ? GLY A 77  ? SER A 250 GLY A 257 
AA2 6 THR A 84  ? THR A 90  ? THR A 264 THR A 270 
# 
loop_
_pdbx_struct_sheet_hbond.sheet_id 
_pdbx_struct_sheet_hbond.range_id_1 
_pdbx_struct_sheet_hbond.range_id_2 
_pdbx_struct_sheet_hbond.range_1_label_atom_id 
_pdbx_struct_sheet_hbond.range_1_label_comp_id 
_pdbx_struct_sheet_hbond.range_1_label_asym_id 
_pdbx_struct_sheet_hbond.range_1_label_seq_id 
_pdbx_struct_sheet_hbond.range_1_PDB_ins_code 
_pdbx_struct_sheet_hbond.range_1_auth_atom_id 
_pdbx_struct_sheet_hbond.range_1_auth_comp_id 
_pdbx_struct_sheet_hbond.range_1_auth_asym_id 
_pdbx_struct_sheet_hbond.range_1_auth_seq_id 
_pdbx_struct_sheet_hbond.range_2_label_atom_id 
_pdbx_struct_sheet_hbond.range_2_label_comp_id 
_pdbx_struct_sheet_hbond.range_2_label_asym_id 
_pdbx_struct_sheet_hbond.range_2_label_seq_id 
_pdbx_struct_sheet_hbond.range_2_PDB_ins_code 
_pdbx_struct_sheet_hbond.range_2_auth_atom_id 
_pdbx_struct_sheet_hbond.range_2_auth_comp_id 
_pdbx_struct_sheet_hbond.range_2_auth_asym_id 
_pdbx_struct_sheet_hbond.range_2_auth_seq_id 
AA1 1 2 N MET A 7   ? N MET A -1  O HIS A 133 ? O HIS A 313 
AA1 2 3 O ALA A 130 ? O ALA A 310 N LYS A 59  ? N LYS A 239 
AA2 1 2 N THR A 15  ? N THR A 195 O THR A 46  ? O THR A 226 
AA2 2 3 N LYS A 59  ? N LYS A 239 O ALA A 130 ? O ALA A 310 
AA2 4 5 O ARG A 112 ? O ARG A 292 N SER A 75  ? N SER A 255 
AA2 5 6 N ILE A 74  ? N ILE A 254 O VAL A 86  ? O VAL A 266 
# 
_atom_sites.entry_id                    7D2A 
_atom_sites.Cartn_transf_matrix[1][1]   ? 
_atom_sites.Cartn_transf_matrix[1][2]   ? 
_atom_sites.Cartn_transf_matrix[1][3]   ? 
_atom_sites.Cartn_transf_matrix[2][1]   ? 
_atom_sites.Cartn_transf_matrix[2][2]   ? 
_atom_sites.Cartn_transf_matrix[2][3]   ? 
_atom_sites.Cartn_transf_matrix[3][1]   ? 
_atom_sites.Cartn_transf_matrix[3][2]   ? 
_atom_sites.Cartn_transf_matrix[3][3]   ? 
_atom_sites.Cartn_transf_vector[1]      ? 
_atom_sites.Cartn_transf_vector[2]      ? 
_atom_sites.Cartn_transf_vector[3]      ? 
_atom_sites.fract_transf_matrix[1][1]   0.02031146 
_atom_sites.fract_transf_matrix[1][2]   0.01062374 
_atom_sites.fract_transf_matrix[1][3]   0.00067612 
_atom_sites.fract_transf_matrix[2][1]   0.00747693 
_atom_sites.fract_transf_matrix[2][2]   -0.01473775 
_atom_sites.fract_transf_matrix[2][3]   0.00695552 
_atom_sites.fract_transf_matrix[3][1]   0.00349060 
_atom_sites.fract_transf_matrix[3][2]   -0.00567023 
_atom_sites.fract_transf_matrix[3][3]   -0.01576666 
_atom_sites.fract_transf_vector[1]      0.416641 
_atom_sites.fract_transf_vector[2]      0.184417 
_atom_sites.fract_transf_vector[3]      0.325994 
_atom_sites.solution_primary            ? 
_atom_sites.solution_secondary          ? 
_atom_sites.solution_hydrogens          ? 
_atom_sites.special_details             ? 
# 
loop_
_atom_type.symbol 
_atom_type.pdbx_scat_Z 
_atom_type.pdbx_N_electrons 
_atom_type.scat_Cromer_Mann_a1 
_atom_type.scat_Cromer_Mann_b1 
_atom_type.scat_Cromer_Mann_a2 
_atom_type.scat_Cromer_Mann_b2 
_atom_type.scat_Cromer_Mann_a3 
_atom_type.scat_Cromer_Mann_b3 
_atom_type.scat_Cromer_Mann_a4 
_atom_type.scat_Cromer_Mann_b4 
_atom_type.scat_Cromer_Mann_c 
C   6  6  2.310  20.844 1.020 10.208 1.589 0.569  0.865   51.651  0.216   
CA  20 20 8.627  10.442 7.387 0.660  1.590 85.748 1.021   178.437 1.375   
H   1  1  0.493  10.511 0.323 26.126 0.140 3.142  0.041   57.800  0.003   
N   7  7  12.222 0.006  3.135 9.893  2.014 28.997 1.167   0.583   -11.538 
N+1 7  7  12.222 0.006  3.135 9.893  2.014 28.997 1.167   0.583   -11.538 
NA  11 11 4.766  3.285  3.176 8.842  1.268 0.314  1.114   129.424 0.676   
O   8  8  3.049  13.277 2.287 5.701  1.546 0.324  0.867   32.909  0.251   
O-1 8  9  4.195  12.857 1.641 4.172  1.528 47.018 -20.325 -0.014  21.960  
S   16 16 6.905  1.468  5.203 22.215 1.438 0.254  1.586   56.172  0.867   
# 
loop_
_atom_site.group_PDB 
_atom_site.id 
_atom_site.type_symbol 
_atom_site.label_atom_id 
_atom_site.label_alt_id 
_atom_site.label_comp_id 
_atom_site.label_asym_id 
_atom_site.label_entity_id 
_atom_site.label_seq_id 
_atom_site.pdbx_PDB_ins_code 
_atom_site.Cartn_x 
_atom_site.Cartn_y 
_atom_site.Cartn_z 
_atom_site.occupancy 
_atom_site.B_iso_or_equiv 
_atom_site.pdbx_formal_charge 
_atom_site.auth_seq_id 
_atom_site.auth_comp_id 
_atom_site.auth_asym_id 
_atom_site.auth_atom_id 
_atom_site.pdbx_PDB_model_num 
ATOM   1    N  N   . HIS A 1 6   ? 12.174  -12.810 -10.407 1.000 27.475 0  -2  HIS A N   1 
ATOM   2    C  CA  . HIS A 1 6   ? 11.439  -11.877 -9.508  1.000 23.236 0  -2  HIS A CA  1 
ATOM   3    C  C   . HIS A 1 6   ? 11.524  -10.459 -10.114 1.000 19.119 0  -2  HIS A C   1 
ATOM   4    O  O   . HIS A 1 6   ? 12.638  -10.054 -10.444 1.000 19.660 0  -2  HIS A O   1 
ATOM   5    C  CB  . HIS A 1 6   ? 12.021  -11.981 -8.093  1.000 31.208 0  -2  HIS A CB  1 
ATOM   6    C  CG  . HIS A 1 6   ? 11.107  -11.685 -6.956  1.000 42.385 0  -2  HIS A CG  1 
ATOM   7    N  ND1 . HIS A 1 6   ? 10.774  -12.640 -6.020  1.000 47.367 0  -2  HIS A ND1 1 
ATOM   8    C  CD2 . HIS A 1 6   ? 10.511  -10.538 -6.556  1.000 52.701 0  -2  HIS A CD2 1 
ATOM   9    C  CE1 . HIS A 1 6   ? 9.996   -12.102 -5.096  1.000 54.662 0  -2  HIS A CE1 1 
ATOM   10   N  NE2 . HIS A 1 6   ? 9.805   -10.807 -5.404  1.000 52.265 0  -2  HIS A NE2 1 
ATOM   11   N  N   . MET A 1 7   ? 10.402  -9.824  -10.439 1.000 17.343 0  -1  MET A N   1 
ATOM   12   C  CA  A MET A 1 7   ? 10.336  -8.500  -11.112 0.500 16.686 0  -1  MET A CA  1 
ATOM   13   C  CA  B MET A 1 7   ? 10.438  -8.494  -11.051 0.500 16.768 0  -1  MET A CA  1 
ATOM   14   C  C   . MET A 1 7   ? 9.860   -7.490  -10.063 1.000 14.937 0  -1  MET A C   1 
ATOM   15   O  O   . MET A 1 7   ? 8.814   -7.756  -9.487  1.000 13.396 0  -1  MET A O   1 
ATOM   16   C  CB  A MET A 1 7   ? 9.316   -8.442  -12.265 0.500 18.264 0  -1  MET A CB  1 
ATOM   17   C  CB  B MET A 1 7   ? 9.593   -8.495  -12.312 0.500 19.224 0  -1  MET A CB  1 
ATOM   18   C  CG  A MET A 1 7   ? 9.608   -9.333  -13.453 0.500 20.112 0  -1  MET A CG  1 
ATOM   19   C  CG  B MET A 1 7   ? 10.051  -7.527  -13.309 0.500 22.000 0  -1  MET A CG  1 
ATOM   20   S  SD  A MET A 1 7   ? 10.805  -8.612  -14.556 0.500 23.072 0  -1  MET A SD  1 
ATOM   21   S  SD  B MET A 1 7   ? 9.050   -7.963  -14.695 0.500 23.327 0  -1  MET A SD  1 
ATOM   22   C  CE  A MET A 1 7   ? 9.953   -7.110  -15.031 0.500 22.607 0  -1  MET A CE  1 
ATOM   23   C  CE  B MET A 1 7   ? 9.192   -6.405  -15.565 0.500 21.677 0  -1  MET A CE  1 
ATOM   24   N  N   . GLN A 1 8   ? 10.514  -6.242  -9.840  1.000 11.294 0  188 GLN A N   1 
ATOM   25   C  CA  . GLN A 1 8   ? 9.934   -5.119  -9.099  1.000 12.356 0  188 GLN A CA  1 
ATOM   26   C  C   . GLN A 1 8   ? 9.611   -4.049  -10.116 1.000 13.371 0  188 GLN A C   1 
ATOM   27   O  O   . GLN A 1 8   ? 10.507  -3.549  -10.801 1.000 15.563 0  188 GLN A O   1 
ATOM   28   C  CB  . GLN A 1 8   ? 10.906  -4.526  -8.083  1.000 14.869 0  188 GLN A CB  1 
ATOM   29   C  CG  . GLN A 1 8   ? 10.205  -3.308  -7.455  1.000 16.595 0  188 GLN A CG  1 
ATOM   30   C  CD  . GLN A 1 8   ? 10.993  -2.358  -6.601  1.000 18.777 0  188 GLN A CD  1 
ATOM   31   O  OE1 . GLN A 1 8   ? 12.181  -2.599  -6.433  1.000 21.045 0  188 GLN A OE1 1 
ATOM   32   N  NE2 . GLN A 1 8   ? 10.363  -1.277  -6.077  1.000 16.927 0  188 GLN A NE2 1 
ATOM   33   N  N   . TYR A 1 9   ? 8.348   -3.689  -10.241 1.000 11.632 0  189 TYR A N   1 
ATOM   34   C  CA  . TYR A 1 9   ? 7.888   -2.721  -11.241 1.000 11.009 0  189 TYR A CA  1 
ATOM   35   C  C   . TYR A 1 9   ? 8.093   -1.309  -10.736 1.000 11.153 0  189 TYR A C   1 
ATOM   36   O  O   . TYR A 1 9   ? 7.827   -0.986  -9.589  1.000 10.952 0  189 TYR A O   1 
ATOM   37   C  CB  . TYR A 1 9   ? 6.421   -2.916  -11.563 1.000 12.917 0  189 TYR A CB  1 
ATOM   38   C  CG  . TYR A 1 9   ? 6.086   -4.238  -12.196 1.000 12.356 0  189 TYR A CG  1 
ATOM   39   C  CD1 . TYR A 1 9   ? 6.589   -4.582  -13.429 1.000 14.564 0  189 TYR A CD1 1 
ATOM   40   C  CD2 . TYR A 1 9   ? 5.308   -5.174  -11.538 1.000 12.447 0  189 TYR A CD2 1 
ATOM   41   C  CE1 . TYR A 1 9   ? 6.250   -5.784  -14.032 1.000 13.524 0  189 TYR A CE1 1 
ATOM   42   C  CE2 . TYR A 1 9   ? 5.008   -6.393  -12.105 1.000 12.953 0  189 TYR A CE2 1 
ATOM   43   C  CZ  . TYR A 1 9   ? 5.480   -6.712  -13.367 1.000 13.847 0  189 TYR A CZ  1 
ATOM   44   O  OH  . TYR A 1 9   ? 5.142   -7.921  -13.974 1.000 12.268 0  189 TYR A OH  1 
ATOM   45   N  N   . ASP A 1 10  ? 8.496   -0.449  -11.658 1.000 11.803 0  190 ASP A N   1 
ATOM   46   C  CA  . ASP A 1 10  ? 8.441   0.993   -11.364 1.000 11.044 0  190 ASP A CA  1 
ATOM   47   C  C   . ASP A 1 10  ? 7.011   1.417   -11.036 1.000 10.945 0  190 ASP A C   1 
ATOM   48   O  O   . ASP A 1 10  ? 6.057   0.895   -11.666 1.000 11.508 0  190 ASP A O   1 
ATOM   49   C  CB  . ASP A 1 10  ? 8.880   1.839   -12.554 1.000 11.856 0  190 ASP A CB  1 
ATOM   50   C  CG  . ASP A 1 10  ? 10.363  2.112   -12.634 1.000 13.164 0  190 ASP A CG  1 
ATOM   51   O  OD1 . ASP A 1 10  ? 11.151  1.505   -11.907 1.000 12.122 0  190 ASP A OD1 1 
ATOM   52   O  OD2 . ASP A 1 10  ? 10.669  2.999   -13.475 1.000 14.526 -1 190 ASP A OD2 1 
ATOM   53   N  N   . ILE A 1 11  ? 6.902   2.353   -10.119 1.000 10.808 0  191 ILE A N   1 
ATOM   54   C  CA  . ILE A 1 11  ? 5.616   3.025   -9.820  1.000 11.869 0  191 ILE A CA  1 
ATOM   55   C  C   . ILE A 1 11  ? 5.734   4.458   -10.364 1.000 12.785 0  191 ILE A C   1 
ATOM   56   O  O   . ILE A 1 11  ? 6.544   5.253   -9.808  1.000 12.819 0  191 ILE A O   1 
ATOM   57   C  CB  . ILE A 1 11  ? 5.264   2.957   -8.320  1.000 11.373 0  191 ILE A CB  1 
ATOM   58   C  CG1 . ILE A 1 11  ? 5.071   1.498   -7.883  1.000 12.140 0  191 ILE A CG1 1 
ATOM   59   C  CG2 . ILE A 1 11  ? 4.038   3.836   -8.059  1.000 13.197 0  191 ILE A CG2 1 
ATOM   60   C  CD1 . ILE A 1 11  ? 4.926   1.299   -6.381  1.000 14.040 0  191 ILE A CD1 1 
ATOM   61   N  N   . VAL A 1 12  ? 5.015   4.752   -11.449 1.000 12.888 0  192 VAL A N   1 
ATOM   62   C  CA  . VAL A 1 12  ? 5.225   6.014   -12.222 1.000 15.472 0  192 VAL A CA  1 
ATOM   63   C  C   . VAL A 1 12  ? 4.474   7.179   -11.594 1.000 16.485 0  192 VAL A C   1 
ATOM   64   O  O   . VAL A 1 12  ? 4.788   8.344   -11.942 1.000 18.558 0  192 VAL A O   1 
ATOM   65   C  CB  . VAL A 1 12  ? 4.877   5.851   -13.705 1.000 17.227 0  192 VAL A CB  1 
ATOM   66   C  CG1 . VAL A 1 12  ? 5.610   4.642   -14.271 1.000 17.888 0  192 VAL A CG1 1 
ATOM   67   C  CG2 . VAL A 1 12  ? 3.380   5.774   -13.966 1.000 16.877 0  192 VAL A CG2 1 
ATOM   68   N  N   . ALA A 1 13  ? 3.479   6.925   -10.753 1.000 14.331 0  193 ALA A N   1 
ATOM   69   C  CA  . ALA A 1 13  ? 2.634   7.960   -10.138 1.000 15.445 0  193 ALA A CA  1 
ATOM   70   C  C   . ALA A 1 13  ? 1.938   7.316   -8.937  1.000 13.939 0  193 ALA A C   1 
ATOM   71   O  O   . ALA A 1 13  ? 1.655   6.094   -8.957  1.000 12.459 0  193 ALA A O   1 
ATOM   72   C  CB  . ALA A 1 13  ? 1.646   8.469   -11.162 1.000 15.710 0  193 ALA A CB  1 
ATOM   73   N  N   . VAL A 1 14  ? 1.672   8.121   -7.925  1.000 14.401 0  194 VAL A N   1 
ATOM   74   C  CA  . VAL A 1 14  ? 0.884   7.754   -6.733  1.000 12.624 0  194 VAL A CA  1 
ATOM   75   C  C   . VAL A 1 14  ? -0.104  8.876   -6.455  1.000 13.765 0  194 VAL A C   1 
ATOM   76   O  O   . VAL A 1 14  ? 0.261   10.055  -6.532  1.000 14.302 0  194 VAL A O   1 
ATOM   77   C  CB  . VAL A 1 14  ? 1.765   7.496   -5.488  1.000 14.950 0  194 VAL A CB  1 
ATOM   78   C  CG1 . VAL A 1 14  ? 1.008   6.824   -4.371  1.000 14.097 0  194 VAL A CG1 1 
ATOM   79   C  CG2 . VAL A 1 14  ? 3.016   6.714   -5.797  1.000 18.047 0  194 VAL A CG2 1 
ATOM   80   N  N   . THR A 1 15  ? -1.335  8.512   -6.206  1.000 12.397 0  195 THR A N   1 
ATOM   81   C  CA  . THR A 1 15  ? -2.379  9.443   -5.740  1.000 13.906 0  195 THR A CA  1 
ATOM   82   C  C   . THR A 1 15  ? -2.968  8.896   -4.456  1.000 13.977 0  195 THR A C   1 
ATOM   83   O  O   . THR A 1 15  ? -2.797  7.693   -4.145  1.000 11.513 0  195 THR A O   1 
ATOM   84   C  CB  . THR A 1 15  ? -3.455  9.639   -6.803  1.000 15.205 0  195 THR A CB  1 
ATOM   85   O  OG1 . THR A 1 15  ? -4.144  8.404   -6.970  1.000 15.960 0  195 THR A OG1 1 
ATOM   86   C  CG2 . THR A 1 15  ? -2.884  10.161  -8.102  1.000 15.647 0  195 THR A CG2 1 
ATOM   87   N  N   . ALA A 1 16  ? -3.841  9.668   -3.823  1.000 12.138 0  196 ALA A N   1 
ATOM   88   C  CA  . ALA A 1 16  ? -4.554  9.157   -2.640  1.000 11.931 0  196 ALA A CA  1 
ATOM   89   C  C   . ALA A 1 16  ? -5.862  9.910   -2.431  1.000 10.797 0  196 ALA A C   1 
ATOM   90   O  O   . ALA A 1 16  ? -5.993  11.020  -2.885  1.000 11.883 0  196 ALA A O   1 
ATOM   91   C  CB  . ALA A 1 16  ? -3.700  9.255   -1.400  1.000 13.000 0  196 ALA A CB  1 
ATOM   92   N  N   . SER A 1 17  ? -6.751  9.295   -1.687  1.000 11.522 0  197 SER A N   1 
ATOM   93   C  CA  . SER A 1 17  ? -8.049  9.884   -1.273  1.000 11.940 0  197 SER A CA  1 
ATOM   94   C  C   . SER A 1 17  ? -7.845  11.165  -0.459  1.000 13.407 0  197 SER A C   1 
ATOM   95   O  O   . SER A 1 17  ? -8.738  12.014  -0.495  1.000 14.968 0  197 SER A O   1 
ATOM   96   C  CB  . SER A 1 17  ? -8.881  8.891   -0.556  1.000 13.846 0  197 SER A CB  1 
ATOM   97   O  OG  . SER A 1 17  ? -8.246  8.382   0.590   1.000 13.713 0  197 SER A OG  1 
ATOM   98   N  N   . ALA A 1 18  ? -6.773  11.232  0.329   1.000 13.379 0  198 ALA A N   1 
ATOM   99   C  CA  . ALA A 1 18  ? -6.485  12.322  1.278   1.000 13.019 0  198 ALA A CA  1 
ATOM   100  C  C   . ALA A 1 18  ? -5.055  12.132  1.740   1.000 12.204 0  198 ALA A C   1 
ATOM   101  O  O   . ALA A 1 18  ? -4.458  11.033  1.551   1.000 12.547 0  198 ALA A O   1 
ATOM   102  C  CB  . ALA A 1 18  ? -7.428  12.263  2.443   1.000 16.424 0  198 ALA A CB  1 
ATOM   103  N  N   . HIS A 1 19  ? -4.482  13.195  2.289   1.000 13.132 0  199 HIS A N   1 
ATOM   104  C  CA  . HIS A 1 19  ? -3.214  13.106  3.034   1.000 12.421 0  199 HIS A CA  1 
ATOM   105  C  C   . HIS A 1 19  ? -3.116  14.317  3.951   1.000 13.793 0  199 HIS A C   1 
ATOM   106  O  O   . HIS A 1 19  ? -3.828  15.276  3.742   1.000 16.144 0  199 HIS A O   1 
ATOM   107  C  CB  . HIS A 1 19  ? -2.029  13.047  2.073   1.000 12.942 0  199 HIS A CB  1 
ATOM   108  C  CG  . HIS A 1 19  ? -1.791  14.332  1.360   1.000 13.335 0  199 HIS A CG  1 
ATOM   109  N  ND1 . HIS A 1 19  ? -1.185  15.431  1.983   1.000 16.583 0  199 HIS A ND1 1 
ATOM   110  C  CD2 . HIS A 1 19  ? -2.161  14.763  0.122   1.000 13.470 0  199 HIS A CD2 1 
ATOM   111  C  CE1 . HIS A 1 19  ? -1.126  16.429  1.120   1.000 17.050 0  199 HIS A CE1 1 
ATOM   112  N  NE2 . HIS A 1 19  ? -1.718  16.063  -0.055  1.000 13.448 0  199 HIS A NE2 1 
ATOM   113  N  N   . ASP A 1 20  ? -2.277  14.218  4.960   1.000 13.843 0  200 ASP A N   1 
ATOM   114  C  CA  . ASP A 1 20  ? -2.153  15.281  5.987   1.000 14.307 0  200 ASP A CA  1 
ATOM   115  C  C   . ASP A 1 20  ? -0.849  16.042  5.827   1.000 15.995 0  200 ASP A C   1 
ATOM   116  O  O   . ASP A 1 20  ? -0.467  16.703  6.796   1.000 15.767 0  200 ASP A O   1 
ATOM   117  C  CB  . ASP A 1 20  ? -2.202  14.640  7.359   1.000 13.859 0  200 ASP A CB  1 
ATOM   118  C  CG  . ASP A 1 20  ? -0.931  13.944  7.770   1.000 16.137 0  200 ASP A CG  1 
ATOM   119  O  OD1 . ASP A 1 20  ? -0.176  13.569  6.867   1.000 14.172 0  200 ASP A OD1 1 
ATOM   120  O  OD2 . ASP A 1 20  ? -0.735  13.760  9.012   1.000 16.239 -1 200 ASP A OD2 1 
ATOM   121  N  N   . GLY A 1 21  ? -0.231  16.042  4.658   1.000 14.120 0  201 GLY A N   1 
ATOM   122  C  CA  . GLY A 1 21  ? 1.054   16.696  4.417   1.000 14.033 0  201 GLY A CA  1 
ATOM   123  C  C   . GLY A 1 21  ? 2.150   15.668  4.278   1.000 13.544 0  201 GLY A C   1 
ATOM   124  O  O   . GLY A 1 21  ? 3.182   15.995  3.701   1.000 14.555 0  201 GLY A O   1 
ATOM   125  N  N   . ASN A 1 22  ? 1.882   14.441  4.772   1.000 13.009 0  202 ASN A N   1 
ATOM   126  C  CA  . ASN A 1 22  ? 2.719   13.236  4.557   1.000 12.898 0  202 ASN A CA  1 
ATOM   127  C  C   . ASN A 1 22  ? 2.248   12.666  3.219   1.000 11.766 0  202 ASN A C   1 
ATOM   128  O  O   . ASN A 1 22  ? 1.229   12.050  3.179   1.000 12.205 0  202 ASN A O   1 
ATOM   129  C  CB  . ASN A 1 22  ? 2.654   12.264  5.726   1.000 11.734 0  202 ASN A CB  1 
ATOM   130  C  CG  . ASN A 1 22  ? 3.303   12.889  6.942   1.000 13.630 0  202 ASN A CG  1 
ATOM   131  O  OD1 . ASN A 1 22  ? 4.527   12.993  7.028   1.000 13.214 0  202 ASN A OD1 1 
ATOM   132  N  ND2 . ASN A 1 22  ? 2.472   13.276  7.892   1.000 15.684 0  202 ASN A ND2 1 
ATOM   133  N  N   . LEU A 1 23  ? 2.933   13.016  2.151   1.000 12.353 0  203 LEU A N   1 
ATOM   134  C  CA  . LEU A 1 23  ? 2.420   12.880  0.774   1.000 12.173 0  203 LEU A CA  1 
ATOM   135  C  C   . LEU A 1 23  ? 2.373   11.414  0.337   1.000 11.182 0  203 LEU A C   1 
ATOM   136  O  O   . LEU A 1 23  ? 3.285   10.653  0.590   1.000 11.218 0  203 LEU A O   1 
ATOM   137  C  CB  . LEU A 1 23  ? 3.284   13.686  -0.198  1.000 13.631 0  203 LEU A CB  1 
ATOM   138  C  CG  . LEU A 1 23  ? 3.182   15.188  -0.019  1.000 14.690 0  203 LEU A CG  1 
ATOM   139  C  CD1 . LEU A 1 23  ? 4.177   15.819  -0.970  1.000 15.799 0  203 LEU A CD1 1 
ATOM   140  C  CD2 . LEU A 1 23  ? 1.769   15.611  -0.252  1.000 15.035 0  203 LEU A CD2 1 
ATOM   141  N  N   . PRO A 1 24  ? 1.485   11.117  -0.631  1.000 11.057 0  204 PRO A N   1 
ATOM   142  C  CA  . PRO A 1 24  ? 1.421   9.779   -1.232  1.000 11.678 0  204 PRO A CA  1 
ATOM   143  C  C   . PRO A 1 24  ? 2.757   9.273   -1.771  1.000 11.071 0  204 PRO A C   1 
ATOM   144  O  O   . PRO A 1 24  ? 3.153   8.106   -1.553  1.000 12.290 0  204 PRO A O   1 
ATOM   145  C  CB  . PRO A 1 24  ? 0.342   9.979   -2.286  1.000 11.941 0  204 PRO A CB  1 
ATOM   146  C  CG  . PRO A 1 24  ? -0.606  10.948  -1.658  1.000 11.501 0  204 PRO A CG  1 
ATOM   147  C  CD  . PRO A 1 24  ? 0.336   11.942  -1.043  1.000 11.659 0  204 PRO A CD  1 
ATOM   148  N  N   . GLU A 1 25  ? 3.487   10.163  -2.441  1.000 12.863 0  205 GLU A N   1 
ATOM   149  C  CA  A GLU A 1 25  ? 4.780   9.845   -3.097  0.500 12.698 0  205 GLU A CA  1 
ATOM   150  C  CA  B GLU A 1 25  ? 4.743   9.741   -3.098  0.500 12.561 0  205 GLU A CA  1 
ATOM   151  C  C   . GLU A 1 25  ? 5.849   9.482   -2.071  1.000 11.209 0  205 GLU A C   1 
ATOM   152  O  O   . GLU A 1 25  ? 6.837   8.911   -2.464  1.000 11.333 0  205 GLU A O   1 
ATOM   153  C  CB  A GLU A 1 25  ? 5.268   11.024  -3.946  0.500 15.230 0  205 GLU A CB  1 
ATOM   154  C  CB  B GLU A 1 25  ? 5.167   10.772  -4.137  0.500 14.907 0  205 GLU A CB  1 
ATOM   155  C  CG  A GLU A 1 25  ? 5.977   12.122  -3.171  0.500 15.680 0  205 GLU A CG  1 
ATOM   156  C  CG  B GLU A 1 25  ? 4.398   10.716  -5.440  0.500 15.609 0  205 GLU A CG  1 
ATOM   157  C  CD  A GLU A 1 25  ? 6.268   13.381  -3.984  0.500 17.665 0  205 GLU A CD  1 
ATOM   158  C  CD  B GLU A 1 25  ? 4.885   11.861  -6.325  0.500 17.433 0  205 GLU A CD  1 
ATOM   159  O  OE1 A GLU A 1 25  ? 6.759   13.275  -5.161  0.500 20.864 0  205 GLU A OE1 1 
ATOM   160  O  OE1 B GLU A 1 25  ? 5.934   12.479  -5.979  0.500 22.814 0  205 GLU A OE1 1 
ATOM   161  O  OE2 A GLU A 1 25  ? 5.935   14.429  -3.496  0.500 16.178 -1 205 GLU A OE2 1 
ATOM   162  O  OE2 B GLU A 1 25  ? 4.174   12.251  -7.235  0.500 21.181 -1 205 GLU A OE2 1 
ATOM   163  N  N   . ASN A 1 26  ? 5.623   9.758   -0.794  1.000 10.331 0  206 ASN A N   1 
ATOM   164  C  CA  . ASN A 1 26  ? 6.602   9.333   0.217   1.000 10.205 0  206 ASN A CA  1 
ATOM   165  C  C   . ASN A 1 26  ? 6.694   7.798   0.303   1.000 10.624 0  206 ASN A C   1 
ATOM   166  O  O   . ASN A 1 26  ? 7.611   7.249   0.934   1.000 12.409 0  206 ASN A O   1 
ATOM   167  C  CB  . ASN A 1 26  ? 6.276   9.901   1.586   1.000 10.177 0  206 ASN A CB  1 
ATOM   168  C  CG  . ASN A 1 26  ? 6.547   11.387  1.674   1.000 12.461 0  206 ASN A CG  1 
ATOM   169  O  OD1 . ASN A 1 26  ? 7.112   12.021  0.763   1.000 15.249 0  206 ASN A OD1 1 
ATOM   170  N  ND2 . ASN A 1 26  ? 6.122   11.937  2.788   1.000 14.096 0  206 ASN A ND2 1 
ATOM   171  N  N   . THR A 1 27  ? 5.707   7.082   -0.217  1.000 10.305 0  207 THR A N   1 
ATOM   172  C  CA  . THR A 1 27  ? 5.725   5.600   -0.190  1.000 9.741  0  207 THR A CA  1 
ATOM   173  C  C   . THR A 1 27  ? 6.670   5.013   -1.219  1.000 9.343  0  207 THR A C   1 
ATOM   174  O  O   . THR A 1 27  ? 6.896   3.807   -1.171  1.000 10.601 0  207 THR A O   1 
ATOM   175  C  CB  . THR A 1 27  ? 4.327   5.015   -0.400  1.000 9.356  0  207 THR A CB  1 
ATOM   176  O  OG1 . THR A 1 27  ? 3.802   5.454   -1.653  1.000 9.957  0  207 THR A OG1 1 
ATOM   177  C  CG2 . THR A 1 27  ? 3.381   5.440   0.690   1.000 10.498 0  207 THR A CG2 1 
ATOM   178  N  N   . ILE A 1 28  ? 7.225   5.816   -2.126  1.000 9.973  0  208 ILE A N   1 
ATOM   179  C  CA  . ILE A 1 28  ? 8.088   5.251   -3.210  1.000 11.051 0  208 ILE A CA  1 
ATOM   180  C  C   . ILE A 1 28  ? 9.432   5.971   -3.229  1.000 11.060 0  208 ILE A C   1 
ATOM   181  O  O   . ILE A 1 28  ? 10.098  5.935   -4.300  1.000 12.778 0  208 ILE A O   1 
ATOM   182  C  CB  . ILE A 1 28  ? 7.374   5.232   -4.566  1.000 11.629 0  208 ILE A CB  1 
ATOM   183  C  CG1 . ILE A 1 28  ? 7.008   6.621   -5.050  1.000 12.093 0  208 ILE A CG1 1 
ATOM   184  C  CG2 . ILE A 1 28  ? 6.139   4.343   -4.509  1.000 12.259 0  208 ILE A CG2 1 
ATOM   185  C  CD1 . ILE A 1 28  ? 6.662   6.624   -6.550  1.000 12.982 0  208 ILE A CD1 1 
ATOM   186  N  N   . ASP A 1 29  ? 9.821   6.540   -2.110  1.000 11.884 0  209 ASP A N   1 
ATOM   187  C  CA  . ASP A 1 29  ? 11.114  7.269   -2.089  1.000 12.413 0  209 ASP A CA  1 
ATOM   188  C  C   . ASP A 1 29  ? 12.234  6.375   -1.547  1.000 12.594 0  209 ASP A C   1 
ATOM   189  O  O   . ASP A 1 29  ? 13.391  6.848   -1.496  1.000 14.626 0  209 ASP A O   1 
ATOM   190  C  CB  . ASP A 1 29  ? 10.989  8.590   -1.334  1.000 11.905 0  209 ASP A CB  1 
ATOM   191  C  CG  . ASP A 1 29  ? 10.682  8.469   0.149   1.000 12.284 0  209 ASP A CG  1 
ATOM   192  O  OD1 . ASP A 1 29  ? 10.556  7.320   0.670   1.000 12.211 0  209 ASP A OD1 1 
ATOM   193  O  OD2 . ASP A 1 29  ? 10.644  9.551   0.778   1.000 13.606 -1 209 ASP A OD2 1 
ATOM   194  N  N   . GLY A 1 30  ? 11.972  5.116   -1.158  1.000 13.171 0  210 GLY A N   1 
ATOM   195  C  CA  . GLY A 1 30  ? 13.017  4.235   -0.641  1.000 13.419 0  210 GLY A CA  1 
ATOM   196  C  C   . GLY A 1 30  ? 13.349  4.506   0.809   1.000 14.048 0  210 GLY A C   1 
ATOM   197  O  O   . GLY A 1 30  ? 14.272  3.940   1.306   1.000 15.218 0  210 GLY A O   1 
ATOM   198  N  N   . ASN A 1 31  ? 12.641  5.418   1.465   1.000 13.985 0  211 ASN A N   1 
ATOM   199  C  CA  . ASN A 1 31  ? 12.986  5.860   2.839   1.000 13.281 0  211 ASN A CA  1 
ATOM   200  C  C   . ASN A 1 31  ? 11.921  5.376   3.826   1.000 13.680 0  211 ASN A C   1 
ATOM   201  O  O   . ASN A 1 31  ? 10.757  5.886   3.769   1.000 11.260 0  211 ASN A O   1 
ATOM   202  C  CB  . ASN A 1 31  ? 13.098  7.371   2.854   1.000 14.529 0  211 ASN A CB  1 
ATOM   203  C  CG  . ASN A 1 31  ? 13.809  7.888   4.065   1.000 14.994 0  211 ASN A CG  1 
ATOM   204  O  OD1 . ASN A 1 31  ? 13.849  7.222   5.102   1.000 14.902 0  211 ASN A OD1 1 
ATOM   205  N  ND2 . ASN A 1 31  ? 14.350  9.100   3.916   1.000 18.530 0  211 ASN A ND2 1 
ATOM   206  N  N   . LEU A 1 32  ? 12.333  4.560   4.801   1.000 13.046 0  212 LEU A N   1 
ATOM   207  C  CA  . LEU A 1 32  ? 11.390  4.084   5.838   1.000 12.569 0  212 LEU A CA  1 
ATOM   208  C  C   . LEU A 1 32  ? 11.062  5.209   6.819   1.000 12.037 0  212 LEU A C   1 
ATOM   209  O  O   . LEU A 1 32  ? 10.139  5.003   7.617   1.000 12.063 0  212 LEU A O   1 
ATOM   210  C  CB  . LEU A 1 32  ? 11.933  2.850   6.553   1.000 13.041 0  212 LEU A CB  1 
ATOM   211  C  CG  . LEU A 1 32  ? 12.062  1.596   5.677   1.000 15.041 0  212 LEU A CG  1 
ATOM   212  C  CD1 . LEU A 1 32  ? 12.940  0.582   6.339   1.000 17.700 0  212 LEU A CD1 1 
ATOM   213  C  CD2 . LEU A 1 32  ? 10.697  0.989   5.417   1.000 15.849 0  212 LEU A CD2 1 
ATOM   214  N  N   . SER A 1 33  ? 11.733  6.363   6.780   1.000 12.691 0  213 SER A N   1 
ATOM   215  C  CA  A SER A 1 33  ? 11.446  7.476   7.724   0.500 13.829 0  213 SER A CA  1 
ATOM   216  C  CA  B SER A 1 33  ? 11.470  7.491   7.708   0.500 14.355 0  213 SER A CA  1 
ATOM   217  C  C   . SER A 1 33  ? 10.434  8.463   7.145   1.000 14.300 0  213 SER A C   1 
ATOM   218  O  O   . SER A 1 33  ? 10.098  9.441   7.863   1.000 16.045 0  213 SER A O   1 
ATOM   219  C  CB  A SER A 1 33  ? 12.715  8.200   8.131   0.500 14.194 0  213 SER A CB  1 
ATOM   220  C  CB  B SER A 1 33  ? 12.768  8.204   8.039   0.500 15.259 0  213 SER A CB  1 
ATOM   221  O  OG  A SER A 1 33  ? 13.169  9.054   7.106   0.500 15.456 0  213 SER A OG  1 
ATOM   222  O  OG  B SER A 1 33  ? 13.587  7.354   8.837   0.500 18.561 0  213 SER A OG  1 
ATOM   223  N  N   . THR A 1 34  ? 9.966   8.244   5.911   1.000 10.455 0  214 THR A N   1 
ATOM   224  C  CA  . THR A 1 34  ? 8.957   9.135   5.295   1.000 10.992 0  214 THR A CA  1 
ATOM   225  C  C   . THR A 1 34  ? 7.728   8.313   4.985   1.000 11.286 0  214 THR A C   1 
ATOM   226  O  O   . THR A 1 34  ? 7.882   7.121   4.598   1.000 10.904 0  214 THR A O   1 
ATOM   227  C  CB  . THR A 1 34  ? 9.497   9.786   4.037   1.000 11.296 0  214 THR A CB  1 
ATOM   228  O  OG1 . THR A 1 34  ? 9.684   8.735   3.102   1.000 10.700 0  214 THR A OG1 1 
ATOM   229  C  CG2 . THR A 1 34  ? 10.757  10.583  4.300   1.000 12.679 0  214 THR A CG2 1 
ATOM   230  N  N   . ARG A 1 35  ? 6.554   8.902   5.134   1.000 11.323 0  215 ARG A N   1 
ATOM   231  C  CA  . ARG A 1 35  ? 5.292   8.151   5.061   1.000 11.162 0  215 ARG A CA  1 
ATOM   232  C  C   . ARG A 1 35  ? 4.242   8.931   4.281   1.000 11.800 0  215 ARG A C   1 
ATOM   233  O  O   . ARG A 1 35  ? 4.317   10.171  4.152   1.000 11.647 0  215 ARG A O   1 
ATOM   234  C  CB  . ARG A 1 35  ? 4.714   7.859   6.449   1.000 11.649 0  215 ARG A CB  1 
ATOM   235  C  CG  . ARG A 1 35  ? 4.244   9.086   7.203   1.000 11.157 0  215 ARG A CG  1 
ATOM   236  C  CD  . ARG A 1 35  ? 3.883   8.765   8.630   1.000 12.182 0  215 ARG A CD  1 
ATOM   237  N  NE  . ARG A 1 35  ? 3.359   9.920   9.343   1.000 12.344 0  215 ARG A NE  1 
ATOM   238  C  CZ  . ARG A 1 35  ? 4.085   10.743  10.110  1.000 15.484 0  215 ARG A CZ  1 
ATOM   239  N  NH1 . ARG A 1 35  ? 5.399   10.574  10.258  1.000 16.545 1  215 ARG A NH1 1 
ATOM   240  N  NH2 . ARG A 1 35  ? 3.481   11.726  10.761  1.000 15.093 0  215 ARG A NH2 1 
ATOM   241  N  N   . TRP A 1 36  ? 3.224   8.194   3.832   1.000 10.588 0  216 TRP A N   1 
ATOM   242  C  CA  . TRP A 1 36  ? 1.903   8.781   3.527   1.000 10.103 0  216 TRP A CA  1 
ATOM   243  C  C   . TRP A 1 36  ? 1.012   8.558   4.741   1.000 11.004 0  216 TRP A C   1 
ATOM   244  O  O   . TRP A 1 36  ? 1.033   7.428   5.312   1.000 11.113 0  216 TRP A O   1 
ATOM   245  C  CB  . TRP A 1 36  ? 1.301   8.035   2.330   1.000 9.995  0  216 TRP A CB  1 
ATOM   246  C  CG  . TRP A 1 36  ? -0.168  8.269   2.167   1.000 10.876 0  216 TRP A CG  1 
ATOM   247  C  CD1 . TRP A 1 36  ? -0.788  9.416   1.817   1.000 10.926 0  216 TRP A CD1 1 
ATOM   248  C  CD2 . TRP A 1 36  ? -1.214  7.305   2.363   1.000 11.377 0  216 TRP A CD2 1 
ATOM   249  N  NE1 . TRP A 1 36  ? -2.142  9.267   1.760   1.000 11.508 0  216 TRP A NE1 1 
ATOM   250  C  CE2 . TRP A 1 36  ? -2.436  7.966   2.090   1.000 11.180 0  216 TRP A CE2 1 
ATOM   251  C  CE3 . TRP A 1 36  ? -1.243  5.955   2.716   1.000 11.982 0  216 TRP A CE3 1 
ATOM   252  C  CZ2 . TRP A 1 36  ? -3.680  7.310   2.134   1.000 12.070 0  216 TRP A CZ2 1 
ATOM   253  C  CZ3 . TRP A 1 36  ? -2.463  5.329   2.833   1.000 11.979 0  216 TRP A CZ3 1 
ATOM   254  C  CH2 . TRP A 1 36  ? -3.669  5.988   2.507   1.000 11.583 0  216 TRP A CH2 1 
ATOM   255  N  N   . SER A 1 37  ? 0.254   9.568   5.148   1.000 11.295 0  217 SER A N   1 
ATOM   256  C  CA  . SER A 1 37  ? -0.731  9.442   6.233   1.000 11.036 0  217 SER A CA  1 
ATOM   257  C  C   . SER A 1 37  ? -2.056  10.015  5.763   1.000 12.007 0  217 SER A C   1 
ATOM   258  O  O   . SER A 1 37  ? -2.084  11.154  5.279   1.000 11.778 0  217 SER A O   1 
ATOM   259  C  CB  . SER A 1 37  ? -0.278  10.101  7.503   1.000 11.286 0  217 SER A CB  1 
ATOM   260  O  OG  . SER A 1 37  ? 0.890   9.508   8.058   1.000 12.279 0  217 SER A OG  1 
ATOM   261  N  N   . ALA A 1 38  ? -3.116  9.313   6.088   1.000 12.072 0  218 ALA A N   1 
ATOM   262  C  CA  . ALA A 1 38  ? -4.499  9.798   5.915   1.000 12.438 0  218 ALA A CA  1 
ATOM   263  C  C   . ALA A 1 38  ? -5.332  9.203   7.026   1.000 13.532 0  218 ALA A C   1 
ATOM   264  O  O   . ALA A 1 38  ? -5.272  7.994   7.280   1.000 13.385 0  218 ALA A O   1 
ATOM   265  C  CB  . ALA A 1 38  ? -5.027  9.449   4.533   1.000 13.870 0  218 ALA A CB  1 
ATOM   266  N  N   . ASN A 1 39  ? -6.192  10.031  7.602   1.000 14.578 0  219 ASN A N   1 
ATOM   267  C  CA  . ASN A 1 39  ? -6.938  9.641   8.800   1.000 14.896 0  219 ASN A CA  1 
ATOM   268  C  C   . ASN A 1 39  ? -8.309  9.115   8.394   1.000 15.272 0  219 ASN A C   1 
ATOM   269  O  O   . ASN A 1 39  ? -8.990  9.773   7.565   1.000 16.835 0  219 ASN A O   1 
ATOM   270  C  CB  . ASN A 1 39  ? -7.062  10.801  9.779   1.000 15.651 0  219 ASN A CB  1 
ATOM   271  C  CG  . ASN A 1 39  ? -7.550  10.341  11.136  1.000 19.899 0  219 ASN A CG  1 
ATOM   272  O  OD1 . ASN A 1 39  ? -7.434  9.179   11.534  1.000 16.854 0  219 ASN A OD1 1 
ATOM   273  N  ND2 . ASN A 1 39  ? -8.137  11.286  11.850  1.000 23.122 0  219 ASN A ND2 1 
ATOM   274  N  N   . GLY A 1 40  ? -8.668  7.968   8.962   1.000 15.429 0  220 GLY A N   1 
ATOM   275  C  CA  . GLY A 1 40  ? -10.028 7.433   8.861   1.000 16.861 0  220 GLY A CA  1 
ATOM   276  C  C   . GLY A 1 40  ? -10.124 6.153   8.078   1.000 16.832 0  220 GLY A C   1 
ATOM   277  O  O   . GLY A 1 40  ? -9.410  5.945   7.074   1.000 15.986 0  220 GLY A O   1 
ATOM   278  N  N   . SER A 1 41  ? -11.010 5.284   8.517   1.000 17.620 0  221 SER A N   1 
ATOM   279  C  CA  . SER A 1 41  ? -11.272 3.992   7.861   1.000 17.144 0  221 SER A CA  1 
ATOM   280  C  C   . SER A 1 41  ? -11.842 4.262   6.470   1.000 17.715 0  221 SER A C   1 
ATOM   281  O  O   . SER A 1 41  ? -12.731 5.138   6.333   1.000 18.076 0  221 SER A O   1 
ATOM   282  C  CB  . SER A 1 41  ? -12.151 3.142   8.719   1.000 18.669 0  221 SER A CB  1 
ATOM   283  O  OG  . SER A 1 41  ? -12.534 2.011   7.995   1.000 21.332 0  221 SER A OG  1 
ATOM   284  N  N   . GLY A 1 42  ? -11.250 3.648   5.443   1.000 15.208 0  222 GLY A N   1 
ATOM   285  C  CA  . GLY A 1 42  ? -11.697 3.754   4.053   1.000 15.099 0  222 GLY A CA  1 
ATOM   286  C  C   . GLY A 1 42  ? -10.830 4.674   3.206   1.000 12.688 0  222 GLY A C   1 
ATOM   287  O  O   . GLY A 1 42  ? -11.110 4.786   1.975   1.000 14.740 0  222 GLY A O   1 
ATOM   288  N  N   . GLN A 1 43  ? -9.869  5.375   3.796   1.000 13.469 0  223 GLN A N   1 
ATOM   289  C  CA  A GLN A 1 43  ? -8.873  6.174   3.034   0.500 13.116 0  223 GLN A CA  1 
ATOM   290  C  CA  B GLN A 1 43  ? -8.927  6.177   2.972   0.500 13.179 0  223 GLN A CA  1 
ATOM   291  C  C   . GLN A 1 43  ? -8.083  5.208   2.151   1.000 13.266 0  223 GLN A C   1 
ATOM   292  O  O   . GLN A 1 43  ? -7.937  4.061   2.550   1.000 13.584 0  223 GLN A O   1 
ATOM   293  C  CB  A GLN A 1 43  ? -7.914  6.927   3.953   0.500 13.737 0  223 GLN A CB  1 
ATOM   294  C  CB  B GLN A 1 43  ? -8.025  7.096   3.784   0.500 13.657 0  223 GLN A CB  1 
ATOM   295  C  CG  A GLN A 1 43  ? -8.572  7.969   4.856   0.500 13.421 0  223 GLN A CG  1 
ATOM   296  C  CG  B GLN A 1 43  ? -8.783  8.104   4.639   0.500 13.471 0  223 GLN A CG  1 
ATOM   297  C  CD  A GLN A 1 43  ? -8.886  9.282   4.168   0.500 13.676 0  223 GLN A CD  1 
ATOM   298  C  CD  B GLN A 1 43  ? -9.676  9.032   3.851   0.500 13.414 0  223 GLN A CD  1 
ATOM   299  O  OE1 A GLN A 1 43  ? -8.957  9.398   2.950   0.500 14.598 0  223 GLN A OE1 1 
ATOM   300  O  OE1 B GLN A 1 43  ? -9.539  9.236   2.647   0.500 12.790 0  223 GLN A OE1 1 
ATOM   301  N  NE2 A GLN A 1 43  ? -9.148  10.307  4.965   0.500 14.015 0  223 GLN A NE2 1 
ATOM   302  N  NE2 B GLN A 1 43  ? -10.584 9.686   4.564   0.500 14.613 0  223 GLN A NE2 1 
ATOM   303  N  N   . TYR A 1 44  ? -7.552  5.671   1.042   1.000 12.476 0  224 TYR A N   1 
ATOM   304  C  CA  . TYR A 1 44  ? -6.804  4.770   0.131   1.000 12.742 0  224 TYR A CA  1 
ATOM   305  C  C   . TYR A 1 44  ? -5.732  5.501   -0.628  1.000 12.624 0  224 TYR A C   1 
ATOM   306  O  O   . TYR A 1 44  ? -5.734  6.726   -0.738  1.000 11.082 0  224 TYR A O   1 
ATOM   307  C  CB  . TYR A 1 44  ? -7.764  4.085   -0.835  1.000 13.253 0  224 TYR A CB  1 
ATOM   308  C  CG  . TYR A 1 44  ? -8.673  4.978   -1.621  1.000 13.911 0  224 TYR A CG  1 
ATOM   309  C  CD1 . TYR A 1 44  ? -8.233  5.669   -2.726  1.000 13.507 0  224 TYR A CD1 1 
ATOM   310  C  CD2 . TYR A 1 44  ? -10.013 5.086   -1.261  1.000 14.977 0  224 TYR A CD2 1 
ATOM   311  C  CE1 . TYR A 1 44  ? -9.110  6.423   -3.495  1.000 14.552 0  224 TYR A CE1 1 
ATOM   312  C  CE2 . TYR A 1 44  ? -10.895 5.813   -2.041  1.000 15.037 0  224 TYR A CE2 1 
ATOM   313  C  CZ  . TYR A 1 44  ? -10.449 6.493   -3.155  1.000 16.531 0  224 TYR A CZ  1 
ATOM   314  O  OH  . TYR A 1 44  ? -11.328 7.268   -3.873  1.000 20.168 0  224 TYR A OH  1 
ATOM   315  N  N   . ILE A 1 45  ? -4.788  4.709   -1.130  1.000 12.490 0  225 ILE A N   1 
ATOM   316  C  CA  . ILE A 1 45  ? -3.641  5.182   -1.917  1.000 11.603 0  225 ILE A CA  1 
ATOM   317  C  C   . ILE A 1 45  ? -3.532  4.309   -3.160  1.000 11.605 0  225 ILE A C   1 
ATOM   318  O  O   . ILE A 1 45  ? -3.686  3.061   -3.049  1.000 11.502 0  225 ILE A O   1 
ATOM   319  C  CB  . ILE A 1 45  ? -2.354  5.188   -1.078  1.000 11.343 0  225 ILE A CB  1 
ATOM   320  C  CG1 . ILE A 1 45  ? -1.180  5.756   -1.860  1.000 11.194 0  225 ILE A CG1 1 
ATOM   321  C  CG2 . ILE A 1 45  ? -2.064  3.817   -0.402  1.000 11.822 0  225 ILE A CG2 1 
ATOM   322  C  CD1 . ILE A 1 45  ? -0.017  6.139   -0.930  1.000 11.907 0  225 ILE A CD1 1 
ATOM   323  N  N   . THR A 1 46  ? -3.333  4.903   -4.294  1.000 11.053 0  226 THR A N   1 
ATOM   324  C  CA  . THR A 1 46  ? -3.386  4.215   -5.599  1.000 11.198 0  226 THR A CA  1 
ATOM   325  C  C   . THR A 1 46  ? -2.067  4.372   -6.322  1.000 10.978 0  226 THR A C   1 
ATOM   326  O  O   . THR A 1 46  ? -1.635  5.518   -6.611  1.000 11.573 0  226 THR A O   1 
ATOM   327  C  CB  . THR A 1 46  ? -4.546  4.705   -6.478  1.000 11.756 0  226 THR A CB  1 
ATOM   328  O  OG1 . THR A 1 46  ? -5.727  4.722   -5.668  1.000 12.965 0  226 THR A OG1 1 
ATOM   329  C  CG2 . THR A 1 46  ? -4.715  3.787   -7.670  1.000 13.343 0  226 THR A CG2 1 
ATOM   330  N  N   . PHE A 1 47  ? -1.441  3.257   -6.671  1.000 11.058 0  227 PHE A N   1 
ATOM   331  C  CA  . PHE A 1 47  ? -0.142  3.163   -7.356  1.000 12.613 0  227 PHE A CA  1 
ATOM   332  C  C   . PHE A 1 47  ? -0.369  2.855   -8.815  1.000 13.246 0  227 PHE A C   1 
ATOM   333  O  O   . PHE A 1 47  ? -1.169  1.957   -9.126  1.000 13.070 0  227 PHE A O   1 
ATOM   334  C  CB  . PHE A 1 47  ? 0.702   2.063   -6.725  1.000 12.790 0  227 PHE A CB  1 
ATOM   335  C  CG  . PHE A 1 47  ? 0.855   2.300   -5.267  1.000 11.811 0  227 PHE A CG  1 
ATOM   336  C  CD1 . PHE A 1 47  ? 1.819   3.183   -4.782  1.000 12.981 0  227 PHE A CD1 1 
ATOM   337  C  CD2 . PHE A 1 47  ? -0.020  1.737   -4.368  1.000 12.705 0  227 PHE A CD2 1 
ATOM   338  C  CE1 . PHE A 1 47  ? 1.875   3.441   -3.425  1.000 13.401 0  227 PHE A CE1 1 
ATOM   339  C  CE2 . PHE A 1 47  ? 0.053   2.007   -3.006  1.000 13.751 0  227 PHE A CE2 1 
ATOM   340  C  CZ  . PHE A 1 47  ? 0.990   2.882   -2.559  1.000 13.423 0  227 PHE A CZ  1 
ATOM   341  N  N   . ASP A 1 48  ? 0.293   3.598   -9.702  1.000 12.392 0  228 ASP A N   1 
ATOM   342  C  CA  . ASP A 1 48  ? 0.166   3.452   -11.163 1.000 13.239 0  228 ASP A CA  1 
ATOM   343  C  C   . ASP A 1 48  ? 1.462   2.823   -11.687 1.000 12.983 0  228 ASP A C   1 
ATOM   344  O  O   . ASP A 1 48  ? 2.527   3.459   -11.528 1.000 12.954 0  228 ASP A O   1 
ATOM   345  C  CB  . ASP A 1 48  ? -0.103  4.818   -11.771 1.000 15.696 0  228 ASP A CB  1 
ATOM   346  C  CG  . ASP A 1 48  ? -0.352  4.831   -13.256 1.000 17.245 0  228 ASP A CG  1 
ATOM   347  O  OD1 . ASP A 1 48  ? -0.297  3.757   -13.906 1.000 15.177 0  228 ASP A OD1 1 
ATOM   348  O  OD2 . ASP A 1 48  ? -0.670  5.931   -13.727 1.000 22.153 -1 228 ASP A OD2 1 
ATOM   349  N  N   . LEU A 1 49  ? 1.339   1.709   -12.412 1.000 12.160 0  229 LEU A N   1 
ATOM   350  C  CA  . LEU A 1 49  ? 2.511   1.058   -13.028 1.000 12.347 0  229 LEU A CA  1 
ATOM   351  C  C   . LEU A 1 49  ? 2.788   1.626   -14.416 1.000 13.386 0  229 LEU A C   1 
ATOM   352  O  O   . LEU A 1 49  ? 3.853   1.221   -15.024 1.000 14.584 0  229 LEU A O   1 
ATOM   353  C  CB  . LEU A 1 49  ? 2.323   -0.453  -13.093 1.000 12.289 0  229 LEU A CB  1 
ATOM   354  C  CG  . LEU A 1 49  ? 2.076   -1.149  -11.758 1.000 12.038 0  229 LEU A CG  1 
ATOM   355  C  CD1 . LEU A 1 49  ? 1.981   -2.672  -11.951 1.000 12.109 0  229 LEU A CD1 1 
ATOM   356  C  CD2 . LEU A 1 49  ? 3.141   -0.812  -10.717 1.000 12.169 0  229 LEU A CD2 1 
ATOM   357  N  N   . GLY A 1 50  ? 1.851   2.423   -14.948 1.000 15.093 0  230 GLY A N   1 
ATOM   358  C  CA  . GLY A 1 50  ? 2.041   3.099   -16.252 1.000 16.054 0  230 GLY A CA  1 
ATOM   359  C  C   . GLY A 1 50  ? 1.420   2.284   -17.378 1.000 16.671 0  230 GLY A C   1 
ATOM   360  O  O   . GLY A 1 50  ? 1.030   2.859   -18.379 1.000 20.209 0  230 GLY A O   1 
ATOM   361  N  N   . SER A 1 51  ? 1.308   0.974   -17.223 1.000 17.343 0  231 SER A N   1 
ATOM   362  C  CA  . SER A 1 51  ? 0.671   0.086   -18.208 1.000 17.670 0  231 SER A CA  1 
ATOM   363  C  C   . SER A 1 51  ? 0.340   -1.197  -17.460 1.000 16.892 0  231 SER A C   1 
ATOM   364  O  O   . SER A 1 51  ? 0.750   -1.322  -16.303 1.000 16.242 0  231 SER A O   1 
ATOM   365  C  CB  . SER A 1 51  ? 1.574   -0.177  -19.384 1.000 18.812 0  231 SER A CB  1 
ATOM   366  O  OG  . SER A 1 51  ? 2.786   -0.761  -18.959 1.000 19.696 0  231 SER A OG  1 
ATOM   367  N  N   . ALA A 1 52  ? -0.427  -2.076  -18.074 1.000 17.953 0  232 ALA A N   1 
ATOM   368  C  CA  . ALA A 1 52  ? -0.909  -3.291  -17.397 1.000 17.693 0  232 ALA A CA  1 
ATOM   369  C  C   . ALA A 1 52  ? 0.230   -4.309  -17.300 1.000 16.111 0  232 ALA A C   1 
ATOM   370  O  O   . ALA A 1 52  ? 0.843   -4.655  -18.345 1.000 17.763 0  232 ALA A O   1 
ATOM   371  C  CB  . ALA A 1 52  ? -2.066  -3.876  -18.167 1.000 19.137 0  232 ALA A CB  1 
ATOM   372  N  N   . LYS A 1 53  ? 0.476   -4.836  -16.095 1.000 14.228 0  233 LYS A N   1 
ATOM   373  C  CA  . LYS A 1 53  ? 1.564   -5.786  -15.836 1.000 13.845 0  233 LYS A CA  1 
ATOM   374  C  C   . LYS A 1 53  ? 0.993   -6.978  -15.084 1.000 13.109 0  233 LYS A C   1 
ATOM   375  O  O   . LYS A 1 53  ? -0.027  -6.818  -14.406 1.000 12.751 0  233 LYS A O   1 
ATOM   376  C  CB  . LYS A 1 53  ? 2.635   -5.177  -14.928 1.000 16.208 0  233 LYS A CB  1 
ATOM   377  C  CG  . LYS A 1 53  ? 3.137   -3.811  -15.356 1.000 18.448 0  233 LYS A CG  1 
ATOM   378  C  CD  . LYS A 1 53  ? 4.077   -3.957  -16.455 1.000 20.093 0  233 LYS A CD  1 
ATOM   379  C  CE  . LYS A 1 53  ? 4.767   -2.656  -16.785 1.000 21.404 0  233 LYS A CE  1 
ATOM   380  N  NZ  . LYS A 1 53  ? 5.401   -2.782  -18.112 1.000 25.089 1  233 LYS A NZ  1 
ATOM   381  N  N   . THR A 1 54  ? 1.667   -8.105  -15.160 1.000 12.897 0  234 THR A N   1 
ATOM   382  C  CA  . THR A 1 54  ? 1.329   -9.281  -14.312 1.000 11.996 0  234 THR A CA  1 
ATOM   383  C  C   . THR A 1 54  ? 1.825   -9.043  -12.892 1.000 11.456 0  234 THR A C   1 
ATOM   384  O  O   . THR A 1 54  ? 2.972   -8.783  -12.711 1.000 12.165 0  234 THR A O   1 
ATOM   385  C  CB  . THR A 1 54  ? 1.893   -10.573 -14.867 1.000 14.529 0  234 THR A CB  1 
ATOM   386  O  OG1 . THR A 1 54  ? 1.377   -10.722 -16.198 1.000 16.879 0  234 THR A OG1 1 
ATOM   387  C  CG2 . THR A 1 54  ? 1.480   -11.741 -14.009 1.000 15.790 0  234 THR A CG2 1 
ATOM   388  N  N   . VAL A 1 55  ? 0.930   -9.034  -11.930 1.000 11.359 0  235 VAL A N   1 
ATOM   389  C  CA  . VAL A 1 55  ? 1.253   -8.724  -10.534 1.000 11.505 0  235 VAL A CA  1 
ATOM   390  C  C   . VAL A 1 55  ? 0.790   -9.878  -9.658  1.000 10.473 0  235 VAL A C   1 
ATOM   391  O  O   . VAL A 1 55  ? -0.356  -10.328 -9.850  1.000 11.068 0  235 VAL A O   1 
ATOM   392  C  CB  . VAL A 1 55  ? 0.587   -7.408  -10.113 1.000 12.068 0  235 VAL A CB  1 
ATOM   393  C  CG1 . VAL A 1 55  ? 0.819   -7.091  -8.687  1.000 11.872 0  235 VAL A CG1 1 
ATOM   394  C  CG2 . VAL A 1 55  ? 0.997   -6.201  -10.961 1.000 13.125 0  235 VAL A CG2 1 
ATOM   395  N  N   . ASN A 1 56  ? 1.594   -10.273 -8.692  1.000 10.311 0  236 ASN A N   1 
ATOM   396  C  CA  . ASN A 1 56  ? 1.155   -11.271 -7.707  1.000 9.277  0  236 ASN A CA  1 
ATOM   397  C  C   . ASN A 1 56  ? 1.580   -10.965 -6.280  1.000 10.774 0  236 ASN A C   1 
ATOM   398  O  O   . ASN A 1 56  ? 1.415   -11.820 -5.391  1.000 10.454 0  236 ASN A O   1 
ATOM   399  C  CB  . ASN A 1 56  ? 1.573   -12.689 -8.145  1.000 10.723 0  236 ASN A CB  1 
ATOM   400  C  CG  . ASN A 1 56  ? 3.083   -12.868 -8.163  1.000 13.613 0  236 ASN A CG  1 
ATOM   401  O  OD1 . ASN A 1 56  ? 3.813   -11.948 -7.738  1.000 13.649 0  236 ASN A OD1 1 
ATOM   402  N  ND2 . ASN A 1 56  ? 3.536   -14.039 -8.574  1.000 14.061 0  236 ASN A ND2 1 
ATOM   403  N  N   . GLN A 1 57  ? 2.156   -9.788  -6.055  1.000 10.017 0  237 GLN A N   1 
ATOM   404  C  CA  . GLN A 1 57  ? 2.688   -9.490  -4.711  1.000 11.574 0  237 GLN A CA  1 
ATOM   405  C  C   . GLN A 1 57  ? 2.818   -7.979  -4.545  1.000 11.012 0  237 GLN A C   1 
ATOM   406  O  O   . GLN A 1 57  ? 3.267   -7.239  -5.436  1.000 10.677 0  237 GLN A O   1 
ATOM   407  C  CB  . GLN A 1 57  ? 4.038   -10.148 -4.501  1.000 11.857 0  237 GLN A CB  1 
ATOM   408  C  CG  . GLN A 1 57  ? 4.533   -10.014 -3.093  1.000 14.294 0  237 GLN A CG  1 
ATOM   409  C  CD  . GLN A 1 57  ? 5.779   -10.860 -2.944  1.000 20.829 0  237 GLN A CD  1 
ATOM   410  O  OE1 . GLN A 1 57  ? 5.726   -12.065 -2.667  1.000 23.600 0  237 GLN A OE1 1 
ATOM   411  N  NE2 . GLN A 1 57  ? 6.864   -10.258 -3.316  1.000 20.301 0  237 GLN A NE2 1 
ATOM   412  N  N   . VAL A 1 58  ? 2.316   -7.519  -3.408  1.000 10.803 0  238 VAL A N   1 
ATOM   413  C  CA  . VAL A 1 58  ? 2.443   -6.120  -2.984  1.000 11.000 0  238 VAL A CA  1 
ATOM   414  C  C   . VAL A 1 58  ? 3.141   -6.176  -1.647  1.000 10.846 0  238 VAL A C   1 
ATOM   415  O  O   . VAL A 1 58  ? 2.682   -6.882  -0.781  1.000 11.437 0  238 VAL A O   1 
ATOM   416  C  CB  . VAL A 1 58  ? 1.100   -5.389  -2.918  1.000 10.630 0  238 VAL A CB  1 
ATOM   417  C  CG1 . VAL A 1 58  ? 1.262   -4.051  -2.253  1.000 11.310 0  238 VAL A CG1 1 
ATOM   418  C  CG2 . VAL A 1 58  ? 0.447   -5.307  -4.269  1.000 10.812 0  238 VAL A CG2 1 
ATOM   419  N  N   . LYS A 1 59  ? 4.195   -5.402  -1.503  1.000 10.842 0  239 LYS A N   1 
ATOM   420  C  CA  . LYS A 1 59  ? 4.847   -5.252  -0.191  1.000 10.802 0  239 LYS A CA  1 
ATOM   421  C  C   . LYS A 1 59  ? 4.556   -3.854  0.332   1.000 9.768  0  239 LYS A C   1 
ATOM   422  O  O   . LYS A 1 59  ? 4.605   -2.843  -0.403  1.000 10.916 0  239 LYS A O   1 
ATOM   423  C  CB  . LYS A 1 59  ? 6.363   -5.446  -0.244  1.000 11.041 0  239 LYS A CB  1 
ATOM   424  C  CG  . LYS A 1 59  ? 6.849   -6.761  -0.824  1.000 12.661 0  239 LYS A CG  1 
ATOM   425  C  CD  . LYS A 1 59  ? 8.369   -6.909  -0.738  1.000 15.018 0  239 LYS A CD  1 
ATOM   426  C  CE  . LYS A 1 59  ? 8.837   -8.243  -1.267  1.000 19.307 0  239 LYS A CE  1 
ATOM   427  N  NZ  . LYS A 1 59  ? 10.166  -8.569  -0.712  1.000 24.337 1  239 LYS A NZ  1 
ATOM   428  N  N   . ALA A 1 60  ? 4.230   -3.787  1.614   1.000 9.748  0  240 ALA A N   1 
ATOM   429  C  CA  . ALA A 1 60  ? 4.057   -2.485  2.302   1.000 9.445  0  240 ALA A CA  1 
ATOM   430  C  C   . ALA A 1 60  ? 4.797   -2.513  3.625   1.000 9.930  0  240 ALA A C   1 
ATOM   431  O  O   . ALA A 1 60  ? 4.759   -3.527  4.354   1.000 10.358 0  240 ALA A O   1 
ATOM   432  C  CB  . ALA A 1 60  ? 2.606   -2.120  2.502   1.000 10.370 0  240 ALA A CB  1 
ATOM   433  N  N   . ALA A 1 61  ? 5.476   -1.417  3.887   1.000 10.088 0  241 ALA A N   1 
ATOM   434  C  CA  . ALA A 1 61  ? 6.077   -1.110  5.200   1.000 10.487 0  241 ALA A CA  1 
ATOM   435  C  C   . ALA A 1 61  ? 5.173   -0.119  5.896   1.000 9.658  0  241 ALA A C   1 
ATOM   436  O  O   . ALA A 1 61  ? 4.811   0.920   5.321   1.000 10.901 0  241 ALA A O   1 
ATOM   437  C  CB  . ALA A 1 61  ? 7.487   -0.588  5.035   1.000 9.756  0  241 ALA A CB  1 
ATOM   438  N  N   . TRP A 1 62  ? 4.853   -0.416  7.143   1.000 9.507  0  242 TRP A N   1 
ATOM   439  C  CA  . TRP A 1 62  ? 3.881   0.348   7.941   1.000 10.593 0  242 TRP A CA  1 
ATOM   440  C  C   . TRP A 1 62  ? 4.564   1.270   8.945   1.000 10.982 0  242 TRP A C   1 
ATOM   441  O  O   . TRP A 1 62  ? 5.566   0.892   9.558   1.000 10.254 0  242 TRP A O   1 
ATOM   442  C  CB  . TRP A 1 62  ? 2.954   -0.621  8.644   1.000 11.538 0  242 TRP A CB  1 
ATOM   443  C  CG  . TRP A 1 62  ? 2.130   -1.401  7.677   1.000 11.140 0  242 TRP A CG  1 
ATOM   444  C  CD1 . TRP A 1 62  ? 2.440   -2.629  7.177   1.000 12.342 0  242 TRP A CD1 1 
ATOM   445  C  CD2 . TRP A 1 62  ? 0.868   -1.026  7.121   1.000 11.782 0  242 TRP A CD2 1 
ATOM   446  N  NE1 . TRP A 1 62  ? 1.490   -3.014  6.273   1.000 12.197 0  242 TRP A NE1 1 
ATOM   447  C  CE2 . TRP A 1 62  ? 0.492   -2.069  6.232   1.000 11.676 0  242 TRP A CE2 1 
ATOM   448  C  CE3 . TRP A 1 62  ? 0.045   0.100   7.260   1.000 11.751 0  242 TRP A CE3 1 
ATOM   449  C  CZ2 . TRP A 1 62  ? -0.709  -1.998  5.512   1.000 11.945 0  242 TRP A CZ2 1 
ATOM   450  C  CZ3 . TRP A 1 62  ? -1.115  0.172   6.532   1.000 11.057 0  242 TRP A CZ3 1 
ATOM   451  C  CH2 . TRP A 1 62  ? -1.475  -0.864  5.657   1.000 10.800 0  242 TRP A CH2 1 
ATOM   452  N  N   . TYR A 1 63  ? 4.020   2.469   9.065   1.000 10.863 0  243 TYR A N   1 
ATOM   453  C  CA  . TYR A 1 63  ? 4.510   3.428   10.090  1.000 11.696 0  243 TYR A CA  1 
ATOM   454  C  C   . TYR A 1 63  ? 4.242   2.822   11.458  1.000 11.359 0  243 TYR A C   1 
ATOM   455  O  O   . TYR A 1 63  ? 3.131   2.329   11.677  1.000 11.949 0  243 TYR A O   1 
ATOM   456  C  CB  . TYR A 1 63  ? 3.759   4.744   9.971   1.000 12.603 0  243 TYR A CB  1 
ATOM   457  C  CG  . TYR A 1 63  ? 4.136   5.808   10.966  1.000 13.254 0  243 TYR A CG  1 
ATOM   458  C  CD1 . TYR A 1 63  ? 5.413   6.345   10.991  1.000 14.611 0  243 TYR A CD1 1 
ATOM   459  C  CD2 . TYR A 1 63  ? 3.184   6.290   11.843  1.000 14.250 0  243 TYR A CD2 1 
ATOM   460  C  CE1 . TYR A 1 63  ? 5.732   7.367   11.861  1.000 15.747 0  243 TYR A CE1 1 
ATOM   461  C  CE2 . TYR A 1 63  ? 3.496   7.328   12.706  1.000 15.980 0  243 TYR A CE2 1 
ATOM   462  C  CZ  . TYR A 1 63  ? 4.768   7.843   12.724  1.000 16.974 0  243 TYR A CZ  1 
ATOM   463  O  OH  . TYR A 1 63  ? 5.032   8.844   13.628  1.000 18.576 0  243 TYR A OH  1 
ATOM   464  N  N   . ASN A 1 64  ? 5.233   2.826   12.345  1.000 12.362 0  244 ASN A N   1 
ATOM   465  C  CA  . ASN A 1 64  ? 5.084   2.197   13.679  1.000 12.899 0  244 ASN A CA  1 
ATOM   466  C  C   . ASN A 1 64  ? 4.692   0.729   13.490  1.000 13.086 0  244 ASN A C   1 
ATOM   467  O  O   . ASN A 1 64  ? 3.899   0.163   14.280  1.000 12.507 0  244 ASN A O   1 
ATOM   468  C  CB  . ASN A 1 64  ? 4.100   2.959   14.560  1.000 15.364 0  244 ASN A CB  1 
ATOM   469  C  CG  . ASN A 1 64  ? 4.641   4.281   15.051  1.000 18.845 0  244 ASN A CG  1 
ATOM   470  O  OD1 . ASN A 1 64  ? 5.840   4.512   14.997  1.000 21.846 0  244 ASN A OD1 1 
ATOM   471  N  ND2 . ASN A 1 64  ? 3.756   5.136   15.517  1.000 22.376 0  244 ASN A ND2 1 
ATOM   472  N  N   . GLY A 1 65  ? 5.219   0.101   12.442  1.000 11.985 0  245 GLY A N   1 
ATOM   473  C  CA  . GLY A 1 65  ? 4.766   -1.223  12.038  1.000 13.096 0  245 GLY A CA  1 
ATOM   474  C  C   . GLY A 1 65  ? 5.152   -2.283  13.033  1.000 13.096 0  245 GLY A C   1 
ATOM   475  O  O   . GLY A 1 65  ? 4.543   -3.387  12.984  1.000 13.972 0  245 GLY A O   1 
ATOM   476  N  N   . ASP A 1 66  ? 6.105   -2.009  13.907  1.000 13.839 0  246 ASP A N   1 
ATOM   477  C  CA  . ASP A 1 66  ? 6.540   -2.996  14.913  1.000 14.137 0  246 ASP A CA  1 
ATOM   478  C  C   . ASP A 1 66  ? 5.779   -2.792  16.228  1.000 14.121 0  246 ASP A C   1 
ATOM   479  O  O   . ASP A 1 66  ? 6.161   -3.447  17.207  1.000 16.335 0  246 ASP A O   1 
ATOM   480  C  CB  . ASP A 1 66  ? 8.052   -2.949  15.112  1.000 14.733 0  246 ASP A CB  1 
ATOM   481  C  CG  . ASP A 1 66  ? 8.527   -1.694  15.797  1.000 15.527 0  246 ASP A CG  1 
ATOM   482  O  OD1 . ASP A 1 66  ? 7.741   -0.746  15.929  1.000 18.381 0  246 ASP A OD1 1 
ATOM   483  O  OD2 . ASP A 1 66  ? 9.687   -1.674  16.158  1.000 18.664 -1 246 ASP A OD2 1 
ATOM   484  N  N   . SER A 1 67  ? 4.765   -1.917  16.269  1.000 13.144 0  247 SER A N   1 
ATOM   485  C  CA  A SER A 1 67  ? 4.065   -1.616  17.549  0.500 13.563 0  247 SER A CA  1 
ATOM   486  C  CA  B SER A 1 67  ? 4.075   -1.532  17.532  0.500 14.399 0  247 SER A CA  1 
ATOM   487  C  C   . SER A 1 67  ? 2.545   -1.516  17.387  1.000 14.258 0  247 SER A C   1 
ATOM   488  O  O   . SER A 1 67  ? 1.861   -1.308  18.409  1.000 15.308 0  247 SER A O   1 
ATOM   489  C  CB  A SER A 1 67  ? 4.618   -0.377  18.191  0.500 13.215 0  247 SER A CB  1 
ATOM   490  C  CB  B SER A 1 67  ? 4.565   -0.196  18.011  0.500 15.174 0  247 SER A CB  1 
ATOM   491  O  OG  A SER A 1 67  ? 4.231   0.792   17.481  0.500 13.022 0  247 SER A OG  1 
ATOM   492  O  OG  B SER A 1 67  ? 5.988   -0.160  18.068  0.500 17.004 0  247 SER A OG  1 
ATOM   493  N  N   . ARG A 1 68  ? 2.008   -1.725  16.191  1.000 12.805 0  248 ARG A N   1 
ATOM   494  C  CA  . ARG A 1 68  ? 0.555   -1.698  16.005  1.000 12.574 0  248 ARG A CA  1 
ATOM   495  C  C   . ARG A 1 68  ? 0.206   -2.483  14.740  1.000 13.392 0  248 ARG A C   1 
ATOM   496  O  O   . ARG A 1 68  ? 1.074   -2.629  13.862  1.000 12.866 0  248 ARG A O   1 
ATOM   497  C  CB  . ARG A 1 68  ? 0.071   -0.251  15.944  1.000 14.136 0  248 ARG A CB  1 
ATOM   498  C  CG  . ARG A 1 68  ? 0.355   0.426   14.612  1.000 13.498 0  248 ARG A CG  1 
ATOM   499  C  CD  . ARG A 1 68  ? 0.215   1.924   14.721  1.000 14.391 0  248 ARG A CD  1 
ATOM   500  N  NE  . ARG A 1 68  ? 0.023   2.549   13.413  1.000 13.567 0  248 ARG A NE  1 
ATOM   501  C  CZ  . ARG A 1 68  ? -0.106  3.852   13.226  1.000 12.543 0  248 ARG A CZ  1 
ATOM   502  N  NH1 . ARG A 1 68  ? -0.012  4.722   14.250  1.000 14.898 1  248 ARG A NH1 1 
ATOM   503  N  NH2 . ARG A 1 68  ? -0.307  4.277   11.998  1.000 13.205 0  248 ARG A NH2 1 
ATOM   504  N  N   . THR A 1 69  ? -1.032  -2.927  14.674  1.000 12.708 0  249 THR A N   1 
ATOM   505  C  CA  . THR A 1 69  ? -1.568  -3.648  13.506  1.000 13.057 0  249 THR A CA  1 
ATOM   506  C  C   . THR A 1 69  ? -2.528  -2.730  12.750  1.000 13.816 0  249 THR A C   1 
ATOM   507  O  O   . THR A 1 69  ? -3.293  -1.953  13.372  1.000 15.396 0  249 THR A O   1 
ATOM   508  C  CB  . THR A 1 69  ? -2.262  -4.949  13.925  1.000 14.974 0  249 THR A CB  1 
ATOM   509  O  OG1 . THR A 1 69  ? -3.296  -4.642  14.874  1.000 14.857 0  249 THR A OG1 1 
ATOM   510  C  CG2 . THR A 1 69  ? -1.289  -5.921  14.556  1.000 15.741 0  249 THR A CG2 1 
ATOM   511  N  N   . SER A 1 70  ? -2.488  -2.774  11.436  1.000 13.418 0  250 SER A N   1 
ATOM   512  C  CA  . SER A 1 70  ? -3.274  -1.886  10.582  1.000 13.301 0  250 SER A CA  1 
ATOM   513  C  C   . SER A 1 70  ? -4.087  -2.746  9.613   1.000 13.631 0  250 SER A C   1 
ATOM   514  O  O   . SER A 1 70  ? -3.524  -3.619  8.958   1.000 13.665 0  250 SER A O   1 
ATOM   515  C  CB  . SER A 1 70  ? -2.344  -0.851  9.893   1.000 15.472 0  250 SER A CB  1 
ATOM   516  O  OG  . SER A 1 70  ? -2.944  0.445   9.785   1.000 19.526 0  250 SER A OG  1 
ATOM   517  N  N   . GLY A 1 71  ? -5.390  -2.510  9.542   1.000 12.763 0  251 GLY A N   1 
ATOM   518  C  CA  . GLY A 1 71  ? -6.269  -3.249  8.632   1.000 12.723 0  251 GLY A CA  1 
ATOM   519  C  C   . GLY A 1 71  ? -6.299  -2.632  7.251   1.000 11.259 0  251 GLY A C   1 
ATOM   520  O  O   . GLY A 1 71  ? -6.162  -1.422  7.095   1.000 12.422 0  251 GLY A O   1 
ATOM   521  N  N   . PHE A 1 72  ? -6.327  -3.476  6.226   1.000 12.009 0  252 PHE A N   1 
ATOM   522  C  CA  . PHE A 1 72  ? -6.250  -2.986  4.836   1.000 11.541 0  252 PHE A CA  1 
ATOM   523  C  C   . PHE A 1 72  ? -6.795  -4.026  3.862   1.000 11.288 0  252 PHE A C   1 
ATOM   524  O  O   . PHE A 1 72  ? -7.035  -5.164  4.204   1.000 12.045 0  252 PHE A O   1 
ATOM   525  C  CB  . PHE A 1 72  ? -4.799  -2.635  4.473   1.000 11.769 0  252 PHE A CB  1 
ATOM   526  C  CG  . PHE A 1 72  ? -3.925  -3.839  4.321   1.000 12.035 0  252 PHE A CG  1 
ATOM   527  C  CD1 . PHE A 1 72  ? -3.332  -4.445  5.419   1.000 11.281 0  252 PHE A CD1 1 
ATOM   528  C  CD2 . PHE A 1 72  ? -3.709  -4.394  3.067   1.000 11.800 0  252 PHE A CD2 1 
ATOM   529  C  CE1 . PHE A 1 72  ? -2.538  -5.576  5.280   1.000 12.816 0  252 PHE A CE1 1 
ATOM   530  C  CE2 . PHE A 1 72  ? -2.957  -5.543  2.934   1.000 12.561 0  252 PHE A CE2 1 
ATOM   531  C  CZ  . PHE A 1 72  ? -2.395  -6.151  4.032   1.000 12.391 0  252 PHE A CZ  1 
ATOM   532  N  N   . SER A 1 73  ? -7.019  -3.583  2.649   1.000 11.779 0  253 SER A N   1 
ATOM   533  C  CA  . SER A 1 73  ? -7.350  -4.443  1.517   1.000 12.077 0  253 SER A CA  1 
ATOM   534  C  C   . SER A 1 73  ? -6.590  -3.892  0.320   1.000 12.355 0  253 SER A C   1 
ATOM   535  O  O   . SER A 1 73  ? -6.268  -2.681  0.272   1.000 13.288 0  253 SER A O   1 
ATOM   536  C  CB  . SER A 1 73  ? -8.812  -4.593  1.324   1.000 14.864 0  253 SER A CB  1 
ATOM   537  O  OG  . SER A 1 73  ? -9.385  -3.392  0.955   1.000 18.681 0  253 SER A OG  1 
ATOM   538  N  N   . ILE A 1 74  ? -6.324  -4.770  -0.629  1.000 10.920 0  254 ILE A N   1 
ATOM   539  C  CA  . ILE A 1 74  ? -5.656  -4.424  -1.897  1.000 10.907 0  254 ILE A CA  1 
ATOM   540  C  C   . ILE A 1 74  ? -6.642  -4.696  -3.024  1.000 11.692 0  254 ILE A C   1 
ATOM   541  O  O   . ILE A 1 74  ? -7.182  -5.839  -3.081  1.000 10.801 0  254 ILE A O   1 
ATOM   542  C  CB  . ILE A 1 74  ? -4.351  -5.222  -2.053  1.000 10.834 0  254 ILE A CB  1 
ATOM   543  C  CG1 . ILE A 1 74  ? -3.425  -5.063  -0.835  1.000 10.481 0  254 ILE A CG1 1 
ATOM   544  C  CG2 . ILE A 1 74  ? -3.659  -4.877  -3.364  1.000 12.365 0  254 ILE A CG2 1 
ATOM   545  C  CD1 . ILE A 1 74  ? -2.200  -5.940  -0.874  1.000 11.716 0  254 ILE A CD1 1 
ATOM   546  N  N   . SER A 1 75  ? -6.779  -3.754  -3.907  1.000 11.525 0  255 SER A N   1 
ATOM   547  C  CA  . SER A 1 75  ? -7.619  -3.911  -5.117  1.000 11.794 0  255 SER A CA  1 
ATOM   548  C  C   . SER A 1 75  ? -6.805  -3.520  -6.321  1.000 12.192 0  255 SER A C   1 
ATOM   549  O  O   . SER A 1 75  ? -5.861  -2.710  -6.227  1.000 12.889 0  255 SER A O   1 
ATOM   550  C  CB  . SER A 1 75  ? -8.917  -3.155  -5.015  1.000 14.079 0  255 SER A CB  1 
ATOM   551  O  OG  . SER A 1 75  ? -8.751  -1.741  -4.863  1.000 14.428 0  255 SER A OG  1 
ATOM   552  N  N   . LEU A 1 76  ? -7.086  -4.119  -7.455  1.000 11.902 0  256 LEU A N   1 
ATOM   553  C  CA  . LEU A 1 76  ? -6.305  -3.765  -8.648  1.000 13.275 0  256 LEU A CA  1 
ATOM   554  C  C   . LEU A 1 76  ? -7.141  -3.862  -9.916  1.000 13.730 0  256 LEU A C   1 
ATOM   555  O  O   . LEU A 1 76  ? -8.298  -4.323  -9.920  1.000 14.584 0  256 LEU A O   1 
ATOM   556  C  CB  . LEU A 1 76  ? -5.035  -4.613  -8.699  1.000 14.256 0  256 LEU A CB  1 
ATOM   557  C  CG  . LEU A 1 76  ? -5.194  -6.122  -8.523  1.000 14.217 0  256 LEU A CG  1 
ATOM   558  C  CD1 . LEU A 1 76  ? -6.071  -6.703  -9.600  1.000 15.395 0  256 LEU A CD1 1 
ATOM   559  C  CD2 . LEU A 1 76  ? -3.817  -6.809  -8.517  1.000 15.852 0  256 LEU A CD2 1 
ATOM   560  N  N   . GLY A 1 77  ? -6.542  -3.406  -10.989 1.000 13.571 0  257 GLY A N   1 
ATOM   561  C  CA  . GLY A 1 77  ? -7.198  -3.536  -12.296 1.000 15.869 0  257 GLY A CA  1 
ATOM   562  C  C   . GLY A 1 77  ? -6.741  -2.446  -13.232 1.000 18.055 0  257 GLY A C   1 
ATOM   563  O  O   . GLY A 1 77  ? -5.694  -1.864  -13.000 1.000 16.035 0  257 GLY A O   1 
ATOM   564  N  N   . SER A 1 78  ? -7.477  -2.253  -14.310 1.000 17.406 0  258 SER A N   1 
ATOM   565  C  CA  . SER A 1 78  ? -7.173  -1.239  -15.352 1.000 21.950 0  258 SER A CA  1 
ATOM   566  C  C   . SER A 1 78  ? -7.948  0.070   -15.089 1.000 21.884 0  258 SER A C   1 
ATOM   567  O  O   . SER A 1 78  ? -7.497  1.083   -15.557 1.000 27.449 0  258 SER A O   1 
ATOM   568  C  CB  . SER A 1 78  ? -7.515  -1.844  -16.679 1.000 26.348 0  258 SER A CB  1 
ATOM   569  O  OG  . SER A 1 78  ? -8.929  -1.930  -16.766 1.000 30.879 0  258 SER A OG  1 
ATOM   570  N  N   . ASP A 1 79  ? -9.101  0.047   -14.390 1.000 26.215 0  259 ASP A N   1 
ATOM   571  C  CA  . ASP A 1 79  ? -9.975  1.234   -14.156 1.000 27.294 0  259 ASP A CA  1 
ATOM   572  C  C   . ASP A 1 79  ? -10.004 1.539   -12.667 1.000 26.183 0  259 ASP A C   1 
ATOM   573  O  O   . ASP A 1 79  ? -10.691 0.839   -11.930 1.000 27.776 0  259 ASP A O   1 
ATOM   574  C  CB  . ASP A 1 79  ? -11.410 1.042   -14.689 1.000 30.730 0  259 ASP A CB  1 
ATOM   575  C  CG  . ASP A 1 79  ? -12.315 2.279   -14.578 1.000 37.240 0  259 ASP A CG  1 
ATOM   576  O  OD1 . ASP A 1 79  ? -11.850 3.300   -14.018 1.000 34.646 0  259 ASP A OD1 1 
ATOM   577  O  OD2 . ASP A 1 79  ? -13.508 2.224   -15.056 1.000 34.219 -1 259 ASP A OD2 1 
ATOM   578  N  N   . PRO A 1 80  ? -9.387  2.659   -12.215 1.000 26.257 0  260 PRO A N   1 
ATOM   579  C  CA  . PRO A 1 80  ? -9.452  3.089   -10.817 1.000 24.182 0  260 PRO A CA  1 
ATOM   580  C  C   . PRO A 1 80  ? -10.864 3.091   -10.207 1.000 25.496 0  260 PRO A C   1 
ATOM   581  O  O   . PRO A 1 80  ? -10.991 2.833   -9.010  1.000 26.256 0  260 PRO A O   1 
ATOM   582  C  CB  . PRO A 1 80  ? -8.862  4.516   -10.861 1.000 24.244 0  260 PRO A CB  1 
ATOM   583  C  CG  . PRO A 1 80  ? -7.937  4.501   -12.066 1.000 24.288 0  260 PRO A CG  1 
ATOM   584  C  CD  . PRO A 1 80  ? -8.594  3.566   -13.053 1.000 25.253 0  260 PRO A CD  1 
ATOM   585  N  N   . ALA A 1 81  ? -11.904 3.305   -11.025 1.000 27.044 0  261 ALA A N   1 
ATOM   586  C  CA  . ALA A 1 81  ? -13.308 3.399   -10.536 1.000 29.527 0  261 ALA A CA  1 
ATOM   587  C  C   . ALA A 1 81  ? -13.941 2.007   -10.352 1.000 32.486 0  261 ALA A C   1 
ATOM   588  O  O   . ALA A 1 81  ? -15.007 1.934   -9.693  1.000 32.244 0  261 ALA A O   1 
ATOM   589  C  CB  . ALA A 1 81  ? -14.132 4.262   -11.462 1.000 31.454 0  261 ALA A CB  1 
ATOM   590  N  N   . SER A 1 82  ? -13.293 0.945   -10.832 1.000 30.188 0  262 SER A N   1 
ATOM   591  C  CA  . SER A 1 82  ? -13.854 -0.434  -10.947 1.000 33.118 0  262 SER A CA  1 
ATOM   592  C  C   . SER A 1 82  ? -12.741 -1.467  -10.742 1.000 27.331 0  262 SER A C   1 
ATOM   593  O  O   . SER A 1 82  ? -12.633 -2.410  -11.494 1.000 34.053 0  262 SER A O   1 
ATOM   594  C  CB  . SER A 1 82  ? -14.518 -0.643  -12.295 1.000 33.824 0  262 SER A CB  1 
ATOM   595  O  OG  . SER A 1 82  ? -13.537 -0.701  -13.325 1.000 36.830 0  262 SER A OG  1 
ATOM   596  N  N   . LEU A 1 83  ? -11.952 -1.271  -9.716  1.000 20.981 0  263 LEU A N   1 
ATOM   597  C  CA  . LEU A 1 83  ? -10.903 -2.217  -9.297  1.000 17.166 0  263 LEU A CA  1 
ATOM   598  C  C   . LEU A 1 83  ? -11.536 -3.454  -8.653  1.000 16.868 0  263 LEU A C   1 
ATOM   599  O  O   . LEU A 1 83  ? -12.723 -3.412  -8.213  1.000 18.294 0  263 LEU A O   1 
ATOM   600  C  CB  . LEU A 1 83  ? -10.018 -1.442  -8.321  1.000 16.668 0  263 LEU A CB  1 
ATOM   601  C  CG  . LEU A 1 83  ? -9.301  -0.223  -8.909  1.000 16.819 0  263 LEU A CG  1 
ATOM   602  C  CD1 . LEU A 1 83  ? -8.571  0.492   -7.750  1.000 17.928 0  263 LEU A CD1 1 
ATOM   603  C  CD2 . LEU A 1 83  ? -8.325  -0.622  -9.991  1.000 17.490 0  263 LEU A CD2 1 
ATOM   604  N  N   . THR A 1 84  ? -10.772 -4.518  -8.567  1.000 14.665 0  264 THR A N   1 
ATOM   605  C  CA  . THR A 1 84  ? -11.169 -5.792  -7.984  1.000 14.003 0  264 THR A CA  1 
ATOM   606  C  C   . THR A 1 84  ? -10.331 -6.015  -6.735  1.000 13.700 0  264 THR A C   1 
ATOM   607  O  O   . THR A 1 84  ? -9.105  -5.949  -6.854  1.000 13.221 0  264 THR A O   1 
ATOM   608  C  CB  . THR A 1 84  ? -11.002 -6.911  -9.023  1.000 15.893 0  264 THR A CB  1 
ATOM   609  O  OG1 . THR A 1 84  ? -11.866 -6.514  -10.108 1.000 19.005 0  264 THR A OG1 1 
ATOM   610  C  CG2 . THR A 1 84  ? -11.365 -8.241  -8.445  1.000 18.767 0  264 THR A CG2 1 
ATOM   611  N  N   . GLU A 1 85  ? -10.952 -6.463  -5.636  1.000 12.572 0  265 GLU A N   1 
ATOM   612  C  CA  . GLU A 1 85  ? -10.230 -6.777  -4.389  1.000 13.273 0  265 GLU A CA  1 
ATOM   613  C  C   . GLU A 1 85  ? -9.498  -8.122  -4.551  1.000 13.310 0  265 GLU A C   1 
ATOM   614  O  O   . GLU A 1 85  ? -10.126 -9.136  -4.851  1.000 13.350 0  265 GLU A O   1 
ATOM   615  C  CB  . GLU A 1 85  ? -11.149 -6.778  -3.162  1.000 13.516 0  265 GLU A CB  1 
ATOM   616  C  CG  . GLU A 1 85  ? -10.377 -6.967  -1.887  1.000 15.399 0  265 GLU A CG  1 
ATOM   617  C  CD  . GLU A 1 85  ? -11.245 -6.837  -0.648  1.000 18.152 0  265 GLU A CD  1 
ATOM   618  O  OE1 . GLU A 1 85  ? -11.901 -5.769  -0.501  1.000 23.577 0  265 GLU A OE1 1 
ATOM   619  O  OE2 . GLU A 1 85  ? -11.358 -7.832  0.032   1.000 20.027 -1 265 GLU A OE2 1 
ATOM   620  N  N   . VAL A 1 86  ? -8.196  -8.146  -4.303  1.000 12.030 0  266 VAL A N   1 
ATOM   621  C  CA  . VAL A 1 86  ? -7.371  -9.367  -4.386  1.000 10.892 0  266 VAL A CA  1 
ATOM   622  C  C   . VAL A 1 86  ? -6.811  -9.830  -3.039  1.000 11.179 0  266 VAL A C   1 
ATOM   623  O  O   . VAL A 1 86  ? -6.266  -10.914 -3.017  1.000 11.600 0  266 VAL A O   1 
ATOM   624  C  CB  . VAL A 1 86  ? -6.254  -9.203  -5.439  1.000 11.659 0  266 VAL A CB  1 
ATOM   625  C  CG1 . VAL A 1 86  ? -6.831  -9.021  -6.833  1.000 12.501 0  266 VAL A CG1 1 
ATOM   626  C  CG2 . VAL A 1 86  ? -5.303  -8.039  -5.122  1.000 11.574 0  266 VAL A CG2 1 
ATOM   627  N  N   . TYR A 1 87  ? -6.868  -8.995  -2.016  1.000 10.582 0  267 TYR A N   1 
ATOM   628  C  CA  . TYR A 1 87  ? -6.272  -9.286  -0.705  1.000 11.115 0  267 TYR A CA  1 
ATOM   629  C  C   . TYR A 1 87  ? -6.979  -8.451  0.350   1.000 10.857 0  267 TYR A C   1 
ATOM   630  O  O   . TYR A 1 87  ? -7.379  -7.298  0.093   1.000 10.882 0  267 TYR A O   1 
ATOM   631  C  CB  . TYR A 1 87  ? -4.778  -8.932  -0.675  1.000 10.756 0  267 TYR A CB  1 
ATOM   632  C  CG  . TYR A 1 87  ? -4.021  -9.588  0.452   1.000 11.740 0  267 TYR A CG  1 
ATOM   633  C  CD1 . TYR A 1 87  ? -3.947  -8.987  1.692   1.000 12.429 0  267 TYR A CD1 1 
ATOM   634  C  CD2 . TYR A 1 87  ? -3.289  -10.759 0.265   1.000 12.080 0  267 TYR A CD2 1 
ATOM   635  C  CE1 . TYR A 1 87  ? -3.246  -9.557  2.736   1.000 12.313 0  267 TYR A CE1 1 
ATOM   636  C  CE2 . TYR A 1 87  ? -2.571  -11.347 1.303   1.000 12.825 0  267 TYR A CE2 1 
ATOM   637  C  CZ  . TYR A 1 87  ? -2.581  -10.752 2.560   1.000 12.707 0  267 TYR A CZ  1 
ATOM   638  O  OH  . TYR A 1 87  ? -1.885  -11.279 3.614   1.000 16.818 0  267 TYR A OH  1 
ATOM   639  N  N   . SER A 1 88  ? -7.174  -9.036  1.496   1.000 11.978 0  268 SER A N   1 
ATOM   640  C  CA  . SER A 1 88  ? -7.707  -8.307  2.664   1.000 13.248 0  268 SER A CA  1 
ATOM   641  C  C   . SER A 1 88  ? -7.052  -8.892  3.900   1.000 12.401 0  268 SER A C   1 
ATOM   642  O  O   . SER A 1 88  ? -6.938  -10.158 4.041   1.000 15.106 0  268 SER A O   1 
ATOM   643  C  CB  . SER A 1 88  ? -9.187  -8.419  2.692   1.000 15.523 0  268 SER A CB  1 
ATOM   644  O  OG  . SER A 1 88  ? -9.687  -7.684  3.787   1.000 23.162 0  268 SER A OG  1 
ATOM   645  N  N   . GLY A 1 89  ? -6.572  -8.047  4.799   1.000 13.381 0  269 GLY A N   1 
ATOM   646  C  CA  . GLY A 1 89  ? -5.950  -8.577  6.008   1.000 14.754 0  269 GLY A CA  1 
ATOM   647  C  C   . GLY A 1 89  ? -5.572  -7.473  6.959   1.000 13.492 0  269 GLY A C   1 
ATOM   648  O  O   . GLY A 1 89  ? -6.131  -6.362  6.893   1.000 13.297 0  269 GLY A O   1 
ATOM   649  N  N   . THR A 1 90  ? -4.615  -7.795  7.801   1.000 14.228 0  270 THR A N   1 
ATOM   650  C  CA  . THR A 1 90  ? -4.128  -6.908  8.865   1.000 13.903 0  270 THR A CA  1 
ATOM   651  C  C   . THR A 1 90  ? -2.613  -7.052  8.878   1.000 14.444 0  270 THR A C   1 
ATOM   652  O  O   . THR A 1 90  ? -2.153  -8.177  8.832   1.000 17.343 0  270 THR A O   1 
ATOM   653  C  CB  . THR A 1 90  ? -4.695  -7.320  10.219  1.000 17.091 0  270 THR A CB  1 
ATOM   654  O  OG1 . THR A 1 90  ? -6.119  -7.322  10.085  1.000 19.603 0  270 THR A OG1 1 
ATOM   655  C  CG2 . THR A 1 90  ? -4.260  -6.398  11.318  1.000 17.951 0  270 THR A CG2 1 
ATOM   656  N  N   . SER A 1 91  ? -1.912  -5.962  8.981   1.000 14.374 0  271 SER A N   1 
ATOM   657  C  CA  . SER A 1 91  ? -0.443  -5.968  9.037   1.000 12.967 0  271 SER A CA  1 
ATOM   658  C  C   . SER A 1 91  ? -0.063  -6.746  10.291  1.000 13.983 0  271 SER A C   1 
ATOM   659  O  O   . SER A 1 91  ? -0.876  -6.843  11.260  1.000 12.935 0  271 SER A O   1 
ATOM   660  C  CB  . SER A 1 91  ? 0.110   -4.588  9.005   1.000 14.216 0  271 SER A CB  1 
ATOM   661  O  OG  . SER A 1 91  ? -0.173  -3.886  10.200  1.000 14.635 0  271 SER A OG  1 
ATOM   662  N  N   . SER A 1 92  ? 1.171   -7.240  10.338  1.000 13.806 0  272 SER A N   1 
ATOM   663  C  CA  . SER A 1 92  ? 1.609   -8.168  11.403  1.000 13.482 0  272 SER A CA  1 
ATOM   664  C  C   . SER A 1 92  ? 1.765   -7.461  12.752  1.000 13.355 0  272 SER A C   1 
ATOM   665  O  O   . SER A 1 92  ? 1.613   -8.159  13.782  1.000 14.322 0  272 SER A O   1 
ATOM   666  C  CB  . SER A 1 92  ? 2.863   -8.863  11.013  1.000 13.214 0  272 SER A CB  1 
ATOM   667  O  OG  . SER A 1 92  ? 3.966   -7.994  11.035  1.000 13.259 0  272 SER A OG  1 
ATOM   668  N  N   . GLY A 1 93  ? 2.115   -6.172  12.746  1.000 12.005 0  273 GLY A N   1 
ATOM   669  C  CA  . GLY A 1 93  ? 2.541   -5.478  13.965  1.000 13.299 0  273 GLY A CA  1 
ATOM   670  C  C   . GLY A 1 93  ? 3.890   -5.961  14.478  1.000 14.113 0  273 GLY A C   1 
ATOM   671  O  O   . GLY A 1 93  ? 4.261   -5.595  15.618  1.000 13.300 0  273 GLY A O   1 
ATOM   672  N  N   . GLN A 1 94  ? 4.715   -6.611  13.646  1.000 11.694 0  274 GLN A N   1 
ATOM   673  C  CA  . GLN A 1 94  ? 5.967   -7.293  14.082  1.000 11.667 0  274 GLN A CA  1 
ATOM   674  C  C   . GLN A 1 94  ? 7.203   -6.841  13.317  1.000 12.624 0  274 GLN A C   1 
ATOM   675  O  O   . GLN A 1 94  ? 8.274   -7.381  13.609  1.000 13.142 0  274 GLN A O   1 
ATOM   676  C  CB  . GLN A 1 94  ? 5.742   -8.789  13.976  1.000 13.119 0  274 GLN A CB  1 
ATOM   677  C  CG  . GLN A 1 94  ? 4.702   -9.292  14.973  1.000 13.340 0  274 GLN A CG  1 
ATOM   678  C  CD  . GLN A 1 94  ? 4.240   -10.693 14.625  1.000 15.254 0  274 GLN A CD  1 
ATOM   679  O  OE1 . GLN A 1 94  ? 5.021   -11.571 14.370  1.000 12.391 0  274 GLN A OE1 1 
ATOM   680  N  NE2 . GLN A 1 94  ? 2.955   -10.898 14.424  1.000 17.739 0  274 GLN A NE2 1 
ATOM   681  N  N   . THR A 1 95  ? 7.111   -5.802  12.501  1.000 11.956 0  275 THR A N   1 
ATOM   682  C  CA  . THR A 1 95  ? 8.306   -5.282  11.816  1.000 11.703 0  275 THR A CA  1 
ATOM   683  C  C   . THR A 1 95  ? 8.023   -3.891  11.241  1.000 12.084 0  275 THR A C   1 
ATOM   684  O  O   . THR A 1 95  ? 6.848   -3.595  10.845  1.000 11.509 0  275 THR A O   1 
ATOM   685  C  CB  . THR A 1 95  ? 8.798   -6.238  10.706  1.000 12.881 0  275 THR A CB  1 
ATOM   686  O  OG1 . THR A 1 95  ? 10.058  -5.796  10.206  1.000 12.537 0  275 THR A OG1 1 
ATOM   687  C  CG2 . THR A 1 95  ? 7.875   -6.347  9.525   1.000 12.128 0  275 THR A CG2 1 
ATOM   688  N  N   . ASN A 1 96  ? 9.084   -3.134  11.052  1.000 12.254 0  276 ASN A N   1 
ATOM   689  C  CA  . ASN A 1 96  ? 9.022   -1.844  10.303  1.000 12.304 0  276 ASN A CA  1 
ATOM   690  C  C   . ASN A 1 96  ? 9.400   -2.050  8.838   1.000 11.667 0  276 ASN A C   1 
ATOM   691  O  O   . ASN A 1 96  ? 9.259   -1.153  8.021   1.000 12.064 0  276 ASN A O   1 
ATOM   692  C  CB  . ASN A 1 96  ? 9.955   -0.844  10.936  1.000 13.392 0  276 ASN A CB  1 
ATOM   693  C  CG  . ASN A 1 96  ? 9.478   -0.459  12.306  1.000 16.740 0  276 ASN A CG  1 
ATOM   694  O  OD1 . ASN A 1 96  ? 8.305   -0.178  12.489  1.000 18.385 0  276 ASN A OD1 1 
ATOM   695  N  ND2 . ASN A 1 96  ? 10.420  -0.422  13.232  1.000 20.102 0  276 ASN A ND2 1 
ATOM   696  N  N   . ALA A 1 97  ? 9.809   -3.254  8.506   1.000 11.175 0  277 ALA A N   1 
ATOM   697  C  CA  . ALA A 1 97  ? 10.266  -3.553  7.134   1.000 12.052 0  277 ALA A CA  1 
ATOM   698  C  C   . ALA A 1 97  ? 9.088   -3.731  6.182   1.000 12.009 0  277 ALA A C   1 
ATOM   699  O  O   . ALA A 1 97  ? 7.923   -3.902  6.587   1.000 10.894 0  277 ALA A O   1 
ATOM   700  C  CB  . ALA A 1 97  ? 11.165  -4.754  7.121   1.000 12.374 0  277 ALA A CB  1 
ATOM   701  N  N   . LEU A 1 98  ? 9.393   -3.746  4.888   1.000 10.638 0  278 LEU A N   1 
ATOM   702  C  CA  . LEU A 1 98  ? 8.426   -4.196  3.873   1.000 10.587 0  278 LEU A CA  1 
ATOM   703  C  C   . LEU A 1 98  ? 7.907   -5.601  4.221   1.000 10.194 0  278 LEU A C   1 
ATOM   704  O  O   . LEU A 1 98  ? 8.723   -6.534  4.419   1.000 12.228 0  278 LEU A O   1 
ATOM   705  C  CB  . LEU A 1 98  ? 9.093   -4.243  2.506   1.000 11.142 0  278 LEU A CB  1 
ATOM   706  C  CG  . LEU A 1 98  ? 9.321   -2.884  1.856   1.000 11.610 0  278 LEU A CG  1 
ATOM   707  C  CD1 . LEU A 1 98  ? 10.264  -3.081  0.692   1.000 11.533 0  278 LEU A CD1 1 
ATOM   708  C  CD2 . LEU A 1 98  ? 8.049   -2.187  1.430   1.000 10.612 0  278 LEU A CD2 1 
ATOM   709  N  N   . GLU A 1 99  ? 6.580   -5.715  4.236   1.000 10.472 0  279 GLU A N   1 
ATOM   710  C  CA  . GLU A 1 99  ? 5.858   -6.979  4.501   1.000 11.781 0  279 GLU A CA  1 
ATOM   711  C  C   . GLU A 1 99  ? 5.138   -7.378  3.226   1.000 11.521 0  279 GLU A C   1 
ATOM   712  O  O   . GLU A 1 99  ? 4.442   -6.554  2.645   1.000 11.075 0  279 GLU A O   1 
ATOM   713  C  CB  . GLU A 1 99  ? 4.906   -6.741  5.668   1.000 11.463 0  279 GLU A CB  1 
ATOM   714  C  CG  . GLU A 1 99  ? 4.128   -7.964  6.098   1.000 13.526 0  279 GLU A CG  1 
ATOM   715  C  CD  . GLU A 1 99  ? 3.608   -7.747  7.520   1.000 14.356 0  279 GLU A CD  1 
ATOM   716  O  OE1 . GLU A 1 99  ? 4.444   -7.745  8.470   1.000 13.325 0  279 GLU A OE1 1 
ATOM   717  O  OE2 . GLU A 1 99  ? 2.392   -7.583  7.686   1.000 14.385 -1 279 GLU A OE2 1 
ATOM   718  N  N   . SER A 1 100 ? 5.236   -8.640  2.845   1.000 11.162 0  280 SER A N   1 
ATOM   719  C  CA  A SER A 1 100 ? 4.695   -9.140  1.551   0.500 11.685 0  280 SER A CA  1 
ATOM   720  C  CA  B SER A 1 100 ? 4.722   -9.206  1.562   0.500 11.821 0  280 SER A CA  1 
ATOM   721  C  C   . SER A 1 100 ? 3.259   -9.671  1.670   1.000 11.729 0  280 SER A C   1 
ATOM   722  O  O   . SER A 1 100 ? 2.929   -10.442 2.599   1.000 11.665 0  280 SER A O   1 
ATOM   723  C  CB  A SER A 1 100 ? 5.596   -10.178 0.981   0.500 12.250 0  280 SER A CB  1 
ATOM   724  C  CB  B SER A 1 100 ? 5.584   -10.369 1.126   0.500 12.464 0  280 SER A CB  1 
ATOM   725  O  OG  A SER A 1 100 ? 6.870   -9.616  0.771   0.500 14.957 0  280 SER A OG  1 
ATOM   726  O  OG  B SER A 1 100 ? 5.059   -10.965 -0.052  0.500 15.227 0  280 SER A OG  1 
ATOM   727  N  N   . TYR A 1 101 ? 2.429   -9.208  0.770   1.000 10.510 0  281 TYR A N   1 
ATOM   728  C  CA  . TYR A 1 101 ? 1.014   -9.671  0.620   1.000 10.936 0  281 TYR A CA  1 
ATOM   729  C  C   . TYR A 1 101 ? 0.914   -10.198 -0.805  1.000 11.002 0  281 TYR A C   1 
ATOM   730  O  O   . TYR A 1 101 ? 0.904   -9.457  -1.795  1.000 11.207 0  281 TYR A O   1 
ATOM   731  C  CB  . TYR A 1 101 ? 0.059   -8.525  0.908   1.000 10.336 0  281 TYR A CB  1 
ATOM   732  C  CG  . TYR A 1 101 ? 0.366   -7.819  2.201   1.000 10.755 0  281 TYR A CG  1 
ATOM   733  C  CD1 . TYR A 1 101 ? 0.349   -8.528  3.378   1.000 10.734 0  281 TYR A CD1 1 
ATOM   734  C  CD2 . TYR A 1 101 ? 0.787   -6.506  2.203   1.000 11.524 0  281 TYR A CD2 1 
ATOM   735  C  CE1 . TYR A 1 101 ? 0.686   -7.931  4.577   1.000 10.830 0  281 TYR A CE1 1 
ATOM   736  C  CE2 . TYR A 1 101 ? 1.093   -5.881  3.410   1.000 11.966 0  281 TYR A CE2 1 
ATOM   737  C  CZ  . TYR A 1 101 ? 1.047   -6.600  4.598   1.000 10.921 0  281 TYR A CZ  1 
ATOM   738  O  OH  . TYR A 1 101 ? 1.416   -5.987  5.782   1.000 11.895 0  281 TYR A OH  1 
ATOM   739  N  N   . SER A 1 102 ? 0.852   -11.522 -0.892  1.000 11.004 0  282 SER A N   1 
ATOM   740  C  CA  . SER A 1 102 ? 0.890   -12.306 -2.144  1.000 11.670 0  282 SER A CA  1 
ATOM   741  C  C   . SER A 1 102 ? -0.537  -12.748 -2.478  1.000 10.082 0  282 SER A C   1 
ATOM   742  O  O   . SER A 1 102 ? -1.368  -12.878 -1.549  1.000 11.479 0  282 SER A O   1 
ATOM   743  C  CB  . SER A 1 102 ? 1.799   -13.536 -2.001  1.000 12.709 0  282 SER A CB  1 
ATOM   744  O  OG  . SER A 1 102 ? 3.163   -13.147 -1.879  1.000 16.475 0  282 SER A OG  1 
ATOM   745  N  N   . PHE A 1 103 ? -0.820  -12.944 -3.762  1.000 10.304 0  283 PHE A N   1 
ATOM   746  C  CA  . PHE A 1 103 ? -2.148  -13.370 -4.240  1.000 9.930  0  283 PHE A CA  1 
ATOM   747  C  C   . PHE A 1 103 ? -1.958  -13.978 -5.607  1.000 10.970 0  283 PHE A C   1 
ATOM   748  O  O   . PHE A 1 103 ? -0.968  -13.753 -6.309  1.000 11.094 0  283 PHE A O   1 
ATOM   749  C  CB  . PHE A 1 103 ? -3.127  -12.192 -4.250  1.000 9.877  0  283 PHE A CB  1 
ATOM   750  C  CG  . PHE A 1 103 ? -2.594  -10.896 -4.797  1.000 10.003 0  283 PHE A CG  1 
ATOM   751  C  CD1 . PHE A 1 103 ? -2.518  -10.656 -6.158  1.000 9.872  0  283 PHE A CD1 1 
ATOM   752  C  CD2 . PHE A 1 103 ? -2.002  -9.985  -3.938  1.000 9.992  0  283 PHE A CD2 1 
ATOM   753  C  CE1 . PHE A 1 103 ? -1.942  -9.500  -6.648  1.000 10.183 0  283 PHE A CE1 1 
ATOM   754  C  CE2 . PHE A 1 103 ? -1.452  -8.799  -4.414  1.000 10.118 0  283 PHE A CE2 1 
ATOM   755  C  CZ  . PHE A 1 103 ? -1.423  -8.558  -5.772  1.000 9.400  0  283 PHE A CZ  1 
ATOM   756  N  N   . THR A 1 104 ? -2.955  -14.732 -6.058  1.000 10.940 0  284 THR A N   1 
ATOM   757  C  CA  . THR A 1 104 ? -2.919  -15.333 -7.404  1.000 10.813 0  284 THR A CA  1 
ATOM   758  C  C   . THR A 1 104 ? -2.644  -14.284 -8.474  1.000 10.419 0  284 THR A C   1 
ATOM   759  O  O   . THR A 1 104 ? -3.261  -13.218 -8.459  1.000 10.962 0  284 THR A O   1 
ATOM   760  C  CB  . THR A 1 104 ? -4.242  -16.077 -7.689  1.000 10.390 0  284 THR A CB  1 
ATOM   761  O  OG1 . THR A 1 104 ? -4.436  -16.968 -6.609  1.000 11.467 0  284 THR A OG1 1 
ATOM   762  C  CG2 . THR A 1 104 ? -4.225  -16.791 -9.018  1.000 10.858 0  284 THR A CG2 1 
ATOM   763  N  N   . ALA A 1 105 ? -1.726  -14.605 -9.397  1.000 10.674 0  285 ALA A N   1 
ATOM   764  C  CA  . ALA A 1 105 ? -1.223  -13.629 -10.359 1.000 11.539 0  285 ALA A CA  1 
ATOM   765  C  C   . ALA A 1 105 ? -2.353  -13.104 -11.232 1.000 12.441 0  285 ALA A C   1 
ATOM   766  O  O   . ALA A 1 105 ? -3.235  -13.915 -11.650 1.000 13.297 0  285 ALA A O   1 
ATOM   767  C  CB  . ALA A 1 105 ? -0.163  -14.223 -11.236 1.000 11.127 0  285 ALA A CB  1 
ATOM   768  N  N   . THR A 1 106 ? -2.368  -11.809 -11.498 1.000 13.171 0  286 THR A N   1 
ATOM   769  C  CA  . THR A 1 106 ? -3.393  -11.212 -12.371 1.000 13.508 0  286 THR A CA  1 
ATOM   770  C  C   . THR A 1 106 ? -2.820  -9.951  -13.031 1.000 15.227 0  286 THR A C   1 
ATOM   771  O  O   . THR A 1 106 ? -1.740  -9.556  -12.674 1.000 17.876 0  286 THR A O   1 
ATOM   772  C  CB  . THR A 1 106 ? -4.652  -10.936 -11.549 1.000 15.028 0  286 THR A CB  1 
ATOM   773  O  OG1 . THR A 1 106 ? -5.676  -10.615 -12.501 1.000 17.278 0  286 THR A OG1 1 
ATOM   774  C  CG2 . THR A 1 106 ? -4.429  -9.873  -10.493 1.000 17.007 0  286 THR A CG2 1 
ATOM   775  N  N   . THR A 1 107 ? -3.547  -9.332  -13.907 1.000 14.276 0  287 THR A N   1 
ATOM   776  C  CA  . THR A 1 107 ? -3.023  -8.206  -14.702 1.000 15.167 0  287 THR A CA  1 
ATOM   777  C  C   . THR A 1 107 ? -3.537  -6.949  -14.045 1.000 16.207 0  287 THR A C   1 
ATOM   778  O  O   . THR A 1 107 ? -4.734  -6.900  -13.675 1.000 18.399 0  287 THR A O   1 
ATOM   779  C  CB  . THR A 1 107 ? -3.431  -8.308  -16.177 1.000 18.025 0  287 THR A CB  1 
ATOM   780  O  OG1 . THR A 1 107 ? -2.771  -9.478  -16.632 1.000 18.217 0  287 THR A OG1 1 
ATOM   781  C  CG2 . THR A 1 107 ? -2.994  -7.109  -16.975 1.000 19.831 0  287 THR A CG2 1 
ATOM   782  N  N   . ALA A 1 108 ? -2.727  -5.904  -13.954 1.000 13.927 0  288 ALA A N   1 
ATOM   783  C  CA  . ALA A 1 108 ? -3.167  -4.628  -13.362 1.000 13.601 0  288 ALA A CA  1 
ATOM   784  C  C   . ALA A 1 108 ? -2.231  -3.524  -13.830 1.000 13.315 0  288 ALA A C   1 
ATOM   785  O  O   . ALA A 1 108 ? -1.009  -3.748  -13.897 1.000 13.857 0  288 ALA A O   1 
ATOM   786  C  CB  . ALA A 1 108 ? -3.199  -4.631  -11.844 1.000 13.797 0  288 ALA A CB  1 
ATOM   787  N  N   . ARG A 1 109 ? -2.802  -2.371  -14.089 1.000 13.037 0  289 ARG A N   1 
ATOM   788  C  CA  . ARG A 1 109 ? -2.042  -1.112  -14.197 1.000 12.586 0  289 ARG A CA  1 
ATOM   789  C  C   . ARG A 1 109 ? -2.080  -0.427  -12.839 1.000 13.011 0  289 ARG A C   1 
ATOM   790  O  O   . ARG A 1 109 ? -1.069  0.211   -12.478 1.000 13.606 0  289 ARG A O   1 
ATOM   791  C  CB  . ARG A 1 109 ? -2.598  -0.207  -15.300 1.000 13.825 0  289 ARG A CB  1 
ATOM   792  C  CG  . ARG A 1 109 ? -2.009  1.191   -15.230 1.000 15.181 0  289 ARG A CG  1 
ATOM   793  C  CD  . ARG A 1 109 ? -2.361  2.066   -16.405 1.000 16.946 0  289 ARG A CD  1 
ATOM   794  N  NE  . ARG A 1 109 ? -1.800  3.386   -16.187 1.000 17.904 0  289 ARG A NE  1 
ATOM   795  C  CZ  . ARG A 1 109 ? -1.836  4.384   -17.062 1.000 21.334 0  289 ARG A CZ  1 
ATOM   796  N  NH1 . ARG A 1 109 ? -2.424  4.233   -18.242 1.000 21.673 1  289 ARG A NH1 1 
ATOM   797  N  NH2 . ARG A 1 109 ? -1.342  5.558   -16.715 1.000 19.684 0  289 ARG A NH2 1 
ATOM   798  N  N   . TYR A 1 110 ? -3.215  -0.495  -12.118 1.000 12.211 0  290 TYR A N   1 
ATOM   799  C  CA  . TYR A 1 110 ? -3.417  0.262   -10.856 1.000 12.116 0  290 TYR A CA  1 
ATOM   800  C  C   . TYR A 1 110 ? -3.546  -0.732  -9.715  1.000 11.659 0  290 TYR A C   1 
ATOM   801  O  O   . TYR A 1 110 ? -4.292  -1.753  -9.824  1.000 12.409 0  290 TYR A O   1 
ATOM   802  C  CB  . TYR A 1 110 ? -4.666  1.141   -10.939 1.000 13.591 0  290 TYR A CB  1 
ATOM   803  C  CG  . TYR A 1 110 ? -4.583  2.215   -11.982 1.000 13.779 0  290 TYR A CG  1 
ATOM   804  C  CD1 . TYR A 1 110 ? -3.953  3.420   -11.752 1.000 13.641 0  290 TYR A CD1 1 
ATOM   805  C  CD2 . TYR A 1 110 ? -5.120  2.015   -13.243 1.000 16.179 0  290 TYR A CD2 1 
ATOM   806  C  CE1 . TYR A 1 110 ? -3.810  4.375   -12.735 1.000 16.819 0  290 TYR A CE1 1 
ATOM   807  C  CE2 . TYR A 1 110 ? -5.036  2.980   -14.230 1.000 17.357 0  290 TYR A CE2 1 
ATOM   808  C  CZ  . TYR A 1 110 ? -4.405  4.177   -13.971 1.000 17.825 0  290 TYR A CZ  1 
ATOM   809  O  OH  . TYR A 1 110 ? -4.308  5.144   -14.935 1.000 20.900 0  290 TYR A OH  1 
ATOM   810  N  N   . ILE A 1 111 ? -2.887  -0.409  -8.606  1.000 10.646 0  291 ILE A N   1 
ATOM   811  C  CA  . ILE A 1 111 ? -2.950  -1.137  -7.325  1.000 10.957 0  291 ILE A CA  1 
ATOM   812  C  C   . ILE A 1 111 ? -3.343  -0.138  -6.263  1.000 11.154 0  291 ILE A C   1 
ATOM   813  O  O   . ILE A 1 111 ? -2.666  0.890   -6.138  1.000 11.909 0  291 ILE A O   1 
ATOM   814  C  CB  . ILE A 1 111 ? -1.603  -1.791  -6.986  1.000 12.159 0  291 ILE A CB  1 
ATOM   815  C  CG1 . ILE A 1 111 ? -1.193  -2.900  -7.955  1.000 13.402 0  291 ILE A CG1 1 
ATOM   816  C  CG2 . ILE A 1 111 ? -1.689  -2.331  -5.575  1.000 13.149 0  291 ILE A CG2 1 
ATOM   817  C  CD1 . ILE A 1 111 ? -0.720  -2.531  -9.301  1.000 14.974 0  291 ILE A CD1 1 
ATOM   818  N  N   . ARG A 1 112 ? -4.446  -0.406  -5.583  1.000 10.712 0  292 ARG A N   1 
ATOM   819  C  CA  . ARG A 1 112 ? -4.940  0.490   -4.535  1.000 11.037 0  292 ARG A CA  1 
ATOM   820  C  C   . ARG A 1 112 ? -4.875  -0.219  -3.199  1.000 10.643 0  292 ARG A C   1 
ATOM   821  O  O   . ARG A 1 112 ? -5.421  -1.334  -3.066  1.000 11.503 0  292 ARG A O   1 
ATOM   822  C  CB  . ARG A 1 112 ? -6.382  0.899   -4.848  1.000 9.533  0  292 ARG A CB  1 
ATOM   823  C  CG  . ARG A 1 112 ? -7.029  1.769   -3.778  1.000 11.389 0  292 ARG A CG  1 
ATOM   824  C  CD  . ARG A 1 112 ? -8.354  2.280   -4.286  1.000 11.925 0  292 ARG A CD  1 
ATOM   825  N  NE  . ARG A 1 112 ? -8.192  3.282   -5.295  1.000 13.860 0  292 ARG A NE  1 
ATOM   826  C  CZ  . ARG A 1 112 ? -9.194  3.901   -5.923  1.000 16.075 0  292 ARG A CZ  1 
ATOM   827  N  NH1 . ARG A 1 112 ? -10.446 3.572   -5.644  1.000 19.067 1  292 ARG A NH1 1 
ATOM   828  N  NH2 . ARG A 1 112 ? -8.922  4.816   -6.848  1.000 17.954 0  292 ARG A NH2 1 
ATOM   829  N  N   . ILE A 1 113 ? -4.314  0.425   -2.173  1.000 10.574 0  293 ILE A N   1 
ATOM   830  C  CA  . ILE A 1 113 ? -4.381  -0.035  -0.785  1.000 9.914  0  293 ILE A CA  1 
ATOM   831  C  C   . ILE A 1 113 ? -5.410  0.805   -0.062  1.000 11.343 0  293 ILE A C   1 
ATOM   832  O  O   . ILE A 1 113 ? -5.237  1.999   -0.024  1.000 11.473 0  293 ILE A O   1 
ATOM   833  C  CB  . ILE A 1 113 ? -3.011  0.015   -0.074  1.000 10.883 0  293 ILE A CB  1 
ATOM   834  C  CG1 . ILE A 1 113 ? -2.004  -0.862  -0.813  1.000 11.712 0  293 ILE A CG1 1 
ATOM   835  C  CG2 . ILE A 1 113 ? -3.201  -0.336  1.371   1.000 11.416 0  293 ILE A CG2 1 
ATOM   836  C  CD1 . ILE A 1 113 ? -0.613  -0.787  -0.247  1.000 12.497 0  293 ILE A CD1 1 
ATOM   837  N  N   . THR A 1 114 ? -6.429  0.158   0.477   1.000 11.969 0  294 THR A N   1 
ATOM   838  C  CA  . THR A 1 114 ? -7.467  0.816   1.293   1.000 11.973 0  294 THR A CA  1 
ATOM   839  C  C   . THR A 1 114 ? -7.173  0.478   2.740   1.000 13.230 0  294 THR A C   1 
ATOM   840  O  O   . THR A 1 114 ? -6.967  -0.680  3.063   1.000 12.547 0  294 THR A O   1 
ATOM   841  C  CB  . THR A 1 114 ? -8.886  0.405   0.872   1.000 11.838 0  294 THR A CB  1 
ATOM   842  O  OG1 . THR A 1 114 ? -9.101  0.719   -0.497  1.000 12.818 0  294 THR A OG1 1 
ATOM   843  C  CG2 . THR A 1 114 ? -9.895  1.109   1.741   1.000 13.009 0  294 THR A CG2 1 
ATOM   844  N  N   . GLY A 1 115 ? -7.090  1.508   3.597   1.000 12.000 0  295 GLY A N   1 
ATOM   845  C  CA  . GLY A 1 115 ? -6.820  1.300   5.015   1.000 11.493 0  295 GLY A CA  1 
ATOM   846  C  C   . GLY A 1 115 ? -8.042  1.451   5.879   1.000 11.769 0  295 GLY A C   1 
ATOM   847  O  O   . GLY A 1 115 ? -8.915  2.312   5.521   1.000 13.732 0  295 GLY A O   1 
ATOM   848  N  N   . PHE A 1 116 ? -8.057  0.699   6.983   1.000 13.675 0  296 PHE A N   1 
ATOM   849  C  CA  . PHE A 1 116 ? -9.210  0.644   7.926   1.000 14.206 0  296 PHE A CA  1 
ATOM   850  C  C   . PHE A 1 116 ? -8.784  1.106   9.300   1.000 14.840 0  296 PHE A C   1 
ATOM   851  O  O   . PHE A 1 116 ? -9.400  0.700   10.298  1.000 16.639 0  296 PHE A O   1 
ATOM   852  C  CB  . PHE A 1 116 ? -9.855  -0.737  7.907   1.000 14.544 0  296 PHE A CB  1 
ATOM   853  C  CG  . PHE A 1 116 ? -10.304 -1.091  6.522   1.000 15.705 0  296 PHE A CG  1 
ATOM   854  C  CD1 . PHE A 1 116 ? -11.310 -0.363  5.926   1.000 16.868 0  296 PHE A CD1 1 
ATOM   855  C  CD2 . PHE A 1 116 ? -9.691  -2.100  5.806   1.000 16.849 0  296 PHE A CD2 1 
ATOM   856  C  CE1 . PHE A 1 116 ? -11.706 -0.638  4.627   1.000 17.778 0  296 PHE A CE1 1 
ATOM   857  C  CE2 . PHE A 1 116 ? -10.087 -2.377  4.507   1.000 17.835 0  296 PHE A CE2 1 
ATOM   858  C  CZ  . PHE A 1 116 ? -11.096 -1.635  3.918   1.000 18.140 0  296 PHE A CZ  1 
ATOM   859  N  N   . GLY A 1 117 ? -7.754  1.939   9.387   1.000 13.590 0  297 GLY A N   1 
ATOM   860  C  CA  . GLY A 1 117 ? -7.167  2.342   10.669  1.000 15.583 0  297 GLY A CA  1 
ATOM   861  C  C   . GLY A 1 117 ? -6.401  1.221   11.310  1.000 16.700 0  297 GLY A C   1 
ATOM   862  O  O   . GLY A 1 117 ? -6.208  0.153   10.690  1.000 14.874 0  297 GLY A O   1 
ATOM   863  N  N   . ASN A 1 118 ? -6.012  1.401   12.559  1.000 14.887 0  298 ASN A N   1 
ATOM   864  C  CA  . ASN A 1 118 ? -5.032  0.507   13.178  1.000 14.613 0  298 ASN A CA  1 
ATOM   865  C  C   . ASN A 1 118 ? -5.418  0.307   14.644  1.000 15.195 0  298 ASN A C   1 
ATOM   866  O  O   . ASN A 1 118 ? -6.422  0.900   15.102  1.000 16.091 0  298 ASN A O   1 
ATOM   867  C  CB  . ASN A 1 118 ? -3.636  1.087   12.990  1.000 12.897 0  298 ASN A CB  1 
ATOM   868  C  CG  . ASN A 1 118 ? -3.410  2.403   13.723  1.000 14.097 0  298 ASN A CG  1 
ATOM   869  O  OD1 . ASN A 1 118 ? -3.245  2.402   14.939  1.000 15.072 0  298 ASN A OD1 1 
ATOM   870  N  ND2 . ASN A 1 118 ? -3.342  3.526   13.021  1.000 14.837 0  298 ASN A ND2 1 
ATOM   871  N  N   . SER A 1 119 ? -4.622  -0.460  15.341  1.000 16.328 0  299 SER A N   1 
ATOM   872  C  CA  . SER A 1 119 ? -4.964  -0.948  16.702  1.000 16.652 0  299 SER A CA  1 
ATOM   873  C  C   . SER A 1 119 ? -4.728  0.175   17.713  1.000 20.089 0  299 SER A C   1 
ATOM   874  O  O   . SER A 1 119 ? -5.200  0.002   18.885  1.000 19.968 0  299 SER A O   1 
ATOM   875  C  CB  . SER A 1 119 ? -4.161  -2.181  16.985  1.000 16.307 0  299 SER A CB  1 
ATOM   876  O  OG  . SER A 1 119 ? -2.786  -1.901  16.856  1.000 16.721 0  299 SER A OG  1 
ATOM   877  N  N   . SER A 1 120 ? -4.061  1.269   17.327  1.000 19.088 0  300 SER A N   1 
ATOM   878  C  CA  A SER A 1 120 ? -3.793  2.444   18.207  0.500 20.070 0  300 SER A CA  1 
ATOM   879  C  CA  B SER A 1 120 ? -3.801  2.432   18.219  0.500 20.051 0  300 SER A CA  1 
ATOM   880  C  C   . SER A 1 120 ? -4.740  3.612   17.903  1.000 21.725 0  300 SER A C   1 
ATOM   881  O  O   . SER A 1 120 ? -5.278  4.244   18.879  1.000 21.241 0  300 SER A O   1 
ATOM   882  C  CB  A SER A 1 120 ? -2.377  2.898   18.100  0.500 20.736 0  300 SER A CB  1 
ATOM   883  C  CB  B SER A 1 120 ? -2.355  2.812   18.156  0.500 20.507 0  300 SER A CB  1 
ATOM   884  O  OG  A SER A 1 120 ? -1.494  1.962   18.679  0.500 21.996 0  300 SER A OG  1 
ATOM   885  O  OG  B SER A 1 120 ? -2.069  3.918   18.998  0.500 22.174 0  300 SER A OG  1 
ATOM   886  N  N   . ASN A 1 121 ? -4.939  3.948   16.623  1.000 18.235 0  301 ASN A N   1 
ATOM   887  C  CA  . ASN A 1 121 ? -5.788  5.109   16.266  1.000 18.131 0  301 ASN A CA  1 
ATOM   888  C  C   . ASN A 1 121 ? -6.393  4.857   14.882  1.000 17.017 0  301 ASN A C   1 
ATOM   889  O  O   . ASN A 1 121 ? -6.198  3.721   14.339  1.000 15.436 0  301 ASN A O   1 
ATOM   890  C  CB  . ASN A 1 121 ? -4.994  6.404   16.409  1.000 17.992 0  301 ASN A CB  1 
ATOM   891  C  CG  . ASN A 1 121 ? -3.801  6.457   15.492  1.000 18.740 0  301 ASN A CG  1 
ATOM   892  O  OD1 . ASN A 1 121 ? -3.886  5.932   14.387  1.000 17.446 0  301 ASN A OD1 1 
ATOM   893  N  ND2 . ASN A 1 121 ? -2.709  7.059   15.941  1.000 19.122 0  301 ASN A ND2 1 
ATOM   894  N  N   . THR A 1 122 ? -7.076  5.834   14.316  1.000 17.099 0  302 THR A N   1 
ATOM   895  C  CA  . THR A 1 122 ? -7.825  5.717   13.044  1.000 17.117 0  302 THR A CA  1 
ATOM   896  C  C   . THR A 1 122 ? -6.949  6.051   11.839  1.000 13.677 0  302 THR A C   1 
ATOM   897  O  O   . THR A 1 122 ? -7.501  6.027   10.727  1.000 14.651 0  302 THR A O   1 
ATOM   898  C  CB  . THR A 1 122 ? -9.084  6.588   13.061  1.000 19.814 0  302 THR A CB  1 
ATOM   899  O  OG1 . THR A 1 122 ? -8.689  7.900   13.470  1.000 23.127 0  302 THR A OG1 1 
ATOM   900  C  CG2 . THR A 1 122 ? -10.115 5.913   13.948  1.000 22.571 0  302 THR A CG2 1 
ATOM   901  N  N   . TRP A 1 123 ? -5.653  6.293   12.068  1.000 14.134 0  303 TRP A N   1 
ATOM   902  C  CA  . TRP A 1 123 ? -4.770  6.710   10.954  1.000 14.010 0  303 TRP A CA  1 
ATOM   903  C  C   . TRP A 1 123 ? -4.378  5.513   10.077  1.000 12.546 0  303 TRP A C   1 
ATOM   904  O  O   . TRP A 1 123 ? -4.315  4.348   10.511  1.000 12.229 0  303 TRP A O   1 
ATOM   905  C  CB  . TRP A 1 123 ? -3.515  7.442   11.427  1.000 13.929 0  303 TRP A CB  1 
ATOM   906  C  CG  . TRP A 1 123 ? -3.840  8.823   11.891  1.000 14.928 0  303 TRP A CG  1 
ATOM   907  C  CD1 . TRP A 1 123 ? -4.289  9.235   13.123  1.000 17.448 0  303 TRP A CD1 1 
ATOM   908  C  CD2 . TRP A 1 123 ? -3.778  9.974   11.061  1.000 15.026 0  303 TRP A CD2 1 
ATOM   909  N  NE1 . TRP A 1 123 ? -4.475  10.597  13.091  1.000 16.257 0  303 TRP A NE1 1 
ATOM   910  C  CE2 . TRP A 1 123 ? -4.186  11.077  11.840  1.000 16.426 0  303 TRP A CE2 1 
ATOM   911  C  CE3 . TRP A 1 123 ? -3.369  10.194  9.738   1.000 14.808 0  303 TRP A CE3 1 
ATOM   912  C  CZ2 . TRP A 1 123 ? -4.221  12.369  11.333  1.000 15.072 0  303 TRP A CZ2 1 
ATOM   913  C  CZ3 . TRP A 1 123 ? -3.392  11.472  9.257   1.000 15.405 0  303 TRP A CZ3 1 
ATOM   914  C  CH2 . TRP A 1 123 ? -3.794  12.565  10.046  1.000 15.464 0  303 TRP A CH2 1 
ATOM   915  N  N   . ASN A 1 124 ? -4.095  5.834   8.833   1.000 13.182 0  304 ASN A N   1 
ATOM   916  C  CA  . ASN A 1 124 ? -3.470  4.899   7.871   1.000 12.162 0  304 ASN A CA  1 
ATOM   917  C  C   . ASN A 1 124 ? -2.158  5.536   7.445   1.000 11.137 0  304 ASN A C   1 
ATOM   918  O  O   . ASN A 1 124 ? -2.147  6.598   6.819   1.000 12.038 0  304 ASN A O   1 
ATOM   919  C  CB  . ASN A 1 124 ? -4.343  4.691   6.643   1.000 13.006 0  304 ASN A CB  1 
ATOM   920  C  CG  . ASN A 1 124 ? -5.754  4.354   7.041   1.000 12.139 0  304 ASN A CG  1 
ATOM   921  O  OD1 . ASN A 1 124 ? -5.988  3.216   7.435   1.000 11.953 0  304 ASN A OD1 1 
ATOM   922  N  ND2 . ASN A 1 124 ? -6.646  5.358   6.991   1.000 13.156 0  304 ASN A ND2 1 
ATOM   923  N  N   . SER A 1 125 ? -1.051  4.886   7.842   1.000 11.586 0  305 SER A N   1 
ATOM   924  C  CA  . SER A 1 125 ? 0.275   5.484   7.611   1.000 10.466 0  305 SER A CA  1 
ATOM   925  C  C   . SER A 1 125 ? 1.217   4.403   7.085   1.000 9.774  0  305 SER A C   1 
ATOM   926  O  O   . SER A 1 125 ? 1.513   3.441   7.808   1.000 10.280 0  305 SER A O   1 
ATOM   927  C  CB  . SER A 1 125 ? 0.800   6.104   8.922   1.000 11.411 0  305 SER A CB  1 
ATOM   928  O  OG  . SER A 1 125 ? -0.045  7.234   9.272   1.000 12.631 0  305 SER A OG  1 
ATOM   929  N  N   . ILE A 1 126 ? 1.718   4.609   5.886   1.000 9.718  0  306 ILE A N   1 
ATOM   930  C  CA  . ILE A 1 126 ? 2.523   3.643   5.116   1.000 9.715  0  306 ILE A CA  1 
ATOM   931  C  C   . ILE A 1 126 ? 3.843   4.311   4.774   1.000 9.997  0  306 ILE A C   1 
ATOM   932  O  O   . ILE A 1 126 ? 3.813   5.400   4.188   1.000 9.857  0  306 ILE A O   1 
ATOM   933  C  CB  . ILE A 1 126 ? 1.766   3.113   3.884   1.000 11.178 0  306 ILE A CB  1 
ATOM   934  C  CG1 . ILE A 1 126 ? 0.445   2.444   4.325   1.000 11.601 0  306 ILE A CG1 1 
ATOM   935  C  CG2 . ILE A 1 126 ? 2.666   2.194   3.092   1.000 11.590 0  306 ILE A CG2 1 
ATOM   936  C  CD1 . ILE A 1 126 ? -0.423  1.992   3.162   1.000 11.706 0  306 ILE A CD1 1 
ATOM   937  N  N   . THR A 1 127 ? 4.984   3.649   5.094   1.000 9.685  0  307 THR A N   1 
ATOM   938  C  CA  . THR A 1 127 ? 6.281   4.274   4.792   1.000 10.156 0  307 THR A CA  1 
ATOM   939  C  C   . THR A 1 127 ? 6.811   3.905   3.409   1.000 9.362  0  307 THR A C   1 
ATOM   940  O  O   . THR A 1 127 ? 7.471   4.754   2.769   1.000 11.052 0  307 THR A O   1 
ATOM   941  C  CB  . THR A 1 127 ? 7.293   3.923   5.884   1.000 10.228 0  307 THR A CB  1 
ATOM   942  O  OG1 . THR A 1 127 ? 7.452   2.509   5.867   1.000 11.968 0  307 THR A OG1 1 
ATOM   943  C  CG2 . THR A 1 127 ? 6.864   4.393   7.249   1.000 11.394 0  307 THR A CG2 1 
ATOM   944  N  N   . GLU A 1 128 ? 6.544   2.712   2.914   1.000 9.746  0  308 GLU A N   1 
ATOM   945  C  CA  . GLU A 1 128 ? 7.085   2.243   1.619   1.000 9.298  0  308 GLU A CA  1 
ATOM   946  C  C   . GLU A 1 128 ? 6.105   1.268   1.009   1.000 9.972  0  308 GLU A C   1 
ATOM   947  O  O   . GLU A 1 128 ? 5.562   0.437   1.803   1.000 10.205 0  308 GLU A O   1 
ATOM   948  C  CB  . GLU A 1 128 ? 8.457   1.598   1.824   1.000 10.526 0  308 GLU A CB  1 
ATOM   949  C  CG  . GLU A 1 128 ? 9.578   2.600   2.090   1.000 11.329 0  308 GLU A CG  1 
ATOM   950  C  CD  . GLU A 1 128 ? 9.839   3.501   0.892   1.000 13.829 0  308 GLU A CD  1 
ATOM   951  O  OE1 . GLU A 1 128 ? 10.289  2.942   -0.156  1.000 15.366 0  308 GLU A OE1 1 
ATOM   952  O  OE2 . GLU A 1 128 ? 9.643   4.756   0.954   1.000 14.750 -1 308 GLU A OE2 1 
ATOM   953  N  N   . VAL A 1 129 ? 5.979   1.276   -0.308  1.000 9.459  0  309 VAL A N   1 
ATOM   954  C  CA  . VAL A 1 129 ? 5.266   0.217   -1.056  1.000 10.688 0  309 VAL A CA  1 
ATOM   955  C  C   . VAL A 1 129 ? 6.113   -0.204  -2.232  1.000 10.180 0  309 VAL A C   1 
ATOM   956  O  O   . VAL A 1 129 ? 6.715   0.693   -2.889  1.000 12.425 0  309 VAL A O   1 
ATOM   957  C  CB  . VAL A 1 129 ? 3.881   0.710   -1.496  1.000 10.237 0  309 VAL A CB  1 
ATOM   958  C  CG1 . VAL A 1 129 ? 3.203   -0.294  -2.449  1.000 12.305 0  309 VAL A CG1 1 
ATOM   959  C  CG2 . VAL A 1 129 ? 2.972   0.935   -0.325  1.000 11.067 0  309 VAL A CG2 1 
ATOM   960  N  N   . ALA A 1 130 ? 6.056   -1.476  -2.562  1.000 9.731  0  310 ALA A N   1 
ATOM   961  C  CA  . ALA A 1 130 ? 6.701   -2.017  -3.765  1.000 9.980  0  310 ALA A CA  1 
ATOM   962  C  C   . ALA A 1 130 ? 5.794   -3.088  -4.355  1.000 10.809 0  310 ALA A C   1 
ATOM   963  O  O   . ALA A 1 130 ? 5.057   -3.756  -3.628  1.000 10.185 0  310 ALA A O   1 
ATOM   964  C  CB  . ALA A 1 130 ? 8.089   -2.478  -3.452  1.000 10.593 0  310 ALA A CB  1 
ATOM   965  N  N   . ILE A 1 131 ? 5.817   -3.269  -5.653  1.000 10.739 0  311 ILE A N   1 
ATOM   966  C  CA  . ILE A 1 131 ? 4.820   -4.081  -6.381  1.000 11.007 0  311 ILE A CA  1 
ATOM   967  C  C   . ILE A 1 131 ? 5.633   -4.955  -7.295  1.000 11.593 0  311 ILE A C   1 
ATOM   968  O  O   . ILE A 1 131 ? 6.473   -4.374  -8.104  1.000 13.620 0  311 ILE A O   1 
ATOM   969  C  CB  . ILE A 1 131 ? 3.825   -3.200  -7.154  1.000 10.134 0  311 ILE A CB  1 
ATOM   970  C  CG1 . ILE A 1 131 ? 3.056   -2.324  -6.160  1.000 10.575 0  311 ILE A CG1 1 
ATOM   971  C  CG2 . ILE A 1 131 ? 2.913   -4.042  -8.021  1.000 9.826  0  311 ILE A CG2 1 
ATOM   972  C  CD1 . ILE A 1 131 ? 2.145   -1.314  -6.787  1.000 11.762 0  311 ILE A CD1 1 
ATOM   973  N  N   . PHE A 1 132 ? 5.321   -6.277  -7.280  1.000 10.284 0  312 PHE A N   1 
ATOM   974  C  CA  . PHE A 1 132 ? 6.155   -7.342  -7.864  1.000 11.614 0  312 PHE A CA  1 
ATOM   975  C  C   . PHE A 1 132 ? 5.365   -8.316  -8.717  1.000 11.218 0  312 PHE A C   1 
ATOM   976  O  O   . PHE A 1 132 ? 4.163   -8.593  -8.503  1.000 11.677 0  312 PHE A O   1 
ATOM   977  C  CB  . PHE A 1 132 ? 6.818   -8.135  -6.739  1.000 12.532 0  312 PHE A CB  1 
ATOM   978  C  CG  . PHE A 1 132 ? 7.720   -7.317  -5.866  1.000 13.160 0  312 PHE A CG  1 
ATOM   979  C  CD1 . PHE A 1 132 ? 7.160   -6.528  -4.884  1.000 15.326 0  312 PHE A CD1 1 
ATOM   980  C  CD2 . PHE A 1 132 ? 9.084   -7.315  -6.038  1.000 15.208 0  312 PHE A CD2 1 
ATOM   981  C  CE1 . PHE A 1 132 ? 7.963   -5.797  -4.026  1.000 17.105 0  312 PHE A CE1 1 
ATOM   982  C  CE2 . PHE A 1 132 ? 9.893   -6.535  -5.198  1.000 14.746 0  312 PHE A CE2 1 
ATOM   983  C  CZ  . PHE A 1 132 ? 9.321   -5.789  -4.213  1.000 16.890 0  312 PHE A CZ  1 
ATOM   984  N  N   . HIS A 1 133 ? 6.084   -8.941  -9.639  1.000 12.027 0  313 HIS A N   1 
ATOM   985  C  CA  . HIS A 1 133 ? 5.771   -10.296 -10.145 1.000 13.259 0  313 HIS A CA  1 
ATOM   986  C  C   . HIS A 1 133 ? 6.815   -11.207 -9.528  1.000 14.000 0  313 HIS A C   1 
ATOM   987  O  O   . HIS A 1 133 ? 7.998   -11.201 -10.018 1.000 14.920 0  313 HIS A O   1 
ATOM   988  C  CB  . HIS A 1 133 ? 5.718   -10.302 -11.656 1.000 13.786 0  313 HIS A CB  1 
ATOM   989  C  CG  . HIS A 1 133 ? 5.267   -11.599 -12.221 1.000 15.191 0  313 HIS A CG  1 
ATOM   990  N  ND1 . HIS A 1 133 ? 5.370   -11.889 -13.583 1.000 18.675 0  313 HIS A ND1 1 
ATOM   991  C  CD2 . HIS A 1 133 ? 4.704   -12.664 -11.621 1.000 16.686 0  313 HIS A CD2 1 
ATOM   992  C  CE1 . HIS A 1 133 ? 4.878   -13.116 -13.766 1.000 18.064 0  313 HIS A CE1 1 
ATOM   993  N  NE2 . HIS A 1 133 ? 4.446   -13.609 -12.591 1.000 16.967 0  313 HIS A NE2 1 
ATOM   994  N  N   . ALA A 1 134 ? 6.465   -11.868 -8.430  1.000 15.563 0  314 ALA A N   1 
ATOM   995  C  CA  . ALA A 1 134 ? 7.377   -12.680 -7.592  1.000 19.085 0  314 ALA A CA  1 
ATOM   996  C  C   . ALA A 1 134 ? 7.447   -14.109 -8.123  1.000 23.902 0  314 ALA A C   1 
ATOM   997  O  O   . ALA A 1 134 ? 6.427   -14.645 -8.656  1.000 23.748 0  314 ALA A O   1 
ATOM   998  C  CB  . ALA A 1 134 ? 6.892   -12.633 -6.177  1.000 19.670 0  314 ALA A CB  1 
HETATM 999  C  C1  . LGU B 2 .   ? -0.908  11.809  18.267  1.000 45.645 0  1   LGU C C1  1 
HETATM 1000 C  C2  . LGU B 2 .   ? -1.019  10.545  17.398  1.000 42.894 0  1   LGU C C2  1 
HETATM 1001 O  O2  . LGU B 2 .   ? -1.286  9.399   18.198  1.000 48.045 0  1   LGU C O2  1 
HETATM 1002 C  C3  . LGU B 2 .   ? -2.168  10.613  16.424  1.000 38.850 0  1   LGU C C3  1 
HETATM 1003 O  O3  . LGU B 2 .   ? -3.407  10.311  17.109  1.000 42.934 0  1   LGU C O3  1 
HETATM 1004 C  C4  . LGU B 2 .   ? -2.193  11.972  15.740  1.000 34.678 0  1   LGU C C4  1 
HETATM 1005 O  O4  . LGU B 2 .   ? -1.013  12.074  14.944  1.000 22.725 0  1   LGU C O4  1 
HETATM 1006 C  C5  . LGU B 2 .   ? -2.143  13.165  16.689  1.000 38.202 0  1   LGU C C5  1 
HETATM 1007 O  O5  . LGU B 2 .   ? -0.954  13.037  17.515  1.000 42.900 0  1   LGU C O5  1 
HETATM 1008 C  C6  . LGU B 2 .   ? -2.109  14.352  15.764  1.000 42.771 0  1   LGU C C6  1 
HETATM 1009 O  O6B . LGU B 2 .   ? -3.111  14.570  15.032  1.000 46.070 0  1   LGU C O6B 1 
HETATM 1010 O  O6A . LGU B 2 .   ? -1.059  15.026  15.688  1.000 44.287 0  1   LGU C O6A 1 
HETATM 1011 O  O1  . LGU B 2 .   ? -2.043  11.767  19.137  1.000 45.486 0  1   LGU C O1  1 
HETATM 1012 C  C1  . MAW B 2 .   ? -0.974  11.392  13.662  1.000 19.567 0  2   MAW C C1  1 
HETATM 1013 C  C2  . MAW B 2 .   ? -0.117  12.154  12.732  1.000 17.551 0  2   MAW C C2  1 
HETATM 1014 O  O2  . MAW B 2 .   ? 1.289   12.170  13.111  1.000 20.912 0  2   MAW C O2  1 
HETATM 1015 C  C3  . MAW B 2 .   ? -0.298  11.493  11.338  1.000 18.420 0  2   MAW C C3  1 
HETATM 1016 O  O3  . MAW B 2 .   ? 0.701   11.923  10.433  1.000 16.275 0  2   MAW C O3  1 
HETATM 1017 C  C4  . MAW B 2 .   ? -0.261  9.965   11.498  1.000 19.102 0  2   MAW C C4  1 
HETATM 1018 C  C5  . MAW B 2 .   ? -0.265  9.358   12.660  1.000 18.024 0  2   MAW C C5  1 
HETATM 1019 O  O5  . MAW B 2 .   ? -0.368  10.111  13.899  1.000 19.809 0  2   MAW C O5  1 
HETATM 1020 C  C6  . MAW B 2 .   ? -0.236  7.937   12.845  1.000 17.162 0  2   MAW C C6  1 
HETATM 1021 O  O6A . MAW B 2 .   ? -0.305  7.500   14.037  1.000 16.447 0  2   MAW C O6A 1 
HETATM 1022 O  O6B . MAW B 2 .   ? -0.200  7.128   11.841  1.000 14.677 0  2   MAW C O6B 1 
HETATM 1023 CA CA  . CA  C 3 .   ? 9.037   6.491   2.445   1.000 12.074 0  401 CA  A CA  1 
HETATM 1024 O  O1  . PG4 D 4 .   ? 1.807   -17.751 1.234   1.000 36.154 0  402 PG4 A O1  1 
HETATM 1025 C  C1  . PG4 D 4 .   ? 1.236   -16.467 1.071   1.000 29.486 0  402 PG4 A C1  1 
HETATM 1026 C  C2  . PG4 D 4 .   ? -0.074  -16.524 0.369   1.000 28.672 0  402 PG4 A C2  1 
HETATM 1027 O  O2  . PG4 D 4 .   ? 0.147   -16.758 -1.008  1.000 24.948 0  402 PG4 A O2  1 
HETATM 1028 C  C3  . PG4 D 4 .   ? -1.038  -16.584 -1.775  1.000 23.858 0  402 PG4 A C3  1 
HETATM 1029 C  C4  . PG4 D 4 .   ? -0.829  -17.031 -3.161  1.000 22.684 0  402 PG4 A C4  1 
HETATM 1030 O  O3  . PG4 D 4 .   ? 0.246   -16.275 -3.687  1.000 24.555 0  402 PG4 A O3  1 
HETATM 1031 C  C5  . PG4 D 4 .   ? 0.504   -16.486 -5.078  1.000 23.788 0  402 PG4 A C5  1 
HETATM 1032 C  C6  . PG4 D 4 .   ? 1.664   -15.633 -5.497  1.000 24.900 0  402 PG4 A C6  1 
HETATM 1033 O  O4  . PG4 D 4 .   ? 2.805   -15.894 -4.695  1.000 24.967 0  402 PG4 A O4  1 
HETATM 1034 C  C7  . PG4 D 4 .   ? 3.918   -15.072 -5.015  1.000 26.941 0  402 PG4 A C7  1 
HETATM 1035 C  C8  . PG4 D 4 .   ? 5.162   -15.832 -4.748  1.000 33.286 0  402 PG4 A C8  1 
HETATM 1036 O  O5  . PG4 D 4 .   ? 5.659   -15.489 -3.501  1.000 39.325 0  402 PG4 A O5  1 
HETATM 1037 NA NA  . NA  E 5 .   ? -5.912  13.018  6.564   1.000 17.100 0  403 NA  A NA  1 
HETATM 1038 O  O   . HOH F 6 .   ? -10.597 -2.185  -12.517 1.000 29.674 0  501 HOH A O   1 
HETATM 1039 O  O   . HOH F 6 .   ? 13.071  -4.496  -5.304  1.000 32.658 0  502 HOH A O   1 
HETATM 1040 O  O   . HOH F 6 .   ? 10.750  11.920  0.270   1.000 40.034 0  503 HOH A O   1 
HETATM 1041 O  O   . HOH F 6 .   ? 7.455   14.023  -0.678  1.000 37.085 0  504 HOH A O   1 
HETATM 1042 O  O   . HOH F 6 .   ? -1.664  15.291  10.805  1.000 24.509 0  505 HOH A O   1 
HETATM 1043 O  O   . HOH F 6 .   ? 9.230   3.862   -15.384 1.000 27.238 0  506 HOH A O   1 
HETATM 1044 O  O   . HOH F 6 .   ? -1.237  18.655  8.285   1.000 37.535 0  507 HOH A O   1 
HETATM 1045 O  O   . HOH F 6 .   ? 8.896   -10.804 1.829   1.000 26.430 0  508 HOH A O   1 
HETATM 1046 O  O   . HOH F 6 .   ? -1.933  -10.140 5.924   1.000 32.809 0  509 HOH A O   1 
HETATM 1047 O  O   . HOH F 6 .   ? -12.133 -4.424  1.691   1.000 24.612 0  510 HOH A O   1 
HETATM 1048 O  O   . HOH F 6 .   ? -10.650 8.157   -6.212  1.000 33.720 0  511 HOH A O   1 
HETATM 1049 O  O   . HOH F 6 .   ? -10.794 -4.844  -11.792 1.000 28.639 0  512 HOH A O   1 
HETATM 1050 O  O   . HOH F 6 .   ? 4.048   -13.335 0.569   1.000 24.458 0  513 HOH A O   1 
HETATM 1051 O  O   . HOH F 6 .   ? -1.579  -0.925  18.964  1.000 29.083 0  514 HOH A O   1 
HETATM 1052 O  O   . HOH F 6 .   ? -2.700  -11.903 -15.635 1.000 19.780 0  515 HOH A O   1 
HETATM 1053 O  O   . HOH F 6 .   ? -13.495 0.218   9.653   1.000 34.812 0  516 HOH A O   1 
HETATM 1054 O  O   . HOH F 6 .   ? -11.561 1.394   -1.147  1.000 19.229 0  517 HOH A O   1 
HETATM 1055 O  O   . HOH F 6 .   ? 4.359   -11.591 4.499   1.000 20.683 0  518 HOH A O   1 
HETATM 1056 O  O   . HOH F 6 .   ? -12.822 3.285   0.638   1.000 19.388 0  519 HOH A O   1 
HETATM 1057 O  O   . HOH F 6 .   ? 8.037   0.998   -5.163  1.000 20.963 0  520 HOH A O   1 
HETATM 1058 O  O   . HOH F 6 .   ? -6.019  5.013   -16.957 1.000 30.407 0  521 HOH A O   1 
HETATM 1059 O  O   . HOH F 6 .   ? 12.569  11.637  7.140   1.000 36.553 0  522 HOH A O   1 
HETATM 1060 O  O   . HOH F 6 .   ? 2.155   2.329   18.087  1.000 29.118 0  523 HOH A O   1 
HETATM 1061 O  O   . HOH F 6 .   ? 11.666  0.686   0.101   1.000 19.764 0  524 HOH A O   1 
HETATM 1062 O  O   . HOH F 6 .   ? -6.955  -8.156  -12.931 1.000 28.767 0  525 HOH A O   1 
HETATM 1063 O  O   . HOH F 6 .   ? 0.841   1.169   10.939  1.000 12.835 0  526 HOH A O   1 
HETATM 1064 O  O   . HOH F 6 .   ? 2.933   -4.016  10.947  1.000 14.758 0  527 HOH A O   1 
HETATM 1065 O  O   . HOH F 6 .   ? 3.804   18.247  2.407   1.000 22.274 0  528 HOH A O   1 
HETATM 1066 O  O   . HOH F 6 .   ? 5.913   -0.233  -14.142 1.000 15.158 0  529 HOH A O   1 
HETATM 1067 O  O   . HOH F 6 .   ? 9.136   5.897   -9.937  1.000 16.106 0  530 HOH A O   1 
HETATM 1068 O  O   . HOH F 6 .   ? -3.637  -14.116 -0.854  1.000 13.107 0  531 HOH A O   1 
HETATM 1069 O  O   . HOH F 6 .   ? 10.394  3.088   -2.831  1.000 30.582 0  532 HOH A O   1 
HETATM 1070 O  O   . HOH F 6 .   ? 6.714   11.667  6.212   1.000 13.005 0  533 HOH A O   1 
HETATM 1071 O  O   . HOH F 6 .   ? 0.711   7.873   -14.964 1.000 33.952 0  534 HOH A O   1 
HETATM 1072 O  O   . HOH F 6 .   ? 6.081   -2.906  8.268   1.000 12.267 0  535 HOH A O   1 
HETATM 1073 O  O   . HOH F 6 .   ? 8.046   1.222   8.365   1.000 12.477 0  536 HOH A O   1 
HETATM 1074 O  O   . HOH F 6 .   ? -1.300  2.579   9.697   1.000 13.205 0  537 HOH A O   1 
HETATM 1075 O  O   . HOH F 6 .   ? -5.703  -12.499 -7.562  1.000 15.503 0  538 HOH A O   1 
HETATM 1076 O  O   . HOH F 6 .   ? 7.603   -1.305  -6.915  1.000 14.416 0  539 HOH A O   1 
HETATM 1077 O  O   . HOH F 6 .   ? -0.320  -9.118  -17.715 1.000 27.253 0  540 HOH A O   1 
HETATM 1078 O  O   . HOH F 6 .   ? 11.679  6.617   -6.387  1.000 14.226 0  541 HOH A O   1 
HETATM 1079 O  O   . HOH F 6 .   ? -7.254  -9.654  9.300   1.000 39.225 0  542 HOH A O   1 
HETATM 1080 O  O   . HOH F 6 .   ? -9.770  -9.966  -0.503  1.000 25.600 0  543 HOH A O   1 
HETATM 1081 O  O   . HOH F 6 .   ? 1.143   -1.706  11.311  1.000 14.817 0  544 HOH A O   1 
HETATM 1082 O  O   . HOH F 6 .   ? 10.652  10.203  10.410  1.000 35.261 0  545 HOH A O   1 
HETATM 1083 O  O   . HOH F 6 .   ? 2.551   -17.122 -2.219  1.000 27.379 0  546 HOH A O   1 
HETATM 1084 O  O   . HOH F 6 .   ? -8.265  -1.410  -1.965  1.000 15.647 0  547 HOH A O   1 
HETATM 1085 O  O   . HOH F 6 .   ? -9.985  -3.351  -1.700  1.000 35.911 0  548 HOH A O   1 
HETATM 1086 O  O   . HOH F 6 .   ? 2.425   -4.840  17.491  1.000 31.214 0  549 HOH A O   1 
HETATM 1087 O  O   . HOH F 6 .   ? -11.218 -0.571  -4.933  1.000 22.034 0  550 HOH A O   1 
HETATM 1088 O  O   . HOH F 6 .   ? -6.021  7.376   -5.068  1.000 12.984 0  551 HOH A O   1 
HETATM 1089 O  O   . HOH F 6 .   ? 2.899   -12.656 -17.400 1.000 21.233 0  552 HOH A O   1 
HETATM 1090 O  O   . HOH F 6 .   ? 8.975   9.653   -4.008  1.000 24.400 0  553 HOH A O   1 
HETATM 1091 O  O   . HOH F 6 .   ? -0.036  -6.987  -19.486 1.000 31.742 0  554 HOH A O   1 
HETATM 1092 O  O   . HOH F 6 .   ? -10.286 2.269   12.366  1.000 31.513 0  555 HOH A O   1 
HETATM 1093 O  O   . HOH F 6 .   ? 14.459  8.667   -3.253  1.000 14.065 0  556 HOH A O   1 
HETATM 1094 O  O   . HOH F 6 .   ? 6.667   -0.416  -18.723 1.000 43.429 0  557 HOH A O   1 
HETATM 1095 O  O   . HOH F 6 .   ? 11.787  -1.011  -10.991 1.000 15.714 0  558 HOH A O   1 
HETATM 1096 O  O   . HOH F 6 .   ? -4.360  0.852   7.458   1.000 18.131 0  559 HOH A O   1 
HETATM 1097 O  O   . HOH F 6 .   ? -1.039  -13.855 3.116   1.000 28.427 0  560 HOH A O   1 
HETATM 1098 O  O   . HOH F 6 .   ? -12.264 0.804   -7.635  1.000 28.919 0  561 HOH A O   1 
HETATM 1099 O  O   . HOH F 6 .   ? -5.017  7.226   -9.314  1.000 25.017 0  562 HOH A O   1 
HETATM 1100 O  O   . HOH F 6 .   ? 15.247  8.040   0.174   1.000 19.901 0  563 HOH A O   1 
HETATM 1101 O  O   . HOH F 6 .   ? 10.790  -8.007  5.535   1.000 16.383 0  564 HOH A O   1 
HETATM 1102 O  O   . HOH F 6 .   ? 11.829  -6.515  -1.552  1.000 29.828 0  565 HOH A O   1 
HETATM 1103 O  O   . HOH F 6 .   ? 14.218  10.356  1.446   1.000 31.887 0  566 HOH A O   1 
HETATM 1104 O  O   . HOH F 6 .   ? -3.163  -10.724 -19.083 1.000 21.213 0  567 HOH A O   1 
HETATM 1105 O  O   . HOH F 6 .   ? 1.681   5.502   -18.955 1.000 35.044 0  568 HOH A O   1 
HETATM 1106 O  O   . HOH F 6 .   ? -10.791 12.964  1.157   1.000 19.164 0  569 HOH A O   1 
HETATM 1107 O  O   . HOH F 6 .   ? 4.117   -4.986  8.856   1.000 15.892 0  570 HOH A O   1 
HETATM 1108 O  O   . HOH F 6 .   ? -10.043 12.045  -2.982  1.000 25.425 0  571 HOH A O   1 
HETATM 1109 O  O   . HOH F 6 .   ? 5.585   14.757  2.887   1.000 18.214 0  572 HOH A O   1 
HETATM 1110 O  O   . HOH F 6 .   ? -2.692  -5.373  17.538  1.000 29.609 0  573 HOH A O   1 
HETATM 1111 O  O   . HOH F 6 .   ? -12.462 5.838   10.885  1.000 25.702 0  574 HOH A O   1 
HETATM 1112 O  O   . HOH F 6 .   ? -6.120  -12.957 -1.052  1.000 12.657 0  575 HOH A O   1 
HETATM 1113 O  O   . HOH F 6 .   ? 11.351  -3.720  15.097  1.000 29.193 0  576 HOH A O   1 
HETATM 1114 O  O   . HOH F 6 .   ? 11.359  -4.106  -13.456 1.000 22.833 0  577 HOH A O   1 
HETATM 1115 O  O   . HOH F 6 .   ? 8.560   2.311   13.850  1.000 29.401 0  578 HOH A O   1 
HETATM 1116 O  O   . HOH F 6 .   ? -2.053  -9.070  12.595  1.000 25.276 0  579 HOH A O   1 
HETATM 1117 O  O   . HOH F 6 .   ? 11.550  -3.742  12.357  1.000 18.497 0  580 HOH A O   1 
HETATM 1118 O  O   . HOH F 6 .   ? -11.776 1.875   -3.772  1.000 19.376 0  581 HOH A O   1 
HETATM 1119 O  O   . HOH F 6 .   ? -6.458  -13.082 -13.723 1.000 20.304 0  582 HOH A O   1 
HETATM 1120 O  O   . HOH F 6 .   ? -5.866  -14.977 -12.053 1.000 25.436 0  583 HOH A O   1 
HETATM 1121 O  O   . HOH F 6 .   ? -11.620 6.148   -14.235 1.000 36.463 0  584 HOH A O   1 
HETATM 1122 O  O   . HOH F 6 .   ? -8.877  2.263   14.509  1.000 27.747 0  585 HOH A O   1 
HETATM 1123 O  O   . HOH F 6 .   ? 6.900   -10.511 4.251   1.000 19.074 0  586 HOH A O   1 
HETATM 1124 O  O   . HOH F 6 .   ? 1.132   -8.198  16.615  1.000 23.043 0  587 HOH A O   1 
HETATM 1125 O  O   . HOH F 6 .   ? 3.805   -8.221  -17.088 1.000 22.113 0  588 HOH A O   1 
HETATM 1126 O  O   . HOH F 6 .   ? 9.545   2.969   9.570   1.000 15.662 0  589 HOH A O   1 
HETATM 1127 O  O   . HOH F 6 .   ? -11.203 6.151   -8.002  1.000 40.361 0  590 HOH A O   1 
HETATM 1128 O  O   . HOH F 6 .   ? -3.084  1.859   -19.750 1.000 29.482 0  591 HOH A O   1 
HETATM 1129 O  O   . HOH F 6 .   ? 5.438   -6.679  18.032  1.000 31.235 0  592 HOH A O   1 
HETATM 1130 O  O   . HOH F 6 .   ? -5.266  -12.055 5.453   1.000 32.160 0  593 HOH A O   1 
HETATM 1131 O  O   . HOH F 6 .   ? 2.724   10.438  14.368  1.000 28.770 0  594 HOH A O   1 
HETATM 1132 O  O   . HOH F 6 .   ? 7.866   3.865   11.710  1.000 18.220 0  595 HOH A O   1 
HETATM 1133 O  O   . HOH F 6 .   ? 8.533   6.563   9.468   1.000 19.704 0  596 HOH A O   1 
HETATM 1134 O  O   . HOH F 6 .   ? 2.215   -16.411 -9.611  1.000 13.446 0  597 HOH A O   1 
HETATM 1135 O  O   . HOH F 6 .   ? -0.274  -10.300 9.487   1.000 30.462 0  598 HOH A O   1 
HETATM 1136 O  O   . HOH F 6 .   ? -2.550  6.274   -9.270  1.000 18.661 0  599 HOH A O   1 
HETATM 1137 O  O   . HOH F 6 .   ? 6.249   -4.782  19.802  1.000 32.825 0  600 HOH A O   1 
HETATM 1138 O  O   . HOH F 6 .   ? 0.918   4.363   17.000  1.000 21.911 0  601 HOH A O   1 
HETATM 1139 O  O   . HOH F 6 .   ? 9.948   -1.371  -14.038 1.000 16.014 0  602 HOH A O   1 
HETATM 1140 O  O   . HOH F 6 .   ? 7.279   8.904   8.729   1.000 17.338 0  603 HOH A O   1 
HETATM 1141 O  O   . HOH F 6 .   ? -6.350  15.670  5.210   1.000 26.674 0  604 HOH A O   1 
HETATM 1142 O  O   . HOH F 6 .   ? 12.141  -3.045  4.093   1.000 14.125 0  605 HOH A O   1 
HETATM 1143 O  O   . HOH F 6 .   ? 1.069   -13.100 1.593   1.000 19.410 0  606 HOH A O   1 
HETATM 1144 O  O   . HOH F 6 .   ? -7.593  8.357   16.179  1.000 33.757 0  607 HOH A O   1 
HETATM 1145 O  O   . HOH F 6 .   ? 0.713   -10.019 7.472   1.000 27.253 0  608 HOH A O   1 
HETATM 1146 O  O   . HOH F 6 .   ? -3.865  -10.648 7.446   1.000 25.275 0  609 HOH A O   1 
HETATM 1147 O  O   . HOH F 6 .   ? 3.171   15.109  10.144  1.000 27.394 0  610 HOH A O   1 
HETATM 1148 O  O   . HOH F 6 .   ? -1.322  -1.693  -20.903 1.000 28.641 0  611 HOH A O   1 
HETATM 1149 O  O   . HOH F 6 .   ? -6.778  -12.043 1.432   1.000 16.064 0  612 HOH A O   1 
HETATM 1150 O  O   . HOH F 6 .   ? 7.800   -4.303  -17.039 1.000 34.869 0  613 HOH A O   1 
HETATM 1151 O  O   . HOH F 6 .   ? -9.103  -5.990  6.384   1.000 26.413 0  614 HOH A O   1 
HETATM 1152 O  O   . HOH F 6 .   ? -7.441  6.784   -8.632  1.000 24.049 0  615 HOH A O   1 
HETATM 1153 O  O   . HOH F 6 .   ? -12.851 4.638   -7.181  1.000 43.165 0  616 HOH A O   1 
HETATM 1154 O  O   . HOH F 6 .   ? 8.262   11.806  8.503   1.000 23.316 0  617 HOH A O   1 
HETATM 1155 O  O   . HOH F 6 .   ? -6.089  -3.651  13.808  1.000 41.496 0  618 HOH A O   1 
HETATM 1156 O  O   . HOH F 6 .   ? 9.001   5.602   -12.681 1.000 31.796 0  619 HOH A O   1 
HETATM 1157 O  O   . HOH F 6 .   ? 13.523  -0.882  12.633  1.000 41.000 0  620 HOH A O   1 
HETATM 1158 O  O   . HOH F 6 .   ? -6.059  -10.250 -15.776 1.000 26.673 0  621 HOH A O   1 
HETATM 1159 O  O   . HOH F 6 .   ? 6.368   13.076  12.175  1.000 37.481 0  622 HOH A O   1 
HETATM 1160 O  O   . HOH F 6 .   ? -8.746  -11.357 -13.530 1.000 22.577 0  623 HOH A O   1 
HETATM 1161 O  O   . HOH F 6 .   ? 3.313   -13.719 3.004   1.000 29.051 0  624 HOH A O   1 
HETATM 1162 O  O   . HOH F 6 .   ? -1.896  7.995   -11.357 1.000 24.230 0  625 HOH A O   1 
HETATM 1163 O  O   . HOH F 6 .   ? -12.789 7.706   1.539   1.000 44.106 0  626 HOH A O   1 
HETATM 1164 O  O   . HOH F 6 .   ? 13.011  -9.574  0.883   1.000 35.272 0  627 HOH A O   1 
HETATM 1165 O  O   . HOH F 6 .   ? -2.001  7.702   -19.293 1.000 40.604 0  628 HOH A O   1 
HETATM 1166 O  O   . HOH F 6 .   ? 12.951  -1.772  8.652   1.000 20.168 0  629 HOH A O   1 
HETATM 1167 O  O   . HOH F 6 .   ? 2.198   14.446  12.546  1.000 33.824 0  630 HOH A O   1 
HETATM 1168 O  O   . HOH F 6 .   ? 8.523   13.423  4.906   1.000 24.891 0  631 HOH A O   1 
HETATM 1169 O  O   . HOH F 6 .   ? -8.055  8.272   -6.511  1.000 27.821 0  632 HOH A O   1 
HETATM 1170 O  O   . HOH F 6 .   ? -12.121 -2.846  -3.965  1.000 39.711 0  633 HOH A O   1 
HETATM 1171 O  O   . HOH F 6 .   ? -9.645  -11.887 1.363   1.000 30.820 0  634 HOH A O   1 
HETATM 1172 O  O   . HOH F 6 .   ? -5.226  -13.531 3.255   1.000 27.318 0  635 HOH A O   1 
HETATM 1173 O  O   . HOH F 6 .   ? -9.432  -5.578  -15.033 1.000 30.918 0  636 HOH A O   1 
HETATM 1174 O  O   . HOH F 6 .   ? 8.655   9.816   -7.061  1.000 29.911 0  637 HOH A O   1 
HETATM 1175 O  O   . HOH F 6 .   ? -5.511  -11.877 -18.242 1.000 19.885 0  638 HOH A O   1 
HETATM 1176 O  O   . HOH F 6 .   ? 4.285   19.820  4.646   1.000 40.850 0  639 HOH A O   1 
HETATM 1177 O  O   . HOH F 6 .   ? 1.458   8.527   16.084  1.000 29.897 0  640 HOH A O   1 
HETATM 1178 O  O   . HOH F 6 .   ? -4.341  -0.711  -18.318 1.000 30.709 0  641 HOH A O   1 
HETATM 1179 O  O   . HOH F 6 .   ? -12.722 9.419   -0.044  1.000 39.530 0  642 HOH A O   1 
HETATM 1180 O  O   . HOH F 6 .   ? 1.452   18.960  1.300   1.000 23.603 0  643 HOH A O   1 
HETATM 1181 O  O   . HOH F 6 .   ? 11.931  2.621   10.706  1.000 20.593 0  644 HOH A O   1 
HETATM 1182 O  O   . HOH F 6 .   ? -3.314  -14.865 1.803   1.000 19.889 0  645 HOH A O   1 
HETATM 1183 O  O   . HOH F 6 .   ? -12.116 14.745  -0.419  1.000 17.343 0  646 HOH A O   1 
HETATM 1184 O  O   . HOH F 6 .   ? 7.306   16.363  1.275   1.000 34.899 0  647 HOH A O   1 
HETATM 1185 O  O   . HOH F 6 .   ? -13.959 1.423   2.412   1.000 31.528 0  648 HOH A O   1 
HETATM 1186 O  O   . HOH F 6 .   ? 12.871  -5.244  2.563   1.000 24.004 0  649 HOH A O   1 
HETATM 1187 O  O   . HOH F 6 .   ? -9.474  14.746  2.975   1.000 24.259 0  650 HOH A O   1 
HETATM 1188 O  O   . HOH F 6 .   ? 10.263  7.810   -8.371  1.000 17.254 0  651 HOH A O   1 
HETATM 1189 O  O   . HOH F 6 .   ? -13.186 -1.091  -1.087  1.000 28.820 0  652 HOH A O   1 
HETATM 1190 O  O   . HOH F 6 .   ? 13.345  -0.895  18.694  1.000 30.183 0  653 HOH A O   1 
HETATM 1191 O  O   . HOH F 6 .   ? -3.845  -8.951  -20.994 1.000 29.790 0  654 HOH A O   1 
HETATM 1192 O  O   . HOH F 6 .   ? 13.565  0.509   10.062  1.000 28.302 0  655 HOH A O   1 
HETATM 1193 O  O   . HOH F 6 .   ? -12.785 3.744   12.430  1.000 32.378 0  656 HOH A O   1 
HETATM 1194 O  O   . HOH F 6 .   ? -4.375  16.424  10.342  1.000 37.340 0  657 HOH A O   1 
HETATM 1195 O  O   . HOH F 6 .   ? -14.538 4.525   -1.325  1.000 42.207 0  658 HOH A O   1 
HETATM 1196 O  O   . HOH F 6 .   ? 5.895   18.682  0.783   1.000 36.659 0  659 HOH A O   1 
HETATM 1197 O  O   . HOH F 6 .   ? -6.270  14.978  8.978   1.000 27.991 0  660 HOH A O   1 
# 
loop_
_pdbx_poly_seq_scheme.asym_id 
_pdbx_poly_seq_scheme.entity_id 
_pdbx_poly_seq_scheme.seq_id 
_pdbx_poly_seq_scheme.mon_id 
_pdbx_poly_seq_scheme.ndb_seq_num 
_pdbx_poly_seq_scheme.pdb_seq_num 
_pdbx_poly_seq_scheme.auth_seq_num 
_pdbx_poly_seq_scheme.pdb_mon_id 
_pdbx_poly_seq_scheme.auth_mon_id 
_pdbx_poly_seq_scheme.pdb_strand_id 
_pdbx_poly_seq_scheme.pdb_ins_code 
_pdbx_poly_seq_scheme.hetero 
A 1 1   MET 1   -7  ?   ?   ?   A . n 
A 1 2   ASN 2   -6  ?   ?   ?   A . n 
A 1 3   HIS 3   -5  ?   ?   ?   A . n 
A 1 4   LYS 4   -4  ?   ?   ?   A . n 
A 1 5   VAL 5   -3  ?   ?   ?   A . n 
A 1 6   HIS 6   -2  -2  HIS HIS A . n 
A 1 7   MET 7   -1  -1  MET MET A . n 
A 1 8   GLN 8   188 188 GLN GLN A . n 
A 1 9   TYR 9   189 189 TYR TYR A . n 
A 1 10  ASP 10  190 190 ASP ASP A . n 
A 1 11  ILE 11  191 191 ILE ILE A . n 
A 1 12  VAL 12  192 192 VAL VAL A . n 
A 1 13  ALA 13  193 193 ALA ALA A . n 
A 1 14  VAL 14  194 194 VAL VAL A . n 
A 1 15  THR 15  195 195 THR THR A . n 
A 1 16  ALA 16  196 196 ALA ALA A . n 
A 1 17  SER 17  197 197 SER SER A . n 
A 1 18  ALA 18  198 198 ALA ALA A . n 
A 1 19  HIS 19  199 199 HIS HIS A . n 
A 1 20  ASP 20  200 200 ASP ASP A . n 
A 1 21  GLY 21  201 201 GLY GLY A . n 
A 1 22  ASN 22  202 202 ASN ASN A . n 
A 1 23  LEU 23  203 203 LEU LEU A . n 
A 1 24  PRO 24  204 204 PRO PRO A . n 
A 1 25  GLU 25  205 205 GLU GLU A . n 
A 1 26  ASN 26  206 206 ASN ASN A . n 
A 1 27  THR 27  207 207 THR THR A . n 
A 1 28  ILE 28  208 208 ILE ILE A . n 
A 1 29  ASP 29  209 209 ASP ASP A . n 
A 1 30  GLY 30  210 210 GLY GLY A . n 
A 1 31  ASN 31  211 211 ASN ASN A . n 
A 1 32  LEU 32  212 212 LEU LEU A . n 
A 1 33  SER 33  213 213 SER SER A . n 
A 1 34  THR 34  214 214 THR THR A . n 
A 1 35  ARG 35  215 215 ARG ARG A . n 
A 1 36  TRP 36  216 216 TRP TRP A . n 
A 1 37  SER 37  217 217 SER SER A . n 
A 1 38  ALA 38  218 218 ALA ALA A . n 
A 1 39  ASN 39  219 219 ASN ASN A . n 
A 1 40  GLY 40  220 220 GLY GLY A . n 
A 1 41  SER 41  221 221 SER SER A . n 
A 1 42  GLY 42  222 222 GLY GLY A . n 
A 1 43  GLN 43  223 223 GLN GLN A . n 
A 1 44  TYR 44  224 224 TYR TYR A . n 
A 1 45  ILE 45  225 225 ILE ILE A . n 
A 1 46  THR 46  226 226 THR THR A . n 
A 1 47  PHE 47  227 227 PHE PHE A . n 
A 1 48  ASP 48  228 228 ASP ASP A . n 
A 1 49  LEU 49  229 229 LEU LEU A . n 
A 1 50  GLY 50  230 230 GLY GLY A . n 
A 1 51  SER 51  231 231 SER SER A . n 
A 1 52  ALA 52  232 232 ALA ALA A . n 
A 1 53  LYS 53  233 233 LYS LYS A . n 
A 1 54  THR 54  234 234 THR THR A . n 
A 1 55  VAL 55  235 235 VAL VAL A . n 
A 1 56  ASN 56  236 236 ASN ASN A . n 
A 1 57  GLN 57  237 237 GLN GLN A . n 
A 1 58  VAL 58  238 238 VAL VAL A . n 
A 1 59  LYS 59  239 239 LYS LYS A . n 
A 1 60  ALA 60  240 240 ALA ALA A . n 
A 1 61  ALA 61  241 241 ALA ALA A . n 
A 1 62  TRP 62  242 242 TRP TRP A . n 
A 1 63  TYR 63  243 243 TYR TYR A . n 
A 1 64  ASN 64  244 244 ASN ASN A . n 
A 1 65  GLY 65  245 245 GLY GLY A . n 
A 1 66  ASP 66  246 246 ASP ASP A . n 
A 1 67  SER 67  247 247 SER SER A . n 
A 1 68  ARG 68  248 248 ARG ARG A . n 
A 1 69  THR 69  249 249 THR THR A . n 
A 1 70  SER 70  250 250 SER SER A . n 
A 1 71  GLY 71  251 251 GLY GLY A . n 
A 1 72  PHE 72  252 252 PHE PHE A . n 
A 1 73  SER 73  253 253 SER SER A . n 
A 1 74  ILE 74  254 254 ILE ILE A . n 
A 1 75  SER 75  255 255 SER SER A . n 
A 1 76  LEU 76  256 256 LEU LEU A . n 
A 1 77  GLY 77  257 257 GLY GLY A . n 
A 1 78  SER 78  258 258 SER SER A . n 
A 1 79  ASP 79  259 259 ASP ASP A . n 
A 1 80  PRO 80  260 260 PRO PRO A . n 
A 1 81  ALA 81  261 261 ALA ALA A . n 
A 1 82  SER 82  262 262 SER SER A . n 
A 1 83  LEU 83  263 263 LEU LEU A . n 
A 1 84  THR 84  264 264 THR THR A . n 
A 1 85  GLU 85  265 265 GLU GLU A . n 
A 1 86  VAL 86  266 266 VAL VAL A . n 
A 1 87  TYR 87  267 267 TYR TYR A . n 
A 1 88  SER 88  268 268 SER SER A . n 
A 1 89  GLY 89  269 269 GLY GLY A . n 
A 1 90  THR 90  270 270 THR THR A . n 
A 1 91  SER 91  271 271 SER SER A . n 
A 1 92  SER 92  272 272 SER SER A . n 
A 1 93  GLY 93  273 273 GLY GLY A . n 
A 1 94  GLN 94  274 274 GLN GLN A . n 
A 1 95  THR 95  275 275 THR THR A . n 
A 1 96  ASN 96  276 276 ASN ASN A . n 
A 1 97  ALA 97  277 277 ALA ALA A . n 
A 1 98  LEU 98  278 278 LEU LEU A . n 
A 1 99  GLU 99  279 279 GLU GLU A . n 
A 1 100 SER 100 280 280 SER SER A . n 
A 1 101 TYR 101 281 281 TYR TYR A . n 
A 1 102 SER 102 282 282 SER SER A . n 
A 1 103 PHE 103 283 283 PHE PHE A . n 
A 1 104 THR 104 284 284 THR THR A . n 
A 1 105 ALA 105 285 285 ALA ALA A . n 
A 1 106 THR 106 286 286 THR THR A . n 
A 1 107 THR 107 287 287 THR THR A . n 
A 1 108 ALA 108 288 288 ALA ALA A . n 
A 1 109 ARG 109 289 289 ARG ARG A . n 
A 1 110 TYR 110 290 290 TYR TYR A . n 
A 1 111 ILE 111 291 291 ILE ILE A . n 
A 1 112 ARG 112 292 292 ARG ARG A . n 
A 1 113 ILE 113 293 293 ILE ILE A . n 
A 1 114 THR 114 294 294 THR THR A . n 
A 1 115 GLY 115 295 295 GLY GLY A . n 
A 1 116 PHE 116 296 296 PHE PHE A . n 
A 1 117 GLY 117 297 297 GLY GLY A . n 
A 1 118 ASN 118 298 298 ASN ASN A . n 
A 1 119 SER 119 299 299 SER SER A . n 
A 1 120 SER 120 300 300 SER SER A . n 
A 1 121 ASN 121 301 301 ASN ASN A . n 
A 1 122 THR 122 302 302 THR THR A . n 
A 1 123 TRP 123 303 303 TRP TRP A . n 
A 1 124 ASN 124 304 304 ASN ASN A . n 
A 1 125 SER 125 305 305 SER SER A . n 
A 1 126 ILE 126 306 306 ILE ILE A . n 
A 1 127 THR 127 307 307 THR THR A . n 
A 1 128 GLU 128 308 308 GLU GLU A . n 
A 1 129 VAL 129 309 309 VAL VAL A . n 
A 1 130 ALA 130 310 310 ALA ALA A . n 
A 1 131 ILE 131 311 311 ILE ILE A . n 
A 1 132 PHE 132 312 312 PHE PHE A . n 
A 1 133 HIS 133 313 313 HIS HIS A . n 
A 1 134 ALA 134 314 314 ALA ALA A . n 
A 1 135 GLY 135 315 ?   ?   ?   A . n 
A 1 136 GLU 136 316 ?   ?   ?   A . n 
A 1 137 GLU 137 317 ?   ?   ?   A . n 
A 1 138 GLY 138 318 ?   ?   ?   A . n 
A 1 139 ASP 139 319 ?   ?   ?   A . n 
A 1 140 GLY 140 320 ?   ?   ?   A . n 
A 1 141 ASN 141 321 ?   ?   ?   A . n 
A 1 142 GLU 142 322 ?   ?   ?   A . n 
A 1 143 GLU 143 323 ?   ?   ?   A . n 
A 1 144 HIS 144 324 ?   ?   ?   A . n 
A 1 145 HIS 145 325 ?   ?   ?   A . n 
A 1 146 HIS 146 326 ?   ?   ?   A . n 
A 1 147 HIS 147 327 ?   ?   ?   A . n 
A 1 148 HIS 148 328 ?   ?   ?   A . n 
A 1 149 HIS 149 329 ?   ?   ?   A . n 
# 
loop_
_pdbx_nonpoly_scheme.asym_id 
_pdbx_nonpoly_scheme.entity_id 
_pdbx_nonpoly_scheme.mon_id 
_pdbx_nonpoly_scheme.ndb_seq_num 
_pdbx_nonpoly_scheme.pdb_seq_num 
_pdbx_nonpoly_scheme.auth_seq_num 
_pdbx_nonpoly_scheme.pdb_mon_id 
_pdbx_nonpoly_scheme.auth_mon_id 
_pdbx_nonpoly_scheme.pdb_strand_id 
_pdbx_nonpoly_scheme.pdb_ins_code 
C 3 CA  1   401 1   CA  CA  A . 
D 4 PG4 1   402 1   PG4 PG4 A . 
E 5 NA  1   403 1   NA  NA  A . 
F 6 HOH 1   501 206 HOH HOH A . 
F 6 HOH 2   502 11  HOH HOH A . 
F 6 HOH 3   503 58  HOH HOH A . 
F 6 HOH 4   504 173 HOH HOH A . 
F 6 HOH 5   505 88  HOH HOH A . 
F 6 HOH 6   506 95  HOH HOH A . 
F 6 HOH 7   507 186 HOH HOH A . 
F 6 HOH 8   508 196 HOH HOH A . 
F 6 HOH 9   509 201 HOH HOH A . 
F 6 HOH 10  510 177 HOH HOH A . 
F 6 HOH 11  511 113 HOH HOH A . 
F 6 HOH 12  512 69  HOH HOH A . 
F 6 HOH 13  513 151 HOH HOH A . 
F 6 HOH 14  514 96  HOH HOH A . 
F 6 HOH 15  515 149 HOH HOH A . 
F 6 HOH 16  516 46  HOH HOH A . 
F 6 HOH 17  517 37  HOH HOH A . 
F 6 HOH 18  518 43  HOH HOH A . 
F 6 HOH 19  519 30  HOH HOH A . 
F 6 HOH 20  520 119 HOH HOH A . 
F 6 HOH 21  521 178 HOH HOH A . 
F 6 HOH 22  522 83  HOH HOH A . 
F 6 HOH 23  523 106 HOH HOH A . 
F 6 HOH 24  524 127 HOH HOH A . 
F 6 HOH 25  525 136 HOH HOH A . 
F 6 HOH 26  526 6   HOH HOH A . 
F 6 HOH 27  527 7   HOH HOH A . 
F 6 HOH 28  528 48  HOH HOH A . 
F 6 HOH 29  529 8   HOH HOH A . 
F 6 HOH 30  530 162 HOH HOH A . 
F 6 HOH 31  531 42  HOH HOH A . 
F 6 HOH 32  532 128 HOH HOH A . 
F 6 HOH 33  533 1   HOH HOH A . 
F 6 HOH 34  534 101 HOH HOH A . 
F 6 HOH 35  535 2   HOH HOH A . 
F 6 HOH 36  536 5   HOH HOH A . 
F 6 HOH 37  537 19  HOH HOH A . 
F 6 HOH 38  538 14  HOH HOH A . 
F 6 HOH 39  539 3   HOH HOH A . 
F 6 HOH 40  540 70  HOH HOH A . 
F 6 HOH 41  541 44  HOH HOH A . 
F 6 HOH 42  542 60  HOH HOH A . 
F 6 HOH 43  543 204 HOH HOH A . 
F 6 HOH 44  544 16  HOH HOH A . 
F 6 HOH 45  545 163 HOH HOH A . 
F 6 HOH 46  546 203 HOH HOH A . 
F 6 HOH 47  547 15  HOH HOH A . 
F 6 HOH 48  548 146 HOH HOH A . 
F 6 HOH 49  549 98  HOH HOH A . 
F 6 HOH 50  550 73  HOH HOH A . 
F 6 HOH 51  551 20  HOH HOH A . 
F 6 HOH 52  552 59  HOH HOH A . 
F 6 HOH 53  553 24  HOH HOH A . 
F 6 HOH 54  554 205 HOH HOH A . 
F 6 HOH 55  555 102 HOH HOH A . 
F 6 HOH 56  556 45  HOH HOH A . 
F 6 HOH 57  557 185 HOH HOH A . 
F 6 HOH 58  558 12  HOH HOH A . 
F 6 HOH 59  559 94  HOH HOH A . 
F 6 HOH 60  560 202 HOH HOH A . 
F 6 HOH 61  561 174 HOH HOH A . 
F 6 HOH 62  562 86  HOH HOH A . 
F 6 HOH 63  563 61  HOH HOH A . 
F 6 HOH 64  564 198 HOH HOH A . 
F 6 HOH 65  565 91  HOH HOH A . 
F 6 HOH 66  566 99  HOH HOH A . 
F 6 HOH 67  567 114 HOH HOH A . 
F 6 HOH 68  568 77  HOH HOH A . 
F 6 HOH 69  569 50  HOH HOH A . 
F 6 HOH 70  570 9   HOH HOH A . 
F 6 HOH 71  571 199 HOH HOH A . 
F 6 HOH 72  572 47  HOH HOH A . 
F 6 HOH 73  573 125 HOH HOH A . 
F 6 HOH 74  574 156 HOH HOH A . 
F 6 HOH 75  575 4   HOH HOH A . 
F 6 HOH 76  576 200 HOH HOH A . 
F 6 HOH 77  577 25  HOH HOH A . 
F 6 HOH 78  578 103 HOH HOH A . 
F 6 HOH 79  579 84  HOH HOH A . 
F 6 HOH 80  580 38  HOH HOH A . 
F 6 HOH 81  581 40  HOH HOH A . 
F 6 HOH 82  582 26  HOH HOH A . 
F 6 HOH 83  583 97  HOH HOH A . 
F 6 HOH 84  584 90  HOH HOH A . 
F 6 HOH 85  585 80  HOH HOH A . 
F 6 HOH 86  586 31  HOH HOH A . 
F 6 HOH 87  587 93  HOH HOH A . 
F 6 HOH 88  588 53  HOH HOH A . 
F 6 HOH 89  589 22  HOH HOH A . 
F 6 HOH 90  590 142 HOH HOH A . 
F 6 HOH 91  591 51  HOH HOH A . 
F 6 HOH 92  592 170 HOH HOH A . 
F 6 HOH 93  593 191 HOH HOH A . 
F 6 HOH 94  594 74  HOH HOH A . 
F 6 HOH 95  595 35  HOH HOH A . 
F 6 HOH 96  596 57  HOH HOH A . 
F 6 HOH 97  597 36  HOH HOH A . 
F 6 HOH 98  598 85  HOH HOH A . 
F 6 HOH 99  599 81  HOH HOH A . 
F 6 HOH 100 600 76  HOH HOH A . 
F 6 HOH 101 601 27  HOH HOH A . 
F 6 HOH 102 602 32  HOH HOH A . 
F 6 HOH 103 603 21  HOH HOH A . 
F 6 HOH 104 604 171 HOH HOH A . 
F 6 HOH 105 605 29  HOH HOH A . 
F 6 HOH 106 606 41  HOH HOH A . 
F 6 HOH 107 607 67  HOH HOH A . 
F 6 HOH 108 608 49  HOH HOH A . 
F 6 HOH 109 609 82  HOH HOH A . 
F 6 HOH 110 610 147 HOH HOH A . 
F 6 HOH 111 611 66  HOH HOH A . 
F 6 HOH 112 612 17  HOH HOH A . 
F 6 HOH 113 613 132 HOH HOH A . 
F 6 HOH 114 614 79  HOH HOH A . 
F 6 HOH 115 615 65  HOH HOH A . 
F 6 HOH 116 616 193 HOH HOH A . 
F 6 HOH 117 617 121 HOH HOH A . 
F 6 HOH 118 618 126 HOH HOH A . 
F 6 HOH 119 619 169 HOH HOH A . 
F 6 HOH 120 620 110 HOH HOH A . 
F 6 HOH 121 621 150 HOH HOH A . 
F 6 HOH 122 622 176 HOH HOH A . 
F 6 HOH 123 623 56  HOH HOH A . 
F 6 HOH 124 624 117 HOH HOH A . 
F 6 HOH 125 625 71  HOH HOH A . 
F 6 HOH 126 626 175 HOH HOH A . 
F 6 HOH 127 627 138 HOH HOH A . 
F 6 HOH 128 628 197 HOH HOH A . 
F 6 HOH 129 629 87  HOH HOH A . 
F 6 HOH 130 630 63  HOH HOH A . 
F 6 HOH 131 631 129 HOH HOH A . 
F 6 HOH 132 632 131 HOH HOH A . 
F 6 HOH 133 633 181 HOH HOH A . 
F 6 HOH 134 634 78  HOH HOH A . 
F 6 HOH 135 635 122 HOH HOH A . 
F 6 HOH 136 636 134 HOH HOH A . 
F 6 HOH 137 637 144 HOH HOH A . 
F 6 HOH 138 638 39  HOH HOH A . 
F 6 HOH 139 639 172 HOH HOH A . 
F 6 HOH 140 640 28  HOH HOH A . 
F 6 HOH 141 641 165 HOH HOH A . 
F 6 HOH 142 642 109 HOH HOH A . 
F 6 HOH 143 643 68  HOH HOH A . 
F 6 HOH 144 644 111 HOH HOH A . 
F 6 HOH 145 645 157 HOH HOH A . 
F 6 HOH 146 646 55  HOH HOH A . 
F 6 HOH 147 647 159 HOH HOH A . 
F 6 HOH 148 648 154 HOH HOH A . 
F 6 HOH 149 649 184 HOH HOH A . 
F 6 HOH 150 650 62  HOH HOH A . 
F 6 HOH 151 651 118 HOH HOH A . 
F 6 HOH 152 652 89  HOH HOH A . 
F 6 HOH 153 653 135 HOH HOH A . 
F 6 HOH 154 654 167 HOH HOH A . 
F 6 HOH 155 655 148 HOH HOH A . 
F 6 HOH 156 656 143 HOH HOH A . 
F 6 HOH 157 657 140 HOH HOH A . 
F 6 HOH 158 658 161 HOH HOH A . 
F 6 HOH 159 659 158 HOH HOH A . 
F 6 HOH 160 660 120 HOH HOH A . 
# 
_pdbx_struct_assembly.id                   1 
_pdbx_struct_assembly.details              author_and_software_defined_assembly 
_pdbx_struct_assembly.method_details       PISA 
_pdbx_struct_assembly.oligomeric_details   monomeric 
_pdbx_struct_assembly.oligomeric_count     1 
# 
_pdbx_struct_assembly_gen.assembly_id       1 
_pdbx_struct_assembly_gen.oper_expression   1 
_pdbx_struct_assembly_gen.asym_id_list      A,B,C,D,E,F 
# 
loop_
_pdbx_struct_assembly_prop.biol_id 
_pdbx_struct_assembly_prop.type 
_pdbx_struct_assembly_prop.value 
_pdbx_struct_assembly_prop.details 
1 'ABSA (A^2)' 700  ? 
1 MORE         -4   ? 
1 'SSA (A^2)'  5870 ? 
# 
_pdbx_struct_oper_list.id                   1 
_pdbx_struct_oper_list.type                 'identity operation' 
_pdbx_struct_oper_list.name                 1_555 
_pdbx_struct_oper_list.symmetry_operation   x,y,z 
_pdbx_struct_oper_list.matrix[1][1]         1.0000000000 
_pdbx_struct_oper_list.matrix[1][2]         0.0000000000 
_pdbx_struct_oper_list.matrix[1][3]         0.0000000000 
_pdbx_struct_oper_list.vector[1]            0.0000000000 
_pdbx_struct_oper_list.matrix[2][1]         0.0000000000 
_pdbx_struct_oper_list.matrix[2][2]         1.0000000000 
_pdbx_struct_oper_list.matrix[2][3]         0.0000000000 
_pdbx_struct_oper_list.vector[2]            0.0000000000 
_pdbx_struct_oper_list.matrix[3][1]         0.0000000000 
_pdbx_struct_oper_list.matrix[3][2]         0.0000000000 
_pdbx_struct_oper_list.matrix[3][3]         1.0000000000 
_pdbx_struct_oper_list.vector[3]            0.0000000000 
# 
loop_
_pdbx_struct_conn_angle.id 
_pdbx_struct_conn_angle.ptnr1_label_atom_id 
_pdbx_struct_conn_angle.ptnr1_label_alt_id 
_pdbx_struct_conn_angle.ptnr1_label_asym_id 
_pdbx_struct_conn_angle.ptnr1_label_comp_id 
_pdbx_struct_conn_angle.ptnr1_label_seq_id 
_pdbx_struct_conn_angle.ptnr1_auth_atom_id 
_pdbx_struct_conn_angle.ptnr1_auth_asym_id 
_pdbx_struct_conn_angle.ptnr1_auth_comp_id 
_pdbx_struct_conn_angle.ptnr1_auth_seq_id 
_pdbx_struct_conn_angle.ptnr1_PDB_ins_code 
_pdbx_struct_conn_angle.ptnr1_symmetry 
_pdbx_struct_conn_angle.ptnr2_label_atom_id 
_pdbx_struct_conn_angle.ptnr2_label_alt_id 
_pdbx_struct_conn_angle.ptnr2_label_asym_id 
_pdbx_struct_conn_angle.ptnr2_label_comp_id 
_pdbx_struct_conn_angle.ptnr2_label_seq_id 
_pdbx_struct_conn_angle.ptnr2_auth_atom_id 
_pdbx_struct_conn_angle.ptnr2_auth_asym_id 
_pdbx_struct_conn_angle.ptnr2_auth_comp_id 
_pdbx_struct_conn_angle.ptnr2_auth_seq_id 
_pdbx_struct_conn_angle.ptnr2_PDB_ins_code 
_pdbx_struct_conn_angle.ptnr2_symmetry 
_pdbx_struct_conn_angle.ptnr3_label_atom_id 
_pdbx_struct_conn_angle.ptnr3_label_alt_id 
_pdbx_struct_conn_angle.ptnr3_label_asym_id 
_pdbx_struct_conn_angle.ptnr3_label_comp_id 
_pdbx_struct_conn_angle.ptnr3_label_seq_id 
_pdbx_struct_conn_angle.ptnr3_auth_atom_id 
_pdbx_struct_conn_angle.ptnr3_auth_asym_id 
_pdbx_struct_conn_angle.ptnr3_auth_comp_id 
_pdbx_struct_conn_angle.ptnr3_auth_seq_id 
_pdbx_struct_conn_angle.ptnr3_PDB_ins_code 
_pdbx_struct_conn_angle.ptnr3_symmetry 
_pdbx_struct_conn_angle.value 
_pdbx_struct_conn_angle.value_esd 
1  O   ? A ASN 26  ? A ASN 206 ? 1_555 CA ? C CA . ? A CA 401 ? 1_555 OD1 ? A ASP 29  ? A ASP 209 ? 1_555 77.9  ? 
2  O   ? A ASN 26  ? A ASN 206 ? 1_555 CA ? C CA . ? A CA 401 ? 1_555 O   ? A ASN 31  ? A ASN 211 ? 1_555 170.3 ? 
3  OD1 ? A ASP 29  ? A ASP 209 ? 1_555 CA ? C CA . ? A CA 401 ? 1_555 O   ? A ASN 31  ? A ASN 211 ? 1_555 92.5  ? 
4  O   ? A ASN 26  ? A ASN 206 ? 1_555 CA ? C CA . ? A CA 401 ? 1_555 O   ? A THR 34  ? A THR 214 ? 1_555 101.7 ? 
5  OD1 ? A ASP 29  ? A ASP 209 ? 1_555 CA ? C CA . ? A CA 401 ? 1_555 O   ? A THR 34  ? A THR 214 ? 1_555 143.9 ? 
6  O   ? A ASN 31  ? A ASN 211 ? 1_555 CA ? C CA . ? A CA 401 ? 1_555 O   ? A THR 34  ? A THR 214 ? 1_555 85.1  ? 
7  O   ? A ASN 26  ? A ASN 206 ? 1_555 CA ? C CA . ? A CA 401 ? 1_555 OG1 ? A THR 34  ? A THR 214 ? 1_555 92.3  ? 
8  OD1 ? A ASP 29  ? A ASP 209 ? 1_555 CA ? C CA . ? A CA 401 ? 1_555 OG1 ? A THR 34  ? A THR 214 ? 1_555 73.8  ? 
9  O   ? A ASN 31  ? A ASN 211 ? 1_555 CA ? C CA . ? A CA 401 ? 1_555 OG1 ? A THR 34  ? A THR 214 ? 1_555 83.4  ? 
10 O   ? A THR 34  ? A THR 214 ? 1_555 CA ? C CA . ? A CA 401 ? 1_555 OG1 ? A THR 34  ? A THR 214 ? 1_555 70.2  ? 
11 O   ? A ASN 26  ? A ASN 206 ? 1_555 CA ? C CA . ? A CA 401 ? 1_555 O   ? A THR 127 ? A THR 307 ? 1_555 85.3  ? 
12 OD1 ? A ASP 29  ? A ASP 209 ? 1_555 CA ? C CA . ? A CA 401 ? 1_555 O   ? A THR 127 ? A THR 307 ? 1_555 138.6 ? 
13 O   ? A ASN 31  ? A ASN 211 ? 1_555 CA ? C CA . ? A CA 401 ? 1_555 O   ? A THR 127 ? A THR 307 ? 1_555 103.2 ? 
14 O   ? A THR 34  ? A THR 214 ? 1_555 CA ? C CA . ? A CA 401 ? 1_555 O   ? A THR 127 ? A THR 307 ? 1_555 76.3  ? 
15 OG1 ? A THR 34  ? A THR 214 ? 1_555 CA ? C CA . ? A CA 401 ? 1_555 O   ? A THR 127 ? A THR 307 ? 1_555 145.1 ? 
16 O   ? A ASN 26  ? A ASN 206 ? 1_555 CA ? C CA . ? A CA 401 ? 1_555 OE2 ? A GLU 128 ? A GLU 308 ? 1_555 89.2  ? 
17 OD1 ? A ASP 29  ? A ASP 209 ? 1_555 CA ? C CA . ? A CA 401 ? 1_555 OE2 ? A GLU 128 ? A GLU 308 ? 1_555 68.7  ? 
18 O   ? A ASN 31  ? A ASN 211 ? 1_555 CA ? C CA . ? A CA 401 ? 1_555 OE2 ? A GLU 128 ? A GLU 308 ? 1_555 88.7  ? 
19 O   ? A THR 34  ? A THR 214 ? 1_555 CA ? C CA . ? A CA 401 ? 1_555 OE2 ? A GLU 128 ? A GLU 308 ? 1_555 146.9 ? 
20 OG1 ? A THR 34  ? A THR 214 ? 1_555 CA ? C CA . ? A CA 401 ? 1_555 OE2 ? A GLU 128 ? A GLU 308 ? 1_555 141.3 ? 
21 O   ? A THR 127 ? A THR 307 ? 1_555 CA ? C CA . ? A CA 401 ? 1_555 OE2 ? A GLU 128 ? A GLU 308 ? 1_555 73.6  ? 
22 O   ? F HOH .   ? A HOH 604 ? 1_555 NA ? E NA . ? A NA 403 ? 1_555 O   ? F HOH .   ? A HOH 660 ? 1_555 77.2  ? 
# 
loop_
_pdbx_audit_revision_history.ordinal 
_pdbx_audit_revision_history.data_content_type 
_pdbx_audit_revision_history.major_revision 
_pdbx_audit_revision_history.minor_revision 
_pdbx_audit_revision_history.revision_date 
1 'Structure model' 1 0 2020-12-30 
2 'Structure model' 1 1 2023-11-29 
# 
_pdbx_audit_revision_details.ordinal             1 
_pdbx_audit_revision_details.revision_ordinal    1 
_pdbx_audit_revision_details.data_content_type   'Structure model' 
_pdbx_audit_revision_details.provider            repository 
_pdbx_audit_revision_details.type                'Initial release' 
_pdbx_audit_revision_details.description         ? 
_pdbx_audit_revision_details.details             ? 
# 
loop_
_pdbx_audit_revision_group.ordinal 
_pdbx_audit_revision_group.revision_ordinal 
_pdbx_audit_revision_group.data_content_type 
_pdbx_audit_revision_group.group 
1 2 'Structure model' 'Data collection'        
2 2 'Structure model' 'Database references'    
3 2 'Structure model' 'Derived calculations'   
4 2 'Structure model' 'Refinement description' 
# 
loop_
_pdbx_audit_revision_category.ordinal 
_pdbx_audit_revision_category.revision_ordinal 
_pdbx_audit_revision_category.data_content_type 
_pdbx_audit_revision_category.category 
1 2 'Structure model' atom_type                     
2 2 'Structure model' chem_comp_atom                
3 2 'Structure model' chem_comp_bond                
4 2 'Structure model' database_2                    
5 2 'Structure model' pdbx_initial_refinement_model 
# 
loop_
_pdbx_audit_revision_item.ordinal 
_pdbx_audit_revision_item.revision_ordinal 
_pdbx_audit_revision_item.data_content_type 
_pdbx_audit_revision_item.item 
1 2 'Structure model' '_atom_type.pdbx_N_electrons'         
2 2 'Structure model' '_atom_type.pdbx_scat_Z'              
3 2 'Structure model' '_database_2.pdbx_DOI'                
4 2 'Structure model' '_database_2.pdbx_database_accession' 
# 
loop_
_software.citation_id 
_software.classification 
_software.compiler_name 
_software.compiler_version 
_software.contact_author 
_software.contact_author_email 
_software.date 
_software.description 
_software.dependencies 
_software.hardware 
_software.language 
_software.location 
_software.mods 
_software.name 
_software.os 
_software.os_version 
_software.type 
_software.version 
_software.pdbx_ordinal 
? refinement       ? ? ? ? ? ? ? ? ? ? ? REFMAC       ? ? ? 5.8.0267 1 
? 'data reduction' ? ? ? ? ? ? ? ? ? ? ? CrystalClear ? ? ? .        2 
? 'data scaling'   ? ? ? ? ? ? ? ? ? ? ? CrystalClear ? ? ? .        3 
? phasing          ? ? ? ? ? ? ? ? ? ? ? MOLREP       ? ? ? .        4 
# 
_pdbx_entry_details.entry_id                 7D2A 
_pdbx_entry_details.has_ligand_of_interest   Y 
_pdbx_entry_details.compound_details         ? 
_pdbx_entry_details.source_details           ? 
_pdbx_entry_details.nonpolymer_details       ? 
_pdbx_entry_details.sequence_details         ? 
# 
_pdbx_validate_torsion.id              1 
_pdbx_validate_torsion.PDB_model_num   1 
_pdbx_validate_torsion.auth_comp_id    SER 
_pdbx_validate_torsion.auth_asym_id    A 
_pdbx_validate_torsion.auth_seq_id     262 
_pdbx_validate_torsion.PDB_ins_code    ? 
_pdbx_validate_torsion.label_alt_id    ? 
_pdbx_validate_torsion.phi             -147.28 
_pdbx_validate_torsion.psi             47.04 
# 
loop_
_pdbx_unobs_or_zero_occ_residues.id 
_pdbx_unobs_or_zero_occ_residues.PDB_model_num 
_pdbx_unobs_or_zero_occ_residues.polymer_flag 
_pdbx_unobs_or_zero_occ_residues.occupancy_flag 
_pdbx_unobs_or_zero_occ_residues.auth_asym_id 
_pdbx_unobs_or_zero_occ_residues.auth_comp_id 
_pdbx_unobs_or_zero_occ_residues.auth_seq_id 
_pdbx_unobs_or_zero_occ_residues.PDB_ins_code 
_pdbx_unobs_or_zero_occ_residues.label_asym_id 
_pdbx_unobs_or_zero_occ_residues.label_comp_id 
_pdbx_unobs_or_zero_occ_residues.label_seq_id 
1  1 Y 1 A MET -7  ? A MET 1   
2  1 Y 1 A ASN -6  ? A ASN 2   
3  1 Y 1 A HIS -5  ? A HIS 3   
4  1 Y 1 A LYS -4  ? A LYS 4   
5  1 Y 1 A VAL -3  ? A VAL 5   
6  1 Y 1 A GLY 315 ? A GLY 135 
7  1 Y 1 A GLU 316 ? A GLU 136 
8  1 Y 1 A GLU 317 ? A GLU 137 
9  1 Y 1 A GLY 318 ? A GLY 138 
10 1 Y 1 A ASP 319 ? A ASP 139 
11 1 Y 1 A GLY 320 ? A GLY 140 
12 1 Y 1 A ASN 321 ? A ASN 141 
13 1 Y 1 A GLU 322 ? A GLU 142 
14 1 Y 1 A GLU 323 ? A GLU 143 
15 1 Y 1 A HIS 324 ? A HIS 144 
16 1 Y 1 A HIS 325 ? A HIS 145 
17 1 Y 1 A HIS 326 ? A HIS 146 
18 1 Y 1 A HIS 327 ? A HIS 147 
19 1 Y 1 A HIS 328 ? A HIS 148 
20 1 Y 1 A HIS 329 ? A HIS 149 
# 
loop_
_chem_comp_atom.comp_id 
_chem_comp_atom.atom_id 
_chem_comp_atom.type_symbol 
_chem_comp_atom.pdbx_aromatic_flag 
_chem_comp_atom.pdbx_stereo_config 
_chem_comp_atom.pdbx_ordinal 
ALA N    N  N N 1   
ALA CA   C  N S 2   
ALA C    C  N N 3   
ALA O    O  N N 4   
ALA CB   C  N N 5   
ALA OXT  O  N N 6   
ALA H    H  N N 7   
ALA H2   H  N N 8   
ALA HA   H  N N 9   
ALA HB1  H  N N 10  
ALA HB2  H  N N 11  
ALA HB3  H  N N 12  
ALA HXT  H  N N 13  
ARG N    N  N N 14  
ARG CA   C  N S 15  
ARG C    C  N N 16  
ARG O    O  N N 17  
ARG CB   C  N N 18  
ARG CG   C  N N 19  
ARG CD   C  N N 20  
ARG NE   N  N N 21  
ARG CZ   C  N N 22  
ARG NH1  N  N N 23  
ARG NH2  N  N N 24  
ARG OXT  O  N N 25  
ARG H    H  N N 26  
ARG H2   H  N N 27  
ARG HA   H  N N 28  
ARG HB2  H  N N 29  
ARG HB3  H  N N 30  
ARG HG2  H  N N 31  
ARG HG3  H  N N 32  
ARG HD2  H  N N 33  
ARG HD3  H  N N 34  
ARG HE   H  N N 35  
ARG HH11 H  N N 36  
ARG HH12 H  N N 37  
ARG HH21 H  N N 38  
ARG HH22 H  N N 39  
ARG HXT  H  N N 40  
ASN N    N  N N 41  
ASN CA   C  N S 42  
ASN C    C  N N 43  
ASN O    O  N N 44  
ASN CB   C  N N 45  
ASN CG   C  N N 46  
ASN OD1  O  N N 47  
ASN ND2  N  N N 48  
ASN OXT  O  N N 49  
ASN H    H  N N 50  
ASN H2   H  N N 51  
ASN HA   H  N N 52  
ASN HB2  H  N N 53  
ASN HB3  H  N N 54  
ASN HD21 H  N N 55  
ASN HD22 H  N N 56  
ASN HXT  H  N N 57  
ASP N    N  N N 58  
ASP CA   C  N S 59  
ASP C    C  N N 60  
ASP O    O  N N 61  
ASP CB   C  N N 62  
ASP CG   C  N N 63  
ASP OD1  O  N N 64  
ASP OD2  O  N N 65  
ASP OXT  O  N N 66  
ASP H    H  N N 67  
ASP H2   H  N N 68  
ASP HA   H  N N 69  
ASP HB2  H  N N 70  
ASP HB3  H  N N 71  
ASP HD2  H  N N 72  
ASP HXT  H  N N 73  
CA  CA   CA N N 74  
GLN N    N  N N 75  
GLN CA   C  N S 76  
GLN C    C  N N 77  
GLN O    O  N N 78  
GLN CB   C  N N 79  
GLN CG   C  N N 80  
GLN CD   C  N N 81  
GLN OE1  O  N N 82  
GLN NE2  N  N N 83  
GLN OXT  O  N N 84  
GLN H    H  N N 85  
GLN H2   H  N N 86  
GLN HA   H  N N 87  
GLN HB2  H  N N 88  
GLN HB3  H  N N 89  
GLN HG2  H  N N 90  
GLN HG3  H  N N 91  
GLN HE21 H  N N 92  
GLN HE22 H  N N 93  
GLN HXT  H  N N 94  
GLU N    N  N N 95  
GLU CA   C  N S 96  
GLU C    C  N N 97  
GLU O    O  N N 98  
GLU CB   C  N N 99  
GLU CG   C  N N 100 
GLU CD   C  N N 101 
GLU OE1  O  N N 102 
GLU OE2  O  N N 103 
GLU OXT  O  N N 104 
GLU H    H  N N 105 
GLU H2   H  N N 106 
GLU HA   H  N N 107 
GLU HB2  H  N N 108 
GLU HB3  H  N N 109 
GLU HG2  H  N N 110 
GLU HG3  H  N N 111 
GLU HE2  H  N N 112 
GLU HXT  H  N N 113 
GLY N    N  N N 114 
GLY CA   C  N N 115 
GLY C    C  N N 116 
GLY O    O  N N 117 
GLY OXT  O  N N 118 
GLY H    H  N N 119 
GLY H2   H  N N 120 
GLY HA2  H  N N 121 
GLY HA3  H  N N 122 
GLY HXT  H  N N 123 
HIS N    N  N N 124 
HIS CA   C  N S 125 
HIS C    C  N N 126 
HIS O    O  N N 127 
HIS CB   C  N N 128 
HIS CG   C  Y N 129 
HIS ND1  N  Y N 130 
HIS CD2  C  Y N 131 
HIS CE1  C  Y N 132 
HIS NE2  N  Y N 133 
HIS OXT  O  N N 134 
HIS H    H  N N 135 
HIS H2   H  N N 136 
HIS HA   H  N N 137 
HIS HB2  H  N N 138 
HIS HB3  H  N N 139 
HIS HD1  H  N N 140 
HIS HD2  H  N N 141 
HIS HE1  H  N N 142 
HIS HE2  H  N N 143 
HIS HXT  H  N N 144 
HOH O    O  N N 145 
HOH H1   H  N N 146 
HOH H2   H  N N 147 
ILE N    N  N N 148 
ILE CA   C  N S 149 
ILE C    C  N N 150 
ILE O    O  N N 151 
ILE CB   C  N S 152 
ILE CG1  C  N N 153 
ILE CG2  C  N N 154 
ILE CD1  C  N N 155 
ILE OXT  O  N N 156 
ILE H    H  N N 157 
ILE H2   H  N N 158 
ILE HA   H  N N 159 
ILE HB   H  N N 160 
ILE HG12 H  N N 161 
ILE HG13 H  N N 162 
ILE HG21 H  N N 163 
ILE HG22 H  N N 164 
ILE HG23 H  N N 165 
ILE HD11 H  N N 166 
ILE HD12 H  N N 167 
ILE HD13 H  N N 168 
ILE HXT  H  N N 169 
LEU N    N  N N 170 
LEU CA   C  N S 171 
LEU C    C  N N 172 
LEU O    O  N N 173 
LEU CB   C  N N 174 
LEU CG   C  N N 175 
LEU CD1  C  N N 176 
LEU CD2  C  N N 177 
LEU OXT  O  N N 178 
LEU H    H  N N 179 
LEU H2   H  N N 180 
LEU HA   H  N N 181 
LEU HB2  H  N N 182 
LEU HB3  H  N N 183 
LEU HG   H  N N 184 
LEU HD11 H  N N 185 
LEU HD12 H  N N 186 
LEU HD13 H  N N 187 
LEU HD21 H  N N 188 
LEU HD22 H  N N 189 
LEU HD23 H  N N 190 
LEU HXT  H  N N 191 
LGU C1   C  N R 192 
LGU C2   C  N S 193 
LGU O2   O  N N 194 
LGU C3   C  N S 195 
LGU O3   O  N N 196 
LGU C4   C  N S 197 
LGU O4   O  N N 198 
LGU C5   C  N R 199 
LGU O5   O  N N 200 
LGU C6   C  N N 201 
LGU O6B  O  N N 202 
LGU O6A  O  N N 203 
LGU O1   O  N N 204 
LGU H1   H  N N 205 
LGU H2   H  N N 206 
LGU HO2  H  N N 207 
LGU H3   H  N N 208 
LGU HO3  H  N N 209 
LGU H4   H  N N 210 
LGU HO4  H  N N 211 
LGU H5   H  N N 212 
LGU HO6B H  N N 213 
LGU HO1  H  N N 214 
LYS N    N  N N 215 
LYS CA   C  N S 216 
LYS C    C  N N 217 
LYS O    O  N N 218 
LYS CB   C  N N 219 
LYS CG   C  N N 220 
LYS CD   C  N N 221 
LYS CE   C  N N 222 
LYS NZ   N  N N 223 
LYS OXT  O  N N 224 
LYS H    H  N N 225 
LYS H2   H  N N 226 
LYS HA   H  N N 227 
LYS HB2  H  N N 228 
LYS HB3  H  N N 229 
LYS HG2  H  N N 230 
LYS HG3  H  N N 231 
LYS HD2  H  N N 232 
LYS HD3  H  N N 233 
LYS HE2  H  N N 234 
LYS HE3  H  N N 235 
LYS HZ1  H  N N 236 
LYS HZ2  H  N N 237 
LYS HZ3  H  N N 238 
LYS HXT  H  N N 239 
MAW O1   O  N N 240 
MAW C1   C  N R 241 
MAW C2   C  N S 242 
MAW O2   O  N N 243 
MAW C3   C  N S 244 
MAW O3   O  N N 245 
MAW C4   C  N N 246 
MAW C5   C  N N 247 
MAW O5   O  N N 248 
MAW C6   C  N N 249 
MAW O6A  O  N N 250 
MAW O6B  O  N N 251 
MAW H1   H  N N 252 
MAW H2   H  N N 253 
MAW HO2  H  N N 254 
MAW H3   H  N N 255 
MAW HO3  H  N N 256 
MAW H4   H  N N 257 
MAW HO1  H  N N 258 
MAW HO6B H  N N 259 
MET N    N  N N 260 
MET CA   C  N S 261 
MET C    C  N N 262 
MET O    O  N N 263 
MET CB   C  N N 264 
MET CG   C  N N 265 
MET SD   S  N N 266 
MET CE   C  N N 267 
MET OXT  O  N N 268 
MET H    H  N N 269 
MET H2   H  N N 270 
MET HA   H  N N 271 
MET HB2  H  N N 272 
MET HB3  H  N N 273 
MET HG2  H  N N 274 
MET HG3  H  N N 275 
MET HE1  H  N N 276 
MET HE2  H  N N 277 
MET HE3  H  N N 278 
MET HXT  H  N N 279 
NA  NA   NA N N 280 
PG4 O1   O  N N 281 
PG4 C1   C  N N 282 
PG4 C2   C  N N 283 
PG4 O2   O  N N 284 
PG4 C3   C  N N 285 
PG4 C4   C  N N 286 
PG4 O3   O  N N 287 
PG4 C5   C  N N 288 
PG4 C6   C  N N 289 
PG4 O4   O  N N 290 
PG4 C7   C  N N 291 
PG4 C8   C  N N 292 
PG4 O5   O  N N 293 
PG4 HO1  H  N N 294 
PG4 H11  H  N N 295 
PG4 H12  H  N N 296 
PG4 H21  H  N N 297 
PG4 H22  H  N N 298 
PG4 H31  H  N N 299 
PG4 H32  H  N N 300 
PG4 H41  H  N N 301 
PG4 H42  H  N N 302 
PG4 H51  H  N N 303 
PG4 H52  H  N N 304 
PG4 H61  H  N N 305 
PG4 H62  H  N N 306 
PG4 H71  H  N N 307 
PG4 H72  H  N N 308 
PG4 H81  H  N N 309 
PG4 H82  H  N N 310 
PG4 HO5  H  N N 311 
PHE N    N  N N 312 
PHE CA   C  N S 313 
PHE C    C  N N 314 
PHE O    O  N N 315 
PHE CB   C  N N 316 
PHE CG   C  Y N 317 
PHE CD1  C  Y N 318 
PHE CD2  C  Y N 319 
PHE CE1  C  Y N 320 
PHE CE2  C  Y N 321 
PHE CZ   C  Y N 322 
PHE OXT  O  N N 323 
PHE H    H  N N 324 
PHE H2   H  N N 325 
PHE HA   H  N N 326 
PHE HB2  H  N N 327 
PHE HB3  H  N N 328 
PHE HD1  H  N N 329 
PHE HD2  H  N N 330 
PHE HE1  H  N N 331 
PHE HE2  H  N N 332 
PHE HZ   H  N N 333 
PHE HXT  H  N N 334 
PRO N    N  N N 335 
PRO CA   C  N S 336 
PRO C    C  N N 337 
PRO O    O  N N 338 
PRO CB   C  N N 339 
PRO CG   C  N N 340 
PRO CD   C  N N 341 
PRO OXT  O  N N 342 
PRO H    H  N N 343 
PRO HA   H  N N 344 
PRO HB2  H  N N 345 
PRO HB3  H  N N 346 
PRO HG2  H  N N 347 
PRO HG3  H  N N 348 
PRO HD2  H  N N 349 
PRO HD3  H  N N 350 
PRO HXT  H  N N 351 
SER N    N  N N 352 
SER CA   C  N S 353 
SER C    C  N N 354 
SER O    O  N N 355 
SER CB   C  N N 356 
SER OG   O  N N 357 
SER OXT  O  N N 358 
SER H    H  N N 359 
SER H2   H  N N 360 
SER HA   H  N N 361 
SER HB2  H  N N 362 
SER HB3  H  N N 363 
SER HG   H  N N 364 
SER HXT  H  N N 365 
THR N    N  N N 366 
THR CA   C  N S 367 
THR C    C  N N 368 
THR O    O  N N 369 
THR CB   C  N R 370 
THR OG1  O  N N 371 
THR CG2  C  N N 372 
THR OXT  O  N N 373 
THR H    H  N N 374 
THR H2   H  N N 375 
THR HA   H  N N 376 
THR HB   H  N N 377 
THR HG1  H  N N 378 
THR HG21 H  N N 379 
THR HG22 H  N N 380 
THR HG23 H  N N 381 
THR HXT  H  N N 382 
TRP N    N  N N 383 
TRP CA   C  N S 384 
TRP C    C  N N 385 
TRP O    O  N N 386 
TRP CB   C  N N 387 
TRP CG   C  Y N 388 
TRP CD1  C  Y N 389 
TRP CD2  C  Y N 390 
TRP NE1  N  Y N 391 
TRP CE2  C  Y N 392 
TRP CE3  C  Y N 393 
TRP CZ2  C  Y N 394 
TRP CZ3  C  Y N 395 
TRP CH2  C  Y N 396 
TRP OXT  O  N N 397 
TRP H    H  N N 398 
TRP H2   H  N N 399 
TRP HA   H  N N 400 
TRP HB2  H  N N 401 
TRP HB3  H  N N 402 
TRP HD1  H  N N 403 
TRP HE1  H  N N 404 
TRP HE3  H  N N 405 
TRP HZ2  H  N N 406 
TRP HZ3  H  N N 407 
TRP HH2  H  N N 408 
TRP HXT  H  N N 409 
TYR N    N  N N 410 
TYR CA   C  N S 411 
TYR C    C  N N 412 
TYR O    O  N N 413 
TYR CB   C  N N 414 
TYR CG   C  Y N 415 
TYR CD1  C  Y N 416 
TYR CD2  C  Y N 417 
TYR CE1  C  Y N 418 
TYR CE2  C  Y N 419 
TYR CZ   C  Y N 420 
TYR OH   O  N N 421 
TYR OXT  O  N N 422 
TYR H    H  N N 423 
TYR H2   H  N N 424 
TYR HA   H  N N 425 
TYR HB2  H  N N 426 
TYR HB3  H  N N 427 
TYR HD1  H  N N 428 
TYR HD2  H  N N 429 
TYR HE1  H  N N 430 
TYR HE2  H  N N 431 
TYR HH   H  N N 432 
TYR HXT  H  N N 433 
VAL N    N  N N 434 
VAL CA   C  N S 435 
VAL C    C  N N 436 
VAL O    O  N N 437 
VAL CB   C  N N 438 
VAL CG1  C  N N 439 
VAL CG2  C  N N 440 
VAL OXT  O  N N 441 
VAL H    H  N N 442 
VAL H2   H  N N 443 
VAL HA   H  N N 444 
VAL HB   H  N N 445 
VAL HG11 H  N N 446 
VAL HG12 H  N N 447 
VAL HG13 H  N N 448 
VAL HG21 H  N N 449 
VAL HG22 H  N N 450 
VAL HG23 H  N N 451 
VAL HXT  H  N N 452 
# 
loop_
_chem_comp_bond.comp_id 
_chem_comp_bond.atom_id_1 
_chem_comp_bond.atom_id_2 
_chem_comp_bond.value_order 
_chem_comp_bond.pdbx_aromatic_flag 
_chem_comp_bond.pdbx_stereo_config 
_chem_comp_bond.pdbx_ordinal 
ALA N   CA   sing N N 1   
ALA N   H    sing N N 2   
ALA N   H2   sing N N 3   
ALA CA  C    sing N N 4   
ALA CA  CB   sing N N 5   
ALA CA  HA   sing N N 6   
ALA C   O    doub N N 7   
ALA C   OXT  sing N N 8   
ALA CB  HB1  sing N N 9   
ALA CB  HB2  sing N N 10  
ALA CB  HB3  sing N N 11  
ALA OXT HXT  sing N N 12  
ARG N   CA   sing N N 13  
ARG N   H    sing N N 14  
ARG N   H2   sing N N 15  
ARG CA  C    sing N N 16  
ARG CA  CB   sing N N 17  
ARG CA  HA   sing N N 18  
ARG C   O    doub N N 19  
ARG C   OXT  sing N N 20  
ARG CB  CG   sing N N 21  
ARG CB  HB2  sing N N 22  
ARG CB  HB3  sing N N 23  
ARG CG  CD   sing N N 24  
ARG CG  HG2  sing N N 25  
ARG CG  HG3  sing N N 26  
ARG CD  NE   sing N N 27  
ARG CD  HD2  sing N N 28  
ARG CD  HD3  sing N N 29  
ARG NE  CZ   sing N N 30  
ARG NE  HE   sing N N 31  
ARG CZ  NH1  sing N N 32  
ARG CZ  NH2  doub N N 33  
ARG NH1 HH11 sing N N 34  
ARG NH1 HH12 sing N N 35  
ARG NH2 HH21 sing N N 36  
ARG NH2 HH22 sing N N 37  
ARG OXT HXT  sing N N 38  
ASN N   CA   sing N N 39  
ASN N   H    sing N N 40  
ASN N   H2   sing N N 41  
ASN CA  C    sing N N 42  
ASN CA  CB   sing N N 43  
ASN CA  HA   sing N N 44  
ASN C   O    doub N N 45  
ASN C   OXT  sing N N 46  
ASN CB  CG   sing N N 47  
ASN CB  HB2  sing N N 48  
ASN CB  HB3  sing N N 49  
ASN CG  OD1  doub N N 50  
ASN CG  ND2  sing N N 51  
ASN ND2 HD21 sing N N 52  
ASN ND2 HD22 sing N N 53  
ASN OXT HXT  sing N N 54  
ASP N   CA   sing N N 55  
ASP N   H    sing N N 56  
ASP N   H2   sing N N 57  
ASP CA  C    sing N N 58  
ASP CA  CB   sing N N 59  
ASP CA  HA   sing N N 60  
ASP C   O    doub N N 61  
ASP C   OXT  sing N N 62  
ASP CB  CG   sing N N 63  
ASP CB  HB2  sing N N 64  
ASP CB  HB3  sing N N 65  
ASP CG  OD1  doub N N 66  
ASP CG  OD2  sing N N 67  
ASP OD2 HD2  sing N N 68  
ASP OXT HXT  sing N N 69  
GLN N   CA   sing N N 70  
GLN N   H    sing N N 71  
GLN N   H2   sing N N 72  
GLN CA  C    sing N N 73  
GLN CA  CB   sing N N 74  
GLN CA  HA   sing N N 75  
GLN C   O    doub N N 76  
GLN C   OXT  sing N N 77  
GLN CB  CG   sing N N 78  
GLN CB  HB2  sing N N 79  
GLN CB  HB3  sing N N 80  
GLN CG  CD   sing N N 81  
GLN CG  HG2  sing N N 82  
GLN CG  HG3  sing N N 83  
GLN CD  OE1  doub N N 84  
GLN CD  NE2  sing N N 85  
GLN NE2 HE21 sing N N 86  
GLN NE2 HE22 sing N N 87  
GLN OXT HXT  sing N N 88  
GLU N   CA   sing N N 89  
GLU N   H    sing N N 90  
GLU N   H2   sing N N 91  
GLU CA  C    sing N N 92  
GLU CA  CB   sing N N 93  
GLU CA  HA   sing N N 94  
GLU C   O    doub N N 95  
GLU C   OXT  sing N N 96  
GLU CB  CG   sing N N 97  
GLU CB  HB2  sing N N 98  
GLU CB  HB3  sing N N 99  
GLU CG  CD   sing N N 100 
GLU CG  HG2  sing N N 101 
GLU CG  HG3  sing N N 102 
GLU CD  OE1  doub N N 103 
GLU CD  OE2  sing N N 104 
GLU OE2 HE2  sing N N 105 
GLU OXT HXT  sing N N 106 
GLY N   CA   sing N N 107 
GLY N   H    sing N N 108 
GLY N   H2   sing N N 109 
GLY CA  C    sing N N 110 
GLY CA  HA2  sing N N 111 
GLY CA  HA3  sing N N 112 
GLY C   O    doub N N 113 
GLY C   OXT  sing N N 114 
GLY OXT HXT  sing N N 115 
HIS N   CA   sing N N 116 
HIS N   H    sing N N 117 
HIS N   H2   sing N N 118 
HIS CA  C    sing N N 119 
HIS CA  CB   sing N N 120 
HIS CA  HA   sing N N 121 
HIS C   O    doub N N 122 
HIS C   OXT  sing N N 123 
HIS CB  CG   sing N N 124 
HIS CB  HB2  sing N N 125 
HIS CB  HB3  sing N N 126 
HIS CG  ND1  sing Y N 127 
HIS CG  CD2  doub Y N 128 
HIS ND1 CE1  doub Y N 129 
HIS ND1 HD1  sing N N 130 
HIS CD2 NE2  sing Y N 131 
HIS CD2 HD2  sing N N 132 
HIS CE1 NE2  sing Y N 133 
HIS CE1 HE1  sing N N 134 
HIS NE2 HE2  sing N N 135 
HIS OXT HXT  sing N N 136 
HOH O   H1   sing N N 137 
HOH O   H2   sing N N 138 
ILE N   CA   sing N N 139 
ILE N   H    sing N N 140 
ILE N   H2   sing N N 141 
ILE CA  C    sing N N 142 
ILE CA  CB   sing N N 143 
ILE CA  HA   sing N N 144 
ILE C   O    doub N N 145 
ILE C   OXT  sing N N 146 
ILE CB  CG1  sing N N 147 
ILE CB  CG2  sing N N 148 
ILE CB  HB   sing N N 149 
ILE CG1 CD1  sing N N 150 
ILE CG1 HG12 sing N N 151 
ILE CG1 HG13 sing N N 152 
ILE CG2 HG21 sing N N 153 
ILE CG2 HG22 sing N N 154 
ILE CG2 HG23 sing N N 155 
ILE CD1 HD11 sing N N 156 
ILE CD1 HD12 sing N N 157 
ILE CD1 HD13 sing N N 158 
ILE OXT HXT  sing N N 159 
LEU N   CA   sing N N 160 
LEU N   H    sing N N 161 
LEU N   H2   sing N N 162 
LEU CA  C    sing N N 163 
LEU CA  CB   sing N N 164 
LEU CA  HA   sing N N 165 
LEU C   O    doub N N 166 
LEU C   OXT  sing N N 167 
LEU CB  CG   sing N N 168 
LEU CB  HB2  sing N N 169 
LEU CB  HB3  sing N N 170 
LEU CG  CD1  sing N N 171 
LEU CG  CD2  sing N N 172 
LEU CG  HG   sing N N 173 
LEU CD1 HD11 sing N N 174 
LEU CD1 HD12 sing N N 175 
LEU CD1 HD13 sing N N 176 
LEU CD2 HD21 sing N N 177 
LEU CD2 HD22 sing N N 178 
LEU CD2 HD23 sing N N 179 
LEU OXT HXT  sing N N 180 
LGU C1  C2   sing N N 181 
LGU C1  O5   sing N N 182 
LGU C1  O1   sing N N 183 
LGU C1  H1   sing N N 184 
LGU C2  O2   sing N N 185 
LGU C2  C3   sing N N 186 
LGU C2  H2   sing N N 187 
LGU O2  HO2  sing N N 188 
LGU C3  O3   sing N N 189 
LGU C3  C4   sing N N 190 
LGU C3  H3   sing N N 191 
LGU O3  HO3  sing N N 192 
LGU C4  O4   sing N N 193 
LGU C4  C5   sing N N 194 
LGU C4  H4   sing N N 195 
LGU O4  HO4  sing N N 196 
LGU C5  O5   sing N N 197 
LGU C5  C6   sing N N 198 
LGU C5  H5   sing N N 199 
LGU C6  O6B  sing N N 200 
LGU C6  O6A  doub N N 201 
LGU O6B HO6B sing N N 202 
LGU O1  HO1  sing N N 203 
LYS N   CA   sing N N 204 
LYS N   H    sing N N 205 
LYS N   H2   sing N N 206 
LYS CA  C    sing N N 207 
LYS CA  CB   sing N N 208 
LYS CA  HA   sing N N 209 
LYS C   O    doub N N 210 
LYS C   OXT  sing N N 211 
LYS CB  CG   sing N N 212 
LYS CB  HB2  sing N N 213 
LYS CB  HB3  sing N N 214 
LYS CG  CD   sing N N 215 
LYS CG  HG2  sing N N 216 
LYS CG  HG3  sing N N 217 
LYS CD  CE   sing N N 218 
LYS CD  HD2  sing N N 219 
LYS CD  HD3  sing N N 220 
LYS CE  NZ   sing N N 221 
LYS CE  HE2  sing N N 222 
LYS CE  HE3  sing N N 223 
LYS NZ  HZ1  sing N N 224 
LYS NZ  HZ2  sing N N 225 
LYS NZ  HZ3  sing N N 226 
LYS OXT HXT  sing N N 227 
MAW O1  C1   sing N N 228 
MAW C1  C2   sing N N 229 
MAW C1  O5   sing N N 230 
MAW C1  H1   sing N N 231 
MAW C2  O2   sing N N 232 
MAW C2  C3   sing N N 233 
MAW C2  H2   sing N N 234 
MAW O2  HO2  sing N N 235 
MAW C3  O3   sing N N 236 
MAW C3  C4   sing N N 237 
MAW C3  H3   sing N N 238 
MAW O3  HO3  sing N N 239 
MAW C4  C5   doub N N 240 
MAW C4  H4   sing N N 241 
MAW C5  O5   sing N N 242 
MAW C5  C6   sing N N 243 
MAW C6  O6A  doub N N 244 
MAW C6  O6B  sing N N 245 
MAW O1  HO1  sing N N 246 
MAW O6B HO6B sing N N 247 
MET N   CA   sing N N 248 
MET N   H    sing N N 249 
MET N   H2   sing N N 250 
MET CA  C    sing N N 251 
MET CA  CB   sing N N 252 
MET CA  HA   sing N N 253 
MET C   O    doub N N 254 
MET C   OXT  sing N N 255 
MET CB  CG   sing N N 256 
MET CB  HB2  sing N N 257 
MET CB  HB3  sing N N 258 
MET CG  SD   sing N N 259 
MET CG  HG2  sing N N 260 
MET CG  HG3  sing N N 261 
MET SD  CE   sing N N 262 
MET CE  HE1  sing N N 263 
MET CE  HE2  sing N N 264 
MET CE  HE3  sing N N 265 
MET OXT HXT  sing N N 266 
PG4 O1  C1   sing N N 267 
PG4 O1  HO1  sing N N 268 
PG4 C1  C2   sing N N 269 
PG4 C1  H11  sing N N 270 
PG4 C1  H12  sing N N 271 
PG4 C2  O2   sing N N 272 
PG4 C2  H21  sing N N 273 
PG4 C2  H22  sing N N 274 
PG4 O2  C3   sing N N 275 
PG4 C3  C4   sing N N 276 
PG4 C3  H31  sing N N 277 
PG4 C3  H32  sing N N 278 
PG4 C4  O3   sing N N 279 
PG4 C4  H41  sing N N 280 
PG4 C4  H42  sing N N 281 
PG4 O3  C5   sing N N 282 
PG4 C5  C6   sing N N 283 
PG4 C5  H51  sing N N 284 
PG4 C5  H52  sing N N 285 
PG4 C6  O4   sing N N 286 
PG4 C6  H61  sing N N 287 
PG4 C6  H62  sing N N 288 
PG4 O4  C7   sing N N 289 
PG4 C7  C8   sing N N 290 
PG4 C7  H71  sing N N 291 
PG4 C7  H72  sing N N 292 
PG4 C8  O5   sing N N 293 
PG4 C8  H81  sing N N 294 
PG4 C8  H82  sing N N 295 
PG4 O5  HO5  sing N N 296 
PHE N   CA   sing N N 297 
PHE N   H    sing N N 298 
PHE N   H2   sing N N 299 
PHE CA  C    sing N N 300 
PHE CA  CB   sing N N 301 
PHE CA  HA   sing N N 302 
PHE C   O    doub N N 303 
PHE C   OXT  sing N N 304 
PHE CB  CG   sing N N 305 
PHE CB  HB2  sing N N 306 
PHE CB  HB3  sing N N 307 
PHE CG  CD1  doub Y N 308 
PHE CG  CD2  sing Y N 309 
PHE CD1 CE1  sing Y N 310 
PHE CD1 HD1  sing N N 311 
PHE CD2 CE2  doub Y N 312 
PHE CD2 HD2  sing N N 313 
PHE CE1 CZ   doub Y N 314 
PHE CE1 HE1  sing N N 315 
PHE CE2 CZ   sing Y N 316 
PHE CE2 HE2  sing N N 317 
PHE CZ  HZ   sing N N 318 
PHE OXT HXT  sing N N 319 
PRO N   CA   sing N N 320 
PRO N   CD   sing N N 321 
PRO N   H    sing N N 322 
PRO CA  C    sing N N 323 
PRO CA  CB   sing N N 324 
PRO CA  HA   sing N N 325 
PRO C   O    doub N N 326 
PRO C   OXT  sing N N 327 
PRO CB  CG   sing N N 328 
PRO CB  HB2  sing N N 329 
PRO CB  HB3  sing N N 330 
PRO CG  CD   sing N N 331 
PRO CG  HG2  sing N N 332 
PRO CG  HG3  sing N N 333 
PRO CD  HD2  sing N N 334 
PRO CD  HD3  sing N N 335 
PRO OXT HXT  sing N N 336 
SER N   CA   sing N N 337 
SER N   H    sing N N 338 
SER N   H2   sing N N 339 
SER CA  C    sing N N 340 
SER CA  CB   sing N N 341 
SER CA  HA   sing N N 342 
SER C   O    doub N N 343 
SER C   OXT  sing N N 344 
SER CB  OG   sing N N 345 
SER CB  HB2  sing N N 346 
SER CB  HB3  sing N N 347 
SER OG  HG   sing N N 348 
SER OXT HXT  sing N N 349 
THR N   CA   sing N N 350 
THR N   H    sing N N 351 
THR N   H2   sing N N 352 
THR CA  C    sing N N 353 
THR CA  CB   sing N N 354 
THR CA  HA   sing N N 355 
THR C   O    doub N N 356 
THR C   OXT  sing N N 357 
THR CB  OG1  sing N N 358 
THR CB  CG2  sing N N 359 
THR CB  HB   sing N N 360 
THR OG1 HG1  sing N N 361 
THR CG2 HG21 sing N N 362 
THR CG2 HG22 sing N N 363 
THR CG2 HG23 sing N N 364 
THR OXT HXT  sing N N 365 
TRP N   CA   sing N N 366 
TRP N   H    sing N N 367 
TRP N   H2   sing N N 368 
TRP CA  C    sing N N 369 
TRP CA  CB   sing N N 370 
TRP CA  HA   sing N N 371 
TRP C   O    doub N N 372 
TRP C   OXT  sing N N 373 
TRP CB  CG   sing N N 374 
TRP CB  HB2  sing N N 375 
TRP CB  HB3  sing N N 376 
TRP CG  CD1  doub Y N 377 
TRP CG  CD2  sing Y N 378 
TRP CD1 NE1  sing Y N 379 
TRP CD1 HD1  sing N N 380 
TRP CD2 CE2  doub Y N 381 
TRP CD2 CE3  sing Y N 382 
TRP NE1 CE2  sing Y N 383 
TRP NE1 HE1  sing N N 384 
TRP CE2 CZ2  sing Y N 385 
TRP CE3 CZ3  doub Y N 386 
TRP CE3 HE3  sing N N 387 
TRP CZ2 CH2  doub Y N 388 
TRP CZ2 HZ2  sing N N 389 
TRP CZ3 CH2  sing Y N 390 
TRP CZ3 HZ3  sing N N 391 
TRP CH2 HH2  sing N N 392 
TRP OXT HXT  sing N N 393 
TYR N   CA   sing N N 394 
TYR N   H    sing N N 395 
TYR N   H2   sing N N 396 
TYR CA  C    sing N N 397 
TYR CA  CB   sing N N 398 
TYR CA  HA   sing N N 399 
TYR C   O    doub N N 400 
TYR C   OXT  sing N N 401 
TYR CB  CG   sing N N 402 
TYR CB  HB2  sing N N 403 
TYR CB  HB3  sing N N 404 
TYR CG  CD1  doub Y N 405 
TYR CG  CD2  sing Y N 406 
TYR CD1 CE1  sing Y N 407 
TYR CD1 HD1  sing N N 408 
TYR CD2 CE2  doub Y N 409 
TYR CD2 HD2  sing N N 410 
TYR CE1 CZ   doub Y N 411 
TYR CE1 HE1  sing N N 412 
TYR CE2 CZ   sing Y N 413 
TYR CE2 HE2  sing N N 414 
TYR CZ  OH   sing N N 415 
TYR OH  HH   sing N N 416 
TYR OXT HXT  sing N N 417 
VAL N   CA   sing N N 418 
VAL N   H    sing N N 419 
VAL N   H2   sing N N 420 
VAL CA  C    sing N N 421 
VAL CA  CB   sing N N 422 
VAL CA  HA   sing N N 423 
VAL C   O    doub N N 424 
VAL C   OXT  sing N N 425 
VAL CB  CG1  sing N N 426 
VAL CB  CG2  sing N N 427 
VAL CB  HB   sing N N 428 
VAL CG1 HG11 sing N N 429 
VAL CG1 HG12 sing N N 430 
VAL CG1 HG13 sing N N 431 
VAL CG2 HG21 sing N N 432 
VAL CG2 HG22 sing N N 433 
VAL CG2 HG23 sing N N 434 
VAL OXT HXT  sing N N 435 
# 
_pdbx_audit_support.funding_organization   'Other government' 
_pdbx_audit_support.country                Malaysia 
_pdbx_audit_support.grant_number           ? 
_pdbx_audit_support.ordinal                1 
# 
loop_
_pdbx_branch_scheme.asym_id 
_pdbx_branch_scheme.entity_id 
_pdbx_branch_scheme.mon_id 
_pdbx_branch_scheme.num 
_pdbx_branch_scheme.pdb_asym_id 
_pdbx_branch_scheme.pdb_mon_id 
_pdbx_branch_scheme.pdb_seq_num 
_pdbx_branch_scheme.auth_asym_id 
_pdbx_branch_scheme.auth_mon_id 
_pdbx_branch_scheme.auth_seq_num 
_pdbx_branch_scheme.hetero 
B 2 LGU 1 C LGU 1 C LGU 1 n 
B 2 MAW 2 C MAW 2 C MAW 2 n 
# 
loop_
_pdbx_chem_comp_identifier.comp_id 
_pdbx_chem_comp_identifier.type 
_pdbx_chem_comp_identifier.program 
_pdbx_chem_comp_identifier.program_version 
_pdbx_chem_comp_identifier.identifier 
LGU 'CONDENSED IUPAC CARBOHYDRATE SYMBOL' GMML     1.0 LGulpAa                    
LGU 'COMMON NAME'                         GMML     1.0 'a-L-gulopyranuronic acid' 
LGU 'IUPAC CARBOHYDRATE SYMBOL'           PDB-CARE 1.0 a-L-GulpA                  
LGU 'SNFG CARBOHYDRATE SYMBOL'            GMML     1.0 GulA                       
# 
_pdbx_entity_branch.entity_id   2 
_pdbx_entity_branch.type        oligosaccharide 
# 
loop_
_pdbx_entity_branch_descriptor.ordinal 
_pdbx_entity_branch_descriptor.entity_id 
_pdbx_entity_branch_descriptor.descriptor 
_pdbx_entity_branch_descriptor.type 
_pdbx_entity_branch_descriptor.program 
_pdbx_entity_branch_descriptor.program_version 
1 2 'WURCS=2.0/2,2,1/[a1121A-1a_1-5][a11eEA-1a_1-5]/1-2/a4-b1' WURCS  PDB2Glycan 1.1.0 
2 2 '[][a-L-GulpA]{[(4+1)][a-L-4-deoxy-AllpA]{}}'              LINUCS PDB-CARE   ?     
# 
_pdbx_entity_branch_link.link_id                    1 
_pdbx_entity_branch_link.entity_id                  2 
_pdbx_entity_branch_link.entity_branch_list_num_1   2 
_pdbx_entity_branch_link.comp_id_1                  MAW 
_pdbx_entity_branch_link.atom_id_1                  C1 
_pdbx_entity_branch_link.leaving_atom_id_1          O1 
_pdbx_entity_branch_link.entity_branch_list_num_2   1 
_pdbx_entity_branch_link.comp_id_2                  LGU 
_pdbx_entity_branch_link.atom_id_2                  O4 
_pdbx_entity_branch_link.leaving_atom_id_2          HO4 
_pdbx_entity_branch_link.value_order                sing 
_pdbx_entity_branch_link.details                    ? 
# 
loop_
_pdbx_entity_branch_list.entity_id 
_pdbx_entity_branch_list.comp_id 
_pdbx_entity_branch_list.num 
_pdbx_entity_branch_list.hetero 
2 LGU 1 n 
2 MAW 2 n 
# 
_pdbx_entity_instance_feature.ordinal        1 
_pdbx_entity_instance_feature.comp_id        MAW 
_pdbx_entity_instance_feature.asym_id        ? 
_pdbx_entity_instance_feature.seq_num        ? 
_pdbx_entity_instance_feature.auth_comp_id   MAW 
_pdbx_entity_instance_feature.auth_asym_id   ? 
_pdbx_entity_instance_feature.auth_seq_num   ? 
_pdbx_entity_instance_feature.feature_type   'SUBJECT OF INVESTIGATION' 
_pdbx_entity_instance_feature.details        ? 
# 
loop_
_pdbx_entity_nonpoly.entity_id 
_pdbx_entity_nonpoly.name 
_pdbx_entity_nonpoly.comp_id 
3 'CALCIUM ION'          CA  
4 'TETRAETHYLENE GLYCOL' PG4 
5 'SODIUM ION'           NA  
6 water                  HOH 
# 
_pdbx_initial_refinement_model.id               1 
_pdbx_initial_refinement_model.entity_id_list   ? 
_pdbx_initial_refinement_model.type             'experimental model' 
_pdbx_initial_refinement_model.source_name      PDB 
_pdbx_initial_refinement_model.accession_code   5XNR 
_pdbx_initial_refinement_model.details          ? 
# 
_pdbx_struct_assembly_auth_evidence.id                     1 
_pdbx_struct_assembly_auth_evidence.assembly_id            1 
_pdbx_struct_assembly_auth_evidence.experimental_support   'gel filtration' 
_pdbx_struct_assembly_auth_evidence.details                ? 
# 
